data_5PBA
# 
_entry.id   5PBA 
# 
_audit_conform.dict_name       mmcif_pdbx.dic 
_audit_conform.dict_version    5.387 
_audit_conform.dict_location   http://mmcif.pdb.org/dictionaries/ascii/mmcif_pdbx.dic 
# 
loop_
_database_2.database_id 
_database_2.database_code 
_database_2.pdbx_database_accession 
_database_2.pdbx_DOI 
PDB   5PBA         pdb_00005pba 10.2210/pdb5pba/pdb 
WWPDB D_1001400446 ?            ?                   
# 
loop_
_pdbx_audit_revision_history.ordinal 
_pdbx_audit_revision_history.data_content_type 
_pdbx_audit_revision_history.major_revision 
_pdbx_audit_revision_history.minor_revision 
_pdbx_audit_revision_history.revision_date 
1 'Structure model' 1 0 2017-03-15 
2 'Structure model' 1 1 2017-09-27 
3 'Structure model' 1 2 2017-10-04 
4 'Structure model' 1 3 2024-03-06 
# 
_pdbx_audit_revision_details.ordinal             1 
_pdbx_audit_revision_details.revision_ordinal    1 
_pdbx_audit_revision_details.data_content_type   'Structure model' 
_pdbx_audit_revision_details.provider            repository 
_pdbx_audit_revision_details.type                'Initial release' 
_pdbx_audit_revision_details.description         ? 
_pdbx_audit_revision_details.details             ? 
# 
loop_
_pdbx_audit_revision_group.ordinal 
_pdbx_audit_revision_group.revision_ordinal 
_pdbx_audit_revision_group.data_content_type 
_pdbx_audit_revision_group.group 
1 2 'Structure model' 'Data collection'     
2 2 'Structure model' 'Database references' 
3 2 'Structure model' 'Structure summary'   
4 3 'Structure model' 'Structure summary'   
5 4 'Structure model' 'Data collection'     
6 4 'Structure model' 'Database references' 
# 
loop_
_pdbx_audit_revision_category.ordinal 
_pdbx_audit_revision_category.revision_ordinal 
_pdbx_audit_revision_category.data_content_type 
_pdbx_audit_revision_category.category 
1 2 'Structure model' citation           
2 2 'Structure model' citation_author    
3 2 'Structure model' diffrn_source      
4 2 'Structure model' pdbx_deposit_group 
5 3 'Structure model' pdbx_deposit_group 
6 4 'Structure model' chem_comp_atom     
7 4 'Structure model' chem_comp_bond     
8 4 'Structure model' database_2         
# 
loop_
_pdbx_audit_revision_item.ordinal 
_pdbx_audit_revision_item.revision_ordinal 
_pdbx_audit_revision_item.data_content_type 
_pdbx_audit_revision_item.item 
1  2 'Structure model' '_citation.journal_volume'             
2  2 'Structure model' '_citation.page_first'                 
3  2 'Structure model' '_citation.page_last'                  
4  2 'Structure model' '_citation.pdbx_database_id_DOI'       
5  2 'Structure model' '_citation.pdbx_database_id_PubMed'    
6  2 'Structure model' '_citation.title'                      
7  2 'Structure model' '_citation_author.name'                
8  2 'Structure model' '_diffrn_source.pdbx_synchrotron_site' 
9  2 'Structure model' '_pdbx_deposit_group.group_id'         
10 2 'Structure model' '_pdbx_deposit_group.group_title'      
11 2 'Structure model' '_pdbx_deposit_group.group_type'       
12 3 'Structure model' '_pdbx_deposit_group.group_title'      
13 4 'Structure model' '_database_2.pdbx_DOI'                 
14 4 'Structure model' '_database_2.pdbx_database_accession'  
# 
_pdbx_database_status.entry_id                        5PBA 
_pdbx_database_status.status_code                     REL 
_pdbx_database_status.recvd_initial_deposition_date   2017-02-03 
_pdbx_database_status.deposit_site                    RCSB 
_pdbx_database_status.process_site                    RCSB 
_pdbx_database_status.SG_entry                        ? 
_pdbx_database_status.pdb_format_compatible           Y 
_pdbx_database_status.status_code_sf                  REL 
_pdbx_database_status.status_code_mr                  ? 
_pdbx_database_status.status_code_cs                  ? 
_pdbx_database_status.methods_development_category    ? 
_pdbx_database_status.status_code_nmr_data            ? 
# 
loop_
_audit_author.name 
_audit_author.pdbx_ordinal 
'Pearce, N.M.'     1  
'Krojer, T.'       2  
'Talon, R.'        3  
'Bradley, A.R.'    4  
'Fairhead, M.'     5  
'Sethi, R.'        6  
'Wright, N.'       7  
'MacLean, E.'      8  
'Collins, P.'      9  
'Brandao-Neto, J.' 10 
'Douangamath, A.'  11 
'Renjie, Z.'       12 
'Dias, A.'         13 
'Vollmar, M.'      14 
'Ng, J.'           15 
'Brennan, P.E.'    16 
'Cox, O.'          17 
'Bountra, C.'      18 
'Arrowsmith, C.H.' 19 
'Edwards, A.'      20 
'von Delft, F.'    21 
# 
_citation.id                        primary 
_citation.title                     
'A multi-crystal method for extracting obscured crystallographic states from conventionally uninterpretable electron density.' 
_citation.journal_abbrev            'Nat Commun' 
_citation.journal_volume            8 
_citation.page_first                15123 
_citation.page_last                 15123 
_citation.year                      2017 
_citation.journal_id_ASTM           ? 
_citation.country                   UK 
_citation.journal_id_ISSN           2041-1723 
_citation.journal_id_CSD            ? 
_citation.book_publisher            ? 
_citation.pdbx_database_id_PubMed   28436492 
_citation.pdbx_database_id_DOI      10.1038/ncomms15123 
# 
loop_
_citation_author.citation_id 
_citation_author.name 
_citation_author.ordinal 
_citation_author.identifier_ORCID 
primary 'Pearce, N.M.'  1  ? 
primary 'Krojer, T.'    2  ? 
primary 'Bradley, A.R.' 3  ? 
primary 'Collins, P.'   4  ? 
primary 'Nowak, R.P.'   5  ? 
primary 'Talon, R.'     6  ? 
primary 'Marsden, B.D.' 7  ? 
primary 'Kelm, S.'      8  ? 
primary 'Shi, J.'       9  ? 
primary 'Deane, C.M.'   10 ? 
primary 'von Delft, F.' 11 ? 
# 
loop_
_entity.id 
_entity.type 
_entity.src_method 
_entity.pdbx_description 
_entity.formula_weight 
_entity.pdbx_number_of_molecules 
_entity.pdbx_ec 
_entity.pdbx_mutation 
_entity.pdbx_fragment 
_entity.details 
1 polymer     man 'Bromodomain adjacent to zinc finger domain protein 2B' 16090.326 1   ? ? ? ? 
2 non-polymer syn 1,2-ETHANEDIOL                                          62.068    1   ? ? ? ? 
3 non-polymer syn '2-(N-MORPHOLINO)-ETHANESULFONIC ACID'                  195.237   1   ? ? ? ? 
4 non-polymer syn '6-hydroxypyridine-2-carboxylic acid'                   139.109   1   ? ? ? ? 
5 water       nat water                                                   18.015    208 ? ? ? ? 
# 
_entity_name_com.entity_id   1 
_entity_name_com.name        hWALp4 
# 
_entity_poly.entity_id                      1 
_entity_poly.type                           'polypeptide(L)' 
_entity_poly.nstd_linkage                   no 
_entity_poly.nstd_monomer                   no 
_entity_poly.pdbx_seq_one_letter_code       
;MHHHHHHSSGVDLGTENLYFQSMSVKKPKRDDSKDLALCSMILTEMETHEDAWPFLLPVNLKLVPGYKKVIKKPMDFSTI
REKLSSGQYPNLETFALDVRLVFDNCETFNEDDSDIGRAGHNMRKYFEKKWTDTFKVS
;
_entity_poly.pdbx_seq_one_letter_code_can   
;MHHHHHHSSGVDLGTENLYFQSMSVKKPKRDDSKDLALCSMILTEMETHEDAWPFLLPVNLKLVPGYKKVIKKPMDFSTI
REKLSSGQYPNLETFALDVRLVFDNCETFNEDDSDIGRAGHNMRKYFEKKWTDTFKVS
;
_entity_poly.pdbx_strand_id                 A 
_entity_poly.pdbx_target_identifier         ? 
# 
loop_
_pdbx_entity_nonpoly.entity_id 
_pdbx_entity_nonpoly.name 
_pdbx_entity_nonpoly.comp_id 
2 1,2-ETHANEDIOL                         EDO 
3 '2-(N-MORPHOLINO)-ETHANESULFONIC ACID' MES 
4 '6-hydroxypyridine-2-carboxylic acid'  53B 
5 water                                  HOH 
# 
loop_
_entity_poly_seq.entity_id 
_entity_poly_seq.num 
_entity_poly_seq.mon_id 
_entity_poly_seq.hetero 
1 1   MET n 
1 2   HIS n 
1 3   HIS n 
1 4   HIS n 
1 5   HIS n 
1 6   HIS n 
1 7   HIS n 
1 8   SER n 
1 9   SER n 
1 10  GLY n 
1 11  VAL n 
1 12  ASP n 
1 13  LEU n 
1 14  GLY n 
1 15  THR n 
1 16  GLU n 
1 17  ASN n 
1 18  LEU n 
1 19  TYR n 
1 20  PHE n 
1 21  GLN n 
1 22  SER n 
1 23  MET n 
1 24  SER n 
1 25  VAL n 
1 26  LYS n 
1 27  LYS n 
1 28  PRO n 
1 29  LYS n 
1 30  ARG n 
1 31  ASP n 
1 32  ASP n 
1 33  SER n 
1 34  LYS n 
1 35  ASP n 
1 36  LEU n 
1 37  ALA n 
1 38  LEU n 
1 39  CYS n 
1 40  SER n 
1 41  MET n 
1 42  ILE n 
1 43  LEU n 
1 44  THR n 
1 45  GLU n 
1 46  MET n 
1 47  GLU n 
1 48  THR n 
1 49  HIS n 
1 50  GLU n 
1 51  ASP n 
1 52  ALA n 
1 53  TRP n 
1 54  PRO n 
1 55  PHE n 
1 56  LEU n 
1 57  LEU n 
1 58  PRO n 
1 59  VAL n 
1 60  ASN n 
1 61  LEU n 
1 62  LYS n 
1 63  LEU n 
1 64  VAL n 
1 65  PRO n 
1 66  GLY n 
1 67  TYR n 
1 68  LYS n 
1 69  LYS n 
1 70  VAL n 
1 71  ILE n 
1 72  LYS n 
1 73  LYS n 
1 74  PRO n 
1 75  MET n 
1 76  ASP n 
1 77  PHE n 
1 78  SER n 
1 79  THR n 
1 80  ILE n 
1 81  ARG n 
1 82  GLU n 
1 83  LYS n 
1 84  LEU n 
1 85  SER n 
1 86  SER n 
1 87  GLY n 
1 88  GLN n 
1 89  TYR n 
1 90  PRO n 
1 91  ASN n 
1 92  LEU n 
1 93  GLU n 
1 94  THR n 
1 95  PHE n 
1 96  ALA n 
1 97  LEU n 
1 98  ASP n 
1 99  VAL n 
1 100 ARG n 
1 101 LEU n 
1 102 VAL n 
1 103 PHE n 
1 104 ASP n 
1 105 ASN n 
1 106 CYS n 
1 107 GLU n 
1 108 THR n 
1 109 PHE n 
1 110 ASN n 
1 111 GLU n 
1 112 ASP n 
1 113 ASP n 
1 114 SER n 
1 115 ASP n 
1 116 ILE n 
1 117 GLY n 
1 118 ARG n 
1 119 ALA n 
1 120 GLY n 
1 121 HIS n 
1 122 ASN n 
1 123 MET n 
1 124 ARG n 
1 125 LYS n 
1 126 TYR n 
1 127 PHE n 
1 128 GLU n 
1 129 LYS n 
1 130 LYS n 
1 131 TRP n 
1 132 THR n 
1 133 ASP n 
1 134 THR n 
1 135 PHE n 
1 136 LYS n 
1 137 VAL n 
1 138 SER n 
# 
_entity_src_gen.entity_id                          1 
_entity_src_gen.pdbx_src_id                        1 
_entity_src_gen.pdbx_alt_source_flag               sample 
_entity_src_gen.pdbx_seq_type                      'Biological sequence' 
_entity_src_gen.pdbx_beg_seq_num                   1 
_entity_src_gen.pdbx_end_seq_num                   138 
_entity_src_gen.gene_src_common_name               Human 
_entity_src_gen.gene_src_genus                     ? 
_entity_src_gen.pdbx_gene_src_gene                 'BAZ2B, KIAA1476' 
_entity_src_gen.gene_src_species                   ? 
_entity_src_gen.gene_src_strain                    ? 
_entity_src_gen.gene_src_tissue                    ? 
_entity_src_gen.gene_src_tissue_fraction           ? 
_entity_src_gen.gene_src_details                   ? 
_entity_src_gen.pdbx_gene_src_fragment             ? 
_entity_src_gen.pdbx_gene_src_scientific_name      'Homo sapiens' 
_entity_src_gen.pdbx_gene_src_ncbi_taxonomy_id     9606 
_entity_src_gen.pdbx_gene_src_variant              ? 
_entity_src_gen.pdbx_gene_src_cell_line            ? 
_entity_src_gen.pdbx_gene_src_atcc                 ? 
_entity_src_gen.pdbx_gene_src_organ                ? 
_entity_src_gen.pdbx_gene_src_organelle            ? 
_entity_src_gen.pdbx_gene_src_cell                 ? 
_entity_src_gen.pdbx_gene_src_cellular_location    ? 
_entity_src_gen.host_org_common_name               ? 
_entity_src_gen.pdbx_host_org_scientific_name      'escherichia coli' 
_entity_src_gen.pdbx_host_org_ncbi_taxonomy_id     562 
_entity_src_gen.host_org_genus                     ? 
_entity_src_gen.pdbx_host_org_gene                 ? 
_entity_src_gen.pdbx_host_org_organ                ? 
_entity_src_gen.host_org_species                   ? 
_entity_src_gen.pdbx_host_org_tissue               ? 
_entity_src_gen.pdbx_host_org_tissue_fraction      ? 
_entity_src_gen.pdbx_host_org_strain               ? 
_entity_src_gen.pdbx_host_org_variant              ? 
_entity_src_gen.pdbx_host_org_cell_line            ? 
_entity_src_gen.pdbx_host_org_atcc                 ? 
_entity_src_gen.pdbx_host_org_culture_collection   ? 
_entity_src_gen.pdbx_host_org_cell                 ? 
_entity_src_gen.pdbx_host_org_organelle            ? 
_entity_src_gen.pdbx_host_org_cellular_location    ? 
_entity_src_gen.pdbx_host_org_vector_type          ? 
_entity_src_gen.pdbx_host_org_vector               ? 
_entity_src_gen.host_org_details                   ? 
_entity_src_gen.expression_system_id               ? 
_entity_src_gen.plasmid_name                       ? 
_entity_src_gen.plasmid_details                    ? 
_entity_src_gen.pdbx_description                   ? 
# 
loop_
_chem_comp.id 
_chem_comp.type 
_chem_comp.mon_nstd_flag 
_chem_comp.name 
_chem_comp.pdbx_synonyms 
_chem_comp.formula 
_chem_comp.formula_weight 
53B non-polymer         . '6-hydroxypyridine-2-carboxylic acid'  ?                 'C6 H5 N O3'     139.109 
ALA 'L-peptide linking' y ALANINE                                ?                 'C3 H7 N O2'     89.093  
ARG 'L-peptide linking' y ARGININE                               ?                 'C6 H15 N4 O2 1' 175.209 
ASN 'L-peptide linking' y ASPARAGINE                             ?                 'C4 H8 N2 O3'    132.118 
ASP 'L-peptide linking' y 'ASPARTIC ACID'                        ?                 'C4 H7 N O4'     133.103 
CYS 'L-peptide linking' y CYSTEINE                               ?                 'C3 H7 N O2 S'   121.158 
EDO non-polymer         . 1,2-ETHANEDIOL                         'ETHYLENE GLYCOL' 'C2 H6 O2'       62.068  
GLN 'L-peptide linking' y GLUTAMINE                              ?                 'C5 H10 N2 O3'   146.144 
GLU 'L-peptide linking' y 'GLUTAMIC ACID'                        ?                 'C5 H9 N O4'     147.129 
GLY 'peptide linking'   y GLYCINE                                ?                 'C2 H5 N O2'     75.067  
HIS 'L-peptide linking' y HISTIDINE                              ?                 'C6 H10 N3 O2 1' 156.162 
HOH non-polymer         . WATER                                  ?                 'H2 O'           18.015  
ILE 'L-peptide linking' y ISOLEUCINE                             ?                 'C6 H13 N O2'    131.173 
LEU 'L-peptide linking' y LEUCINE                                ?                 'C6 H13 N O2'    131.173 
LYS 'L-peptide linking' y LYSINE                                 ?                 'C6 H15 N2 O2 1' 147.195 
MES non-polymer         . '2-(N-MORPHOLINO)-ETHANESULFONIC ACID' ?                 'C6 H13 N O4 S'  195.237 
MET 'L-peptide linking' y METHIONINE                             ?                 'C5 H11 N O2 S'  149.211 
PHE 'L-peptide linking' y PHENYLALANINE                          ?                 'C9 H11 N O2'    165.189 
PRO 'L-peptide linking' y PROLINE                                ?                 'C5 H9 N O2'     115.130 
SER 'L-peptide linking' y SERINE                                 ?                 'C3 H7 N O3'     105.093 
THR 'L-peptide linking' y THREONINE                              ?                 'C4 H9 N O3'     119.119 
TRP 'L-peptide linking' y TRYPTOPHAN                             ?                 'C11 H12 N2 O2'  204.225 
TYR 'L-peptide linking' y TYROSINE                               ?                 'C9 H11 N O3'    181.189 
VAL 'L-peptide linking' y VALINE                                 ?                 'C5 H11 N O2'    117.146 
# 
loop_
_pdbx_poly_seq_scheme.asym_id 
_pdbx_poly_seq_scheme.entity_id 
_pdbx_poly_seq_scheme.seq_id 
_pdbx_poly_seq_scheme.mon_id 
_pdbx_poly_seq_scheme.ndb_seq_num 
_pdbx_poly_seq_scheme.pdb_seq_num 
_pdbx_poly_seq_scheme.auth_seq_num 
_pdbx_poly_seq_scheme.pdb_mon_id 
_pdbx_poly_seq_scheme.auth_mon_id 
_pdbx_poly_seq_scheme.pdb_strand_id 
_pdbx_poly_seq_scheme.pdb_ins_code 
_pdbx_poly_seq_scheme.hetero 
A 1 1   MET 1   1835 ?    ?   ?   A . n 
A 1 2   HIS 2   1836 ?    ?   ?   A . n 
A 1 3   HIS 3   1837 ?    ?   ?   A . n 
A 1 4   HIS 4   1838 ?    ?   ?   A . n 
A 1 5   HIS 5   1839 ?    ?   ?   A . n 
A 1 6   HIS 6   1840 ?    ?   ?   A . n 
A 1 7   HIS 7   1841 ?    ?   ?   A . n 
A 1 8   SER 8   1842 ?    ?   ?   A . n 
A 1 9   SER 9   1843 ?    ?   ?   A . n 
A 1 10  GLY 10  1844 ?    ?   ?   A . n 
A 1 11  VAL 11  1845 ?    ?   ?   A . n 
A 1 12  ASP 12  1846 ?    ?   ?   A . n 
A 1 13  LEU 13  1847 ?    ?   ?   A . n 
A 1 14  GLY 14  1848 ?    ?   ?   A . n 
A 1 15  THR 15  1849 ?    ?   ?   A . n 
A 1 16  GLU 16  1850 ?    ?   ?   A . n 
A 1 17  ASN 17  1851 ?    ?   ?   A . n 
A 1 18  LEU 18  1852 ?    ?   ?   A . n 
A 1 19  TYR 19  1853 ?    ?   ?   A . n 
A 1 20  PHE 20  1854 ?    ?   ?   A . n 
A 1 21  GLN 21  1855 ?    ?   ?   A . n 
A 1 22  SER 22  1856 1856 SER SER A . n 
A 1 23  MET 23  1857 1857 MET MET A . n 
A 1 24  SER 24  1858 1858 SER SER A . n 
A 1 25  VAL 25  1859 1859 VAL VAL A . n 
A 1 26  LYS 26  1860 1860 LYS LYS A . n 
A 1 27  LYS 27  1861 1861 LYS LYS A . n 
A 1 28  PRO 28  1862 1862 PRO PRO A . n 
A 1 29  LYS 29  1863 1863 LYS LYS A . n 
A 1 30  ARG 30  1864 1864 ARG ARG A . n 
A 1 31  ASP 31  1865 1865 ASP ASP A . n 
A 1 32  ASP 32  1866 1866 ASP ASP A . n 
A 1 33  SER 33  1867 1867 SER SER A . n 
A 1 34  LYS 34  1868 1868 LYS LYS A . n 
A 1 35  ASP 35  1869 1869 ASP ASP A . n 
A 1 36  LEU 36  1870 1870 LEU LEU A . n 
A 1 37  ALA 37  1871 1871 ALA ALA A . n 
A 1 38  LEU 38  1872 1872 LEU LEU A . n 
A 1 39  CYS 39  1873 1873 CYS CYS A . n 
A 1 40  SER 40  1874 1874 SER SER A . n 
A 1 41  MET 41  1875 1875 MET MET A . n 
A 1 42  ILE 42  1876 1876 ILE ILE A . n 
A 1 43  LEU 43  1877 1877 LEU LEU A . n 
A 1 44  THR 44  1878 1878 THR THR A . n 
A 1 45  GLU 45  1879 1879 GLU GLU A . n 
A 1 46  MET 46  1880 1880 MET MET A . n 
A 1 47  GLU 47  1881 1881 GLU GLU A . n 
A 1 48  THR 48  1882 1882 THR THR A . n 
A 1 49  HIS 49  1883 1883 HIS HIS A . n 
A 1 50  GLU 50  1884 1884 GLU GLU A . n 
A 1 51  ASP 51  1885 1885 ASP ASP A . n 
A 1 52  ALA 52  1886 1886 ALA ALA A . n 
A 1 53  TRP 53  1887 1887 TRP TRP A . n 
A 1 54  PRO 54  1888 1888 PRO PRO A . n 
A 1 55  PHE 55  1889 1889 PHE PHE A . n 
A 1 56  LEU 56  1890 1890 LEU LEU A . n 
A 1 57  LEU 57  1891 1891 LEU LEU A . n 
A 1 58  PRO 58  1892 1892 PRO PRO A . n 
A 1 59  VAL 59  1893 1893 VAL VAL A . n 
A 1 60  ASN 60  1894 1894 ASN ASN A . n 
A 1 61  LEU 61  1895 1895 LEU LEU A . n 
A 1 62  LYS 62  1896 1896 LYS LYS A . n 
A 1 63  LEU 63  1897 1897 LEU LEU A . n 
A 1 64  VAL 64  1898 1898 VAL VAL A . n 
A 1 65  PRO 65  1899 1899 PRO PRO A . n 
A 1 66  GLY 66  1900 1900 GLY GLY A . n 
A 1 67  TYR 67  1901 1901 TYR TYR A . n 
A 1 68  LYS 68  1902 1902 LYS LYS A . n 
A 1 69  LYS 69  1903 1903 LYS LYS A . n 
A 1 70  VAL 70  1904 1904 VAL VAL A . n 
A 1 71  ILE 71  1905 1905 ILE ILE A . n 
A 1 72  LYS 72  1906 1906 LYS LYS A . n 
A 1 73  LYS 73  1907 1907 LYS LYS A . n 
A 1 74  PRO 74  1908 1908 PRO PRO A . n 
A 1 75  MET 75  1909 1909 MET MET A . n 
A 1 76  ASP 76  1910 1910 ASP ASP A . n 
A 1 77  PHE 77  1911 1911 PHE PHE A . n 
A 1 78  SER 78  1912 1912 SER SER A . n 
A 1 79  THR 79  1913 1913 THR THR A . n 
A 1 80  ILE 80  1914 1914 ILE ILE A . n 
A 1 81  ARG 81  1915 1915 ARG ARG A . n 
A 1 82  GLU 82  1916 1916 GLU GLU A . n 
A 1 83  LYS 83  1917 1917 LYS LYS A . n 
A 1 84  LEU 84  1918 1918 LEU LEU A . n 
A 1 85  SER 85  1919 1919 SER SER A . n 
A 1 86  SER 86  1920 1920 SER SER A . n 
A 1 87  GLY 87  1921 1921 GLY GLY A . n 
A 1 88  GLN 88  1922 1922 GLN GLN A . n 
A 1 89  TYR 89  1923 1923 TYR TYR A . n 
A 1 90  PRO 90  1924 1924 PRO PRO A . n 
A 1 91  ASN 91  1925 1925 ASN ASN A . n 
A 1 92  LEU 92  1926 1926 LEU LEU A . n 
A 1 93  GLU 93  1927 1927 GLU GLU A . n 
A 1 94  THR 94  1928 1928 THR THR A . n 
A 1 95  PHE 95  1929 1929 PHE PHE A . n 
A 1 96  ALA 96  1930 1930 ALA ALA A . n 
A 1 97  LEU 97  1931 1931 LEU LEU A . n 
A 1 98  ASP 98  1932 1932 ASP ASP A . n 
A 1 99  VAL 99  1933 1933 VAL VAL A . n 
A 1 100 ARG 100 1934 1934 ARG ARG A . n 
A 1 101 LEU 101 1935 1935 LEU LEU A . n 
A 1 102 VAL 102 1936 1936 VAL VAL A . n 
A 1 103 PHE 103 1937 1937 PHE PHE A . n 
A 1 104 ASP 104 1938 1938 ASP ASP A . n 
A 1 105 ASN 105 1939 1939 ASN ASN A . n 
A 1 106 CYS 106 1940 1940 CYS CYS A . n 
A 1 107 GLU 107 1941 1941 GLU GLU A . n 
A 1 108 THR 108 1942 1942 THR THR A . n 
A 1 109 PHE 109 1943 1943 PHE PHE A . n 
A 1 110 ASN 110 1944 1944 ASN ASN A . n 
A 1 111 GLU 111 1945 1945 GLU GLU A . n 
A 1 112 ASP 112 1946 1946 ASP ASP A . n 
A 1 113 ASP 113 1947 1947 ASP ASP A . n 
A 1 114 SER 114 1948 1948 SER SER A . n 
A 1 115 ASP 115 1949 1949 ASP ASP A . n 
A 1 116 ILE 116 1950 1950 ILE ILE A . n 
A 1 117 GLY 117 1951 1951 GLY GLY A . n 
A 1 118 ARG 118 1952 1952 ARG ARG A . n 
A 1 119 ALA 119 1953 1953 ALA ALA A . n 
A 1 120 GLY 120 1954 1954 GLY GLY A . n 
A 1 121 HIS 121 1955 1955 HIS HIS A . n 
A 1 122 ASN 122 1956 1956 ASN ASN A . n 
A 1 123 MET 123 1957 1957 MET MET A . n 
A 1 124 ARG 124 1958 1958 ARG ARG A . n 
A 1 125 LYS 125 1959 1959 LYS LYS A . n 
A 1 126 TYR 126 1960 1960 TYR TYR A . n 
A 1 127 PHE 127 1961 1961 PHE PHE A . n 
A 1 128 GLU 128 1962 1962 GLU GLU A . n 
A 1 129 LYS 129 1963 1963 LYS LYS A . n 
A 1 130 LYS 130 1964 1964 LYS LYS A . n 
A 1 131 TRP 131 1965 1965 TRP TRP A . n 
A 1 132 THR 132 1966 1966 THR THR A . n 
A 1 133 ASP 133 1967 1967 ASP ASP A . n 
A 1 134 THR 134 1968 1968 THR THR A . n 
A 1 135 PHE 135 1969 1969 PHE PHE A . n 
A 1 136 LYS 136 1970 1970 LYS LYS A . n 
A 1 137 VAL 137 1971 ?    ?   ?   A . n 
A 1 138 SER 138 1972 ?    ?   ?   A . n 
# 
loop_
_pdbx_nonpoly_scheme.asym_id 
_pdbx_nonpoly_scheme.entity_id 
_pdbx_nonpoly_scheme.mon_id 
_pdbx_nonpoly_scheme.ndb_seq_num 
_pdbx_nonpoly_scheme.pdb_seq_num 
_pdbx_nonpoly_scheme.auth_seq_num 
_pdbx_nonpoly_scheme.pdb_mon_id 
_pdbx_nonpoly_scheme.auth_mon_id 
_pdbx_nonpoly_scheme.pdb_strand_id 
_pdbx_nonpoly_scheme.pdb_ins_code 
B 2 EDO 1   2001 1   EDO EDO A . 
C 3 MES 1   2002 1   MES MES A . 
D 4 53B 1   2003 1   53B LIG A . 
E 5 HOH 1   2101 66  HOH HOH A . 
E 5 HOH 2   2102 116 HOH HOH A . 
E 5 HOH 3   2103 167 HOH HOH A . 
E 5 HOH 4   2104 205 HOH HOH A . 
E 5 HOH 5   2105 92  HOH HOH A . 
E 5 HOH 6   2106 196 HOH HOH A . 
E 5 HOH 7   2107 63  HOH HOH A . 
E 5 HOH 8   2108 68  HOH HOH A . 
E 5 HOH 9   2109 6   HOH HOH A . 
E 5 HOH 10  2110 12  HOH HOH A . 
E 5 HOH 11  2111 36  HOH HOH A . 
E 5 HOH 12  2112 40  HOH HOH A . 
E 5 HOH 13  2113 100 HOH HOH A . 
E 5 HOH 14  2114 191 HOH HOH A . 
E 5 HOH 15  2115 28  HOH HOH A . 
E 5 HOH 16  2116 37  HOH HOH A . 
E 5 HOH 17  2117 84  HOH HOH A . 
E 5 HOH 18  2118 163 HOH HOH A . 
E 5 HOH 19  2119 32  HOH HOH A . 
E 5 HOH 20  2120 72  HOH HOH A . 
E 5 HOH 21  2121 7   HOH HOH A . 
E 5 HOH 22  2122 2   HOH HOH A . 
E 5 HOH 23  2123 50  HOH HOH A . 
E 5 HOH 24  2124 48  HOH HOH A . 
E 5 HOH 25  2125 91  HOH HOH A . 
E 5 HOH 26  2126 114 HOH HOH A . 
E 5 HOH 27  2127 23  HOH HOH A . 
E 5 HOH 28  2128 45  HOH HOH A . 
E 5 HOH 29  2129 73  HOH HOH A . 
E 5 HOH 30  2130 39  HOH HOH A . 
E 5 HOH 31  2131 9   HOH HOH A . 
E 5 HOH 32  2132 24  HOH HOH A . 
E 5 HOH 33  2133 26  HOH HOH A . 
E 5 HOH 34  2134 62  HOH HOH A . 
E 5 HOH 35  2135 126 HOH HOH A . 
E 5 HOH 36  2136 75  HOH HOH A . 
E 5 HOH 37  2137 44  HOH HOH A . 
E 5 HOH 38  2138 113 HOH HOH A . 
E 5 HOH 39  2139 21  HOH HOH A . 
E 5 HOH 40  2140 38  HOH HOH A . 
E 5 HOH 41  2141 20  HOH HOH A . 
E 5 HOH 42  2142 137 HOH HOH A . 
E 5 HOH 43  2143 146 HOH HOH A . 
E 5 HOH 44  2144 30  HOH HOH A . 
E 5 HOH 45  2145 168 HOH HOH A . 
E 5 HOH 46  2146 16  HOH HOH A . 
E 5 HOH 47  2147 34  HOH HOH A . 
E 5 HOH 48  2148 158 HOH HOH A . 
E 5 HOH 49  2149 61  HOH HOH A . 
E 5 HOH 50  2150 10  HOH HOH A . 
E 5 HOH 51  2151 85  HOH HOH A . 
E 5 HOH 52  2152 64  HOH HOH A . 
E 5 HOH 53  2153 27  HOH HOH A . 
E 5 HOH 54  2154 120 HOH HOH A . 
E 5 HOH 55  2155 166 HOH HOH A . 
E 5 HOH 56  2156 1   HOH HOH A . 
E 5 HOH 57  2157 74  HOH HOH A . 
E 5 HOH 58  2158 70  HOH HOH A . 
E 5 HOH 59  2159 5   HOH HOH A . 
E 5 HOH 60  2160 47  HOH HOH A . 
E 5 HOH 61  2161 13  HOH HOH A . 
E 5 HOH 62  2162 81  HOH HOH A . 
E 5 HOH 63  2163 139 HOH HOH A . 
E 5 HOH 64  2164 53  HOH HOH A . 
E 5 HOH 65  2165 25  HOH HOH A . 
E 5 HOH 66  2166 76  HOH HOH A . 
E 5 HOH 67  2167 105 HOH HOH A . 
E 5 HOH 68  2168 17  HOH HOH A . 
E 5 HOH 69  2169 148 HOH HOH A . 
E 5 HOH 70  2170 154 HOH HOH A . 
E 5 HOH 71  2171 90  HOH HOH A . 
E 5 HOH 72  2172 149 HOH HOH A . 
E 5 HOH 73  2173 35  HOH HOH A . 
E 5 HOH 74  2174 19  HOH HOH A . 
E 5 HOH 75  2175 15  HOH HOH A . 
E 5 HOH 76  2176 56  HOH HOH A . 
E 5 HOH 77  2177 54  HOH HOH A . 
E 5 HOH 78  2178 52  HOH HOH A . 
E 5 HOH 79  2179 172 HOH HOH A . 
E 5 HOH 80  2180 14  HOH HOH A . 
E 5 HOH 81  2181 169 HOH HOH A . 
E 5 HOH 82  2182 182 HOH HOH A . 
E 5 HOH 83  2183 4   HOH HOH A . 
E 5 HOH 84  2184 46  HOH HOH A . 
E 5 HOH 85  2185 29  HOH HOH A . 
E 5 HOH 86  2186 65  HOH HOH A . 
E 5 HOH 87  2187 208 HOH HOH A . 
E 5 HOH 88  2188 193 HOH HOH A . 
E 5 HOH 89  2189 161 HOH HOH A . 
E 5 HOH 90  2190 80  HOH HOH A . 
E 5 HOH 91  2191 51  HOH HOH A . 
E 5 HOH 92  2192 173 HOH HOH A . 
E 5 HOH 93  2193 77  HOH HOH A . 
E 5 HOH 94  2194 209 HOH HOH A . 
E 5 HOH 95  2195 174 HOH HOH A . 
E 5 HOH 96  2196 41  HOH HOH A . 
E 5 HOH 97  2197 93  HOH HOH A . 
E 5 HOH 98  2198 189 HOH HOH A . 
E 5 HOH 99  2199 8   HOH HOH A . 
E 5 HOH 100 2200 57  HOH HOH A . 
E 5 HOH 101 2201 145 HOH HOH A . 
E 5 HOH 102 2202 117 HOH HOH A . 
E 5 HOH 103 2203 33  HOH HOH A . 
E 5 HOH 104 2204 106 HOH HOH A . 
E 5 HOH 105 2205 152 HOH HOH A . 
E 5 HOH 106 2206 18  HOH HOH A . 
E 5 HOH 107 2207 122 HOH HOH A . 
E 5 HOH 108 2208 170 HOH HOH A . 
E 5 HOH 109 2209 59  HOH HOH A . 
E 5 HOH 110 2210 181 HOH HOH A . 
E 5 HOH 111 2211 3   HOH HOH A . 
E 5 HOH 112 2212 107 HOH HOH A . 
E 5 HOH 113 2213 11  HOH HOH A . 
E 5 HOH 114 2214 98  HOH HOH A . 
E 5 HOH 115 2215 82  HOH HOH A . 
E 5 HOH 116 2216 156 HOH HOH A . 
E 5 HOH 117 2217 95  HOH HOH A . 
E 5 HOH 118 2218 171 HOH HOH A . 
E 5 HOH 119 2219 83  HOH HOH A . 
E 5 HOH 120 2220 164 HOH HOH A . 
E 5 HOH 121 2221 147 HOH HOH A . 
E 5 HOH 122 2222 22  HOH HOH A . 
E 5 HOH 123 2223 190 HOH HOH A . 
E 5 HOH 124 2224 138 HOH HOH A . 
E 5 HOH 125 2225 88  HOH HOH A . 
E 5 HOH 126 2226 124 HOH HOH A . 
E 5 HOH 127 2227 101 HOH HOH A . 
E 5 HOH 128 2228 187 HOH HOH A . 
E 5 HOH 129 2229 144 HOH HOH A . 
E 5 HOH 130 2230 103 HOH HOH A . 
E 5 HOH 131 2231 129 HOH HOH A . 
E 5 HOH 132 2232 69  HOH HOH A . 
E 5 HOH 133 2233 153 HOH HOH A . 
E 5 HOH 134 2234 99  HOH HOH A . 
E 5 HOH 135 2235 185 HOH HOH A . 
E 5 HOH 136 2236 143 HOH HOH A . 
E 5 HOH 137 2237 157 HOH HOH A . 
E 5 HOH 138 2238 202 HOH HOH A . 
E 5 HOH 139 2239 207 HOH HOH A . 
E 5 HOH 140 2240 135 HOH HOH A . 
E 5 HOH 141 2241 188 HOH HOH A . 
E 5 HOH 142 2242 162 HOH HOH A . 
E 5 HOH 143 2243 102 HOH HOH A . 
E 5 HOH 144 2244 141 HOH HOH A . 
E 5 HOH 145 2245 184 HOH HOH A . 
E 5 HOH 146 2246 49  HOH HOH A . 
E 5 HOH 147 2247 130 HOH HOH A . 
E 5 HOH 148 2248 112 HOH HOH A . 
E 5 HOH 149 2249 43  HOH HOH A . 
E 5 HOH 150 2250 96  HOH HOH A . 
E 5 HOH 151 2251 31  HOH HOH A . 
E 5 HOH 152 2252 60  HOH HOH A . 
E 5 HOH 153 2253 194 HOH HOH A . 
E 5 HOH 154 2254 132 HOH HOH A . 
E 5 HOH 155 2255 97  HOH HOH A . 
E 5 HOH 156 2256 78  HOH HOH A . 
E 5 HOH 157 2257 108 HOH HOH A . 
E 5 HOH 158 2258 176 HOH HOH A . 
E 5 HOH 159 2259 199 HOH HOH A . 
E 5 HOH 160 2260 198 HOH HOH A . 
E 5 HOH 161 2261 178 HOH HOH A . 
E 5 HOH 162 2262 155 HOH HOH A . 
E 5 HOH 163 2263 177 HOH HOH A . 
E 5 HOH 164 2264 150 HOH HOH A . 
E 5 HOH 165 2265 123 HOH HOH A . 
E 5 HOH 166 2266 119 HOH HOH A . 
E 5 HOH 167 2267 71  HOH HOH A . 
E 5 HOH 168 2268 195 HOH HOH A . 
E 5 HOH 169 2269 58  HOH HOH A . 
E 5 HOH 170 2270 183 HOH HOH A . 
E 5 HOH 171 2271 192 HOH HOH A . 
E 5 HOH 172 2272 136 HOH HOH A . 
E 5 HOH 173 2273 110 HOH HOH A . 
E 5 HOH 174 2274 94  HOH HOH A . 
E 5 HOH 175 2275 104 HOH HOH A . 
E 5 HOH 176 2276 86  HOH HOH A . 
E 5 HOH 177 2277 151 HOH HOH A . 
E 5 HOH 178 2278 142 HOH HOH A . 
E 5 HOH 179 2279 128 HOH HOH A . 
E 5 HOH 180 2280 79  HOH HOH A . 
E 5 HOH 181 2281 89  HOH HOH A . 
E 5 HOH 182 2282 134 HOH HOH A . 
E 5 HOH 183 2283 42  HOH HOH A . 
E 5 HOH 184 2284 55  HOH HOH A . 
E 5 HOH 185 2285 201 HOH HOH A . 
E 5 HOH 186 2286 87  HOH HOH A . 
E 5 HOH 187 2287 206 HOH HOH A . 
E 5 HOH 188 2288 186 HOH HOH A . 
E 5 HOH 189 2289 111 HOH HOH A . 
E 5 HOH 190 2290 160 HOH HOH A . 
E 5 HOH 191 2291 165 HOH HOH A . 
E 5 HOH 192 2292 109 HOH HOH A . 
E 5 HOH 193 2293 180 HOH HOH A . 
E 5 HOH 194 2294 118 HOH HOH A . 
E 5 HOH 195 2295 159 HOH HOH A . 
E 5 HOH 196 2296 121 HOH HOH A . 
E 5 HOH 197 2297 115 HOH HOH A . 
E 5 HOH 198 2298 67  HOH HOH A . 
E 5 HOH 199 2299 204 HOH HOH A . 
E 5 HOH 200 2300 140 HOH HOH A . 
E 5 HOH 201 2301 131 HOH HOH A . 
E 5 HOH 202 2302 127 HOH HOH A . 
E 5 HOH 203 2303 179 HOH HOH A . 
E 5 HOH 204 2304 197 HOH HOH A . 
E 5 HOH 205 2305 175 HOH HOH A . 
E 5 HOH 206 2306 203 HOH HOH A . 
E 5 HOH 207 2307 125 HOH HOH A . 
E 5 HOH 208 2308 133 HOH HOH A . 
# 
loop_
_pdbx_unobs_or_zero_occ_atoms.id 
_pdbx_unobs_or_zero_occ_atoms.PDB_model_num 
_pdbx_unobs_or_zero_occ_atoms.polymer_flag 
_pdbx_unobs_or_zero_occ_atoms.occupancy_flag 
_pdbx_unobs_or_zero_occ_atoms.auth_asym_id 
_pdbx_unobs_or_zero_occ_atoms.auth_comp_id 
_pdbx_unobs_or_zero_occ_atoms.auth_seq_id 
_pdbx_unobs_or_zero_occ_atoms.PDB_ins_code 
_pdbx_unobs_or_zero_occ_atoms.auth_atom_id 
_pdbx_unobs_or_zero_occ_atoms.label_alt_id 
_pdbx_unobs_or_zero_occ_atoms.label_asym_id 
_pdbx_unobs_or_zero_occ_atoms.label_comp_id 
_pdbx_unobs_or_zero_occ_atoms.label_seq_id 
_pdbx_unobs_or_zero_occ_atoms.label_atom_id 
1  1 Y 1 A LYS 1863 ? CG ? A LYS 29  CG 
2  1 Y 1 A LYS 1863 ? CD ? A LYS 29  CD 
3  1 Y 1 A LYS 1863 ? CE ? A LYS 29  CE 
4  1 Y 1 A LYS 1863 ? NZ ? A LYS 29  NZ 
5  1 Y 1 A LYS 1868 ? CE ? A LYS 34  CE 
6  1 Y 1 A LYS 1868 ? NZ ? A LYS 34  NZ 
7  1 Y 1 A LYS 1970 ? CG ? A LYS 136 CG 
8  1 Y 1 A LYS 1970 ? CD ? A LYS 136 CD 
9  1 Y 1 A LYS 1970 ? CE ? A LYS 136 CE 
10 1 Y 1 A LYS 1970 ? NZ ? A LYS 136 NZ 
# 
loop_
_software.pdbx_ordinal 
_software.name 
_software.version 
_software.date 
_software.type 
_software.contact_author 
_software.contact_author_email 
_software.classification 
_software.location 
_software.language 
_software.citation_id 
1 PHENIX      1.9_1682 ?               package 'Paul D. Adams' PDAdams@lbl.gov          refinement        
http://www.phenix-online.org/                       C++ ? 
2 Aimless     0.1.29   21/08/12        program 'Phil Evans'    ?                        'data scaling'    
http://www.mrc-lmb.cam.ac.uk/harry/pre/aimless.html ?   ? 
3 PDB_EXTRACT 3.23     'SEP. 23, 2016' package PDB             deposit@deposit.rcsb.org 'data extraction' 
http://sw-tools.pdb.org/apps/PDB_EXTRACT/           C++ ? 
4 XDS         .        ?               program ?               ?                        'data reduction'  ? ?   ? 
5 REFMAC      .        ?               program ?               ?                        phasing           ? ?   ? 
# 
_cell.entry_id           5PBA 
_cell.length_a           80.511 
_cell.length_b           97.030 
_cell.length_c           58.203 
_cell.angle_alpha        90.000 
_cell.angle_beta         90.000 
_cell.angle_gamma        90.000 
_cell.Z_PDB              8 
_cell.pdbx_unique_axis   ? 
# 
_symmetry.entry_id                         5PBA 
_symmetry.space_group_name_H-M             'C 2 2 21' 
_symmetry.pdbx_full_space_group_name_H-M   ? 
_symmetry.cell_setting                     ? 
_symmetry.Int_Tables_number                20 
# 
_exptl.crystals_number   1 
_exptl.entry_id          5PBA 
_exptl.method            'X-RAY DIFFRACTION' 
# 
_exptl_crystal.id                    1 
_exptl_crystal.pdbx_mosaicity        0.110 
_exptl_crystal.pdbx_mosaicity_esd    ? 
_exptl_crystal.density_Matthews      3.53 
_exptl_crystal.density_diffrn        ? 
_exptl_crystal.density_meas          ? 
_exptl_crystal.density_meas_temp     ? 
_exptl_crystal.density_percent_sol   65.18 
_exptl_crystal.size_max              ? 
_exptl_crystal.size_mid              ? 
_exptl_crystal.size_min              ? 
_exptl_crystal.size_rad              ? 
_exptl_crystal.description           ? 
# 
_exptl_crystal_grow.crystal_id      1 
_exptl_crystal_grow.method          'VAPOR DIFFUSION, SITTING DROP' 
_exptl_crystal_grow.pH              7 
_exptl_crystal_grow.temp            277 
_exptl_crystal_grow.pdbx_details    '30% PEG600 -- 0.1M MES pH 6.0' 
_exptl_crystal_grow.temp_details    ? 
_exptl_crystal_grow.pdbx_pH_range   ? 
# 
_diffrn.id                     1 
_diffrn.ambient_temp           100 
_diffrn.crystal_id             1 
_diffrn.ambient_temp_details   ? 
# 
_diffrn_detector.detector               PIXEL 
_diffrn_detector.type                   'DECTRIS PILATUS 2M' 
_diffrn_detector.pdbx_collection_date   2013-03-10 
_diffrn_detector.diffrn_id              1 
_diffrn_detector.details                ? 
# 
_diffrn_radiation.diffrn_id                        1 
_diffrn_radiation.wavelength_id                    1 
_diffrn_radiation.pdbx_diffrn_protocol             'SINGLE WAVELENGTH' 
_diffrn_radiation.pdbx_monochromatic_or_laue_m_l   ? 
_diffrn_radiation.monochromator                    ? 
_diffrn_radiation.pdbx_scattering_type             x-ray 
# 
_diffrn_radiation_wavelength.id           1 
_diffrn_radiation_wavelength.wavelength   0.9200 
_diffrn_radiation_wavelength.wt           1.0 
# 
_diffrn_source.diffrn_id                   1 
_diffrn_source.source                      SYNCHROTRON 
_diffrn_source.type                        'DIAMOND BEAMLINE I04-1' 
_diffrn_source.pdbx_wavelength_list        0.9200 
_diffrn_source.pdbx_synchrotron_site       Diamond 
_diffrn_source.pdbx_synchrotron_beamline   I04-1 
_diffrn_source.pdbx_wavelength             ? 
# 
_reflns.entry_id                     5PBA 
_reflns.pdbx_diffrn_id               1 
_reflns.pdbx_ordinal                 1 
_reflns.observed_criterion_sigma_I   ? 
_reflns.observed_criterion_sigma_F   ? 
_reflns.d_resolution_low             27.3470 
_reflns.d_resolution_high            1.920 
_reflns.number_obs                   17474 
_reflns.number_all                   ? 
_reflns.percent_possible_obs         98.800 
_reflns.pdbx_Rmerge_I_obs            0.080 
_reflns.pdbx_Rsym_value              ? 
_reflns.pdbx_netI_over_sigmaI        14.200 
_reflns.B_iso_Wilson_estimate        33.270 
_reflns.pdbx_redundancy              6.400 
_reflns.pdbx_Rrim_I_all              0.087 
_reflns.pdbx_Rpim_I_all              0.034 
_reflns.pdbx_CC_half                 0.998 
_reflns.pdbx_netI_over_av_sigmaI     ? 
_reflns.pdbx_number_measured_all     112657 
_reflns.pdbx_scaling_rejects         0 
_reflns.pdbx_chi_squared             ? 
_reflns.Rmerge_F_all                 ? 
_reflns.Rmerge_F_obs                 ? 
_reflns.observed_criterion_F_max     ? 
_reflns.observed_criterion_F_min     ? 
_reflns.observed_criterion_I_max     ? 
_reflns.observed_criterion_I_min     ? 
_reflns.pdbx_d_res_high_opt          ? 
_reflns.pdbx_d_res_low_opt           ? 
_reflns.details                      ? 
# 
loop_
_reflns_shell.pdbx_diffrn_id 
_reflns_shell.pdbx_ordinal 
_reflns_shell.d_res_high 
_reflns_shell.d_res_low 
_reflns_shell.number_measured_obs 
_reflns_shell.number_measured_all 
_reflns_shell.number_unique_obs 
_reflns_shell.pdbx_rejects 
_reflns_shell.Rmerge_I_obs 
_reflns_shell.meanI_over_sigI_obs 
_reflns_shell.pdbx_Rsym_value 
_reflns_shell.pdbx_chi_squared 
_reflns_shell.pdbx_redundancy 
_reflns_shell.percent_possible_obs 
_reflns_shell.pdbx_netI_over_sigmaI_obs 
_reflns_shell.number_possible 
_reflns_shell.number_unique_all 
_reflns_shell.Rmerge_F_all 
_reflns_shell.Rmerge_F_obs 
_reflns_shell.Rmerge_I_all 
_reflns_shell.meanI_over_sigI_all 
_reflns_shell.percent_possible_all 
_reflns_shell.pdbx_Rrim_I_all 
_reflns_shell.pdbx_Rpim_I_all 
_reflns_shell.pdbx_CC_half 
1 1 1.920 1.970  ? 6629 ? ? 0.841 ? ? ? 5.800 ? 2.000  ? 1151 ? ? ? ? 89.200 0.921 0.368 0.861 
1 2 8.600 29.100 ? 1393 ? ? 0.039 ? ? ? 6.100 ? 39.200 ? 228  ? ? ? ? 97.400 0.043 0.016 0.998 
# 
_refine.entry_id                                 5PBA 
_refine.pdbx_refine_id                           'X-RAY DIFFRACTION' 
_refine.ls_d_res_high                            1.9250 
_refine.ls_d_res_low                             27.3470 
_refine.pdbx_ls_sigma_F                          1.350 
_refine.pdbx_data_cutoff_high_absF               ? 
_refine.pdbx_data_cutoff_low_absF                ? 
_refine.ls_percent_reflns_obs                    98.8800 
_refine.ls_number_reflns_obs                     17460 
_refine.ls_number_reflns_all                     ? 
_refine.pdbx_ls_cross_valid_method               THROUGHOUT 
_refine.ls_matrix_type                           ? 
_refine.pdbx_R_Free_selection_details            ? 
_refine.details                                  ? 
_refine.ls_R_factor_all                          ? 
_refine.ls_R_factor_obs                          0.1858 
_refine.ls_R_factor_R_work                       0.1838 
_refine.ls_wR_factor_R_work                      ? 
_refine.ls_R_factor_R_free                       0.2241 
_refine.ls_wR_factor_R_free                      ? 
_refine.ls_percent_reflns_R_free                 4.9300 
_refine.ls_number_reflns_R_free                  860 
_refine.ls_number_reflns_R_work                  16600 
_refine.ls_R_factor_R_free_error                 ? 
_refine.B_iso_mean                               38.8029 
_refine.solvent_model_param_bsol                 ? 
_refine.solvent_model_param_ksol                 ? 
_refine.pdbx_isotropic_thermal_model             ? 
_refine.aniso_B[1][1]                            ? 
_refine.aniso_B[2][2]                            ? 
_refine.aniso_B[3][3]                            ? 
_refine.aniso_B[1][2]                            ? 
_refine.aniso_B[1][3]                            ? 
_refine.aniso_B[2][3]                            ? 
_refine.correlation_coeff_Fo_to_Fc               ? 
_refine.correlation_coeff_Fo_to_Fc_free          ? 
_refine.overall_SU_R_Cruickshank_DPI             ? 
_refine.pdbx_overall_SU_R_free_Cruickshank_DPI   ? 
_refine.pdbx_overall_SU_R_Blow_DPI               ? 
_refine.pdbx_overall_SU_R_free_Blow_DPI          ? 
_refine.overall_SU_R_free                        ? 
_refine.pdbx_overall_ESU_R                       ? 
_refine.pdbx_overall_ESU_R_Free                  ? 
_refine.overall_SU_ML                            0.2600 
_refine.overall_SU_B                             ? 
_refine.solvent_model_details                    'FLAT BULK SOLVENT MODEL' 
_refine.pdbx_solvent_vdw_probe_radii             1.1100 
_refine.pdbx_solvent_ion_probe_radii             ? 
_refine.pdbx_solvent_shrinkage_radii             0.9000 
_refine.ls_number_parameters                     ? 
_refine.ls_number_restraints                     ? 
_refine.pdbx_starting_model                      3G0L 
_refine.pdbx_method_to_determine_struct          'FOURIER SYNTHESIS' 
_refine.pdbx_stereochemistry_target_values       ML 
_refine.pdbx_stereochem_target_val_spec_case     ? 
_refine.overall_FOM_work_R_set                   ? 
_refine.B_iso_max                                112.420 
_refine.B_iso_min                                20.360 
_refine.pdbx_overall_phase_error                 25.4000 
_refine.occupancy_max                            ? 
_refine.occupancy_min                            ? 
_refine.pdbx_diffrn_id                           1 
_refine.pdbx_TLS_residual_ADP_flag               ? 
_refine.pdbx_ls_sigma_I                          ? 
_refine.pdbx_data_cutoff_high_rms_absF           ? 
_refine.ls_R_factor_R_free_error_details         ? 
# 
_refine_hist.cycle_id                         final 
_refine_hist.pdbx_refine_id                   'X-RAY DIFFRACTION' 
_refine_hist.d_res_high                       1.9250 
_refine_hist.d_res_low                        27.3470 
_refine_hist.pdbx_number_atoms_ligand         44 
_refine_hist.number_atoms_solvent             209 
_refine_hist.number_atoms_total               1183 
_refine_hist.pdbx_number_residues_total       115 
_refine_hist.pdbx_B_iso_mean_ligand           44.46 
_refine_hist.pdbx_B_iso_mean_solvent          49.11 
_refine_hist.pdbx_number_atoms_protein        930 
_refine_hist.pdbx_number_atoms_nucleic_acid   0 
# 
loop_
_refine_ls_restr.pdbx_refine_id 
_refine_ls_restr.type 
_refine_ls_restr.number 
_refine_ls_restr.dev_ideal 
_refine_ls_restr.dev_ideal_target 
_refine_ls_restr.weight 
_refine_ls_restr.pdbx_restraint_function 
'X-RAY DIFFRACTION' f_bond_d           1021 0.008  ? ? ? 
'X-RAY DIFFRACTION' f_angle_d          1379 1.157  ? ? ? 
'X-RAY DIFFRACTION' f_chiral_restr     146  0.043  ? ? ? 
'X-RAY DIFFRACTION' f_plane_restr      176  0.005  ? ? ? 
'X-RAY DIFFRACTION' f_dihedral_angle_d 409  13.542 ? ? ? 
# 
loop_
_refine_ls_shell.d_res_high 
_refine_ls_shell.d_res_low 
_refine_ls_shell.pdbx_total_number_of_bins_used 
_refine_ls_shell.percent_reflns_obs 
_refine_ls_shell.number_reflns_R_work 
_refine_ls_shell.R_factor_all 
_refine_ls_shell.R_factor_R_work 
_refine_ls_shell.R_factor_R_free 
_refine_ls_shell.percent_reflns_R_free 
_refine_ls_shell.number_reflns_R_free 
_refine_ls_shell.R_factor_R_free_error 
_refine_ls_shell.number_reflns_all 
_refine_ls_shell.number_reflns_obs 
_refine_ls_shell.pdbx_refine_id 
1.9246 2.0452  6 96.0000  2652 . 0.3048 0.3745 . 120 . 2772 . 'X-RAY DIFFRACTION' 
2.0452 2.2030  6 100.0000 2760 . 0.2407 0.2652 . 147 . 2907 . 'X-RAY DIFFRACTION' 
2.2030 2.4246  6 98.0000  2725 . 0.2203 0.2953 . 143 . 2868 . 'X-RAY DIFFRACTION' 
2.4246 2.7752  6 100.0000 2794 . 0.2039 0.2590 . 135 . 2929 . 'X-RAY DIFFRACTION' 
2.7752 3.4953  6 100.0000 2770 . 0.1848 0.2268 . 162 . 2932 . 'X-RAY DIFFRACTION' 
3.4953 27.3498 6 99.0000  2899 . 0.1443 0.1766 . 153 . 3052 . 'X-RAY DIFFRACTION' 
# 
_struct.entry_id                  5PBA 
_struct.title                     'PanDDA analysis group deposition -- Crystal Structure of BAZ2B in complex with N09460a' 
_struct.pdbx_model_details        ? 
_struct.pdbx_CASP_flag            ? 
_struct.pdbx_model_type_details   ? 
# 
_struct_keywords.entry_id        5PBA 
_struct_keywords.text            'PanDDA, SGC - Diamond I04-1 fragment screening, bromodomain, epigenetics, DNA BINDING PROTEIN' 
_struct_keywords.pdbx_keywords   'DNA BINDING PROTEIN' 
# 
loop_
_struct_asym.id 
_struct_asym.pdbx_blank_PDB_chainid_flag 
_struct_asym.pdbx_modified 
_struct_asym.entity_id 
_struct_asym.details 
A N N 1 ? 
B N N 2 ? 
C N N 3 ? 
D N N 4 ? 
E N N 5 ? 
# 
_struct_ref.id                         1 
_struct_ref.db_name                    UNP 
_struct_ref.db_code                    BAZ2B_HUMAN 
_struct_ref.pdbx_db_accession          Q9UIF8 
_struct_ref.pdbx_db_isoform            Q9UIF8-2 
_struct_ref.entity_id                  1 
_struct_ref.pdbx_seq_one_letter_code   
;SVKKPKRDDSKDLALCSMILTEMETHEDAWPFLLPVNLKLVPGYKKVIKKPMDFSTIREKLSSGQYPNLETFALDVRLVF
DNCETFNEDDSDIGRAGHNMRKYFEKKWTDTFKVS
;
_struct_ref.pdbx_align_begin           1954 
# 
_struct_ref_seq.align_id                      1 
_struct_ref_seq.ref_id                        1 
_struct_ref_seq.pdbx_PDB_id_code              5PBA 
_struct_ref_seq.pdbx_strand_id                A 
_struct_ref_seq.seq_align_beg                 24 
_struct_ref_seq.pdbx_seq_align_beg_ins_code   ? 
_struct_ref_seq.seq_align_end                 138 
_struct_ref_seq.pdbx_seq_align_end_ins_code   ? 
_struct_ref_seq.pdbx_db_accession             Q9UIF8 
_struct_ref_seq.db_align_beg                  1954 
_struct_ref_seq.pdbx_db_align_beg_ins_code    ? 
_struct_ref_seq.db_align_end                  2068 
_struct_ref_seq.pdbx_db_align_end_ins_code    ? 
_struct_ref_seq.pdbx_auth_seq_align_beg       1858 
_struct_ref_seq.pdbx_auth_seq_align_end       1972 
# 
loop_
_struct_ref_seq_dif.align_id 
_struct_ref_seq_dif.pdbx_pdb_id_code 
_struct_ref_seq_dif.mon_id 
_struct_ref_seq_dif.pdbx_pdb_strand_id 
_struct_ref_seq_dif.seq_num 
_struct_ref_seq_dif.pdbx_pdb_ins_code 
_struct_ref_seq_dif.pdbx_seq_db_name 
_struct_ref_seq_dif.pdbx_seq_db_accession_code 
_struct_ref_seq_dif.db_mon_id 
_struct_ref_seq_dif.pdbx_seq_db_seq_num 
_struct_ref_seq_dif.details 
_struct_ref_seq_dif.pdbx_auth_seq_num 
_struct_ref_seq_dif.pdbx_ordinal 
1 5PBA MET A 1  ? UNP Q9UIF8 ? ? 'expression tag' 1835 1  
1 5PBA HIS A 2  ? UNP Q9UIF8 ? ? 'expression tag' 1836 2  
1 5PBA HIS A 3  ? UNP Q9UIF8 ? ? 'expression tag' 1837 3  
1 5PBA HIS A 4  ? UNP Q9UIF8 ? ? 'expression tag' 1838 4  
1 5PBA HIS A 5  ? UNP Q9UIF8 ? ? 'expression tag' 1839 5  
1 5PBA HIS A 6  ? UNP Q9UIF8 ? ? 'expression tag' 1840 6  
1 5PBA HIS A 7  ? UNP Q9UIF8 ? ? 'expression tag' 1841 7  
1 5PBA SER A 8  ? UNP Q9UIF8 ? ? 'expression tag' 1842 8  
1 5PBA SER A 9  ? UNP Q9UIF8 ? ? 'expression tag' 1843 9  
1 5PBA GLY A 10 ? UNP Q9UIF8 ? ? 'expression tag' 1844 10 
1 5PBA VAL A 11 ? UNP Q9UIF8 ? ? 'expression tag' 1845 11 
1 5PBA ASP A 12 ? UNP Q9UIF8 ? ? 'expression tag' 1846 12 
1 5PBA LEU A 13 ? UNP Q9UIF8 ? ? 'expression tag' 1847 13 
1 5PBA GLY A 14 ? UNP Q9UIF8 ? ? 'expression tag' 1848 14 
1 5PBA THR A 15 ? UNP Q9UIF8 ? ? 'expression tag' 1849 15 
1 5PBA GLU A 16 ? UNP Q9UIF8 ? ? 'expression tag' 1850 16 
1 5PBA ASN A 17 ? UNP Q9UIF8 ? ? 'expression tag' 1851 17 
1 5PBA LEU A 18 ? UNP Q9UIF8 ? ? 'expression tag' 1852 18 
1 5PBA TYR A 19 ? UNP Q9UIF8 ? ? 'expression tag' 1853 19 
1 5PBA PHE A 20 ? UNP Q9UIF8 ? ? 'expression tag' 1854 20 
1 5PBA GLN A 21 ? UNP Q9UIF8 ? ? 'expression tag' 1855 21 
1 5PBA SER A 22 ? UNP Q9UIF8 ? ? 'expression tag' 1856 22 
1 5PBA MET A 23 ? UNP Q9UIF8 ? ? 'expression tag' 1857 23 
# 
_pdbx_struct_assembly.id                   1 
_pdbx_struct_assembly.details              author_defined_assembly 
_pdbx_struct_assembly.method_details       ? 
_pdbx_struct_assembly.oligomeric_details   monomeric 
_pdbx_struct_assembly.oligomeric_count     1 
# 
_pdbx_struct_assembly_gen.assembly_id       1 
_pdbx_struct_assembly_gen.oper_expression   1 
_pdbx_struct_assembly_gen.asym_id_list      A,B,C,D,E 
# 
_pdbx_struct_oper_list.id                   1 
_pdbx_struct_oper_list.type                 'identity operation' 
_pdbx_struct_oper_list.name                 1_555 
_pdbx_struct_oper_list.symmetry_operation   x,y,z 
_pdbx_struct_oper_list.matrix[1][1]         1.0000000000 
_pdbx_struct_oper_list.matrix[1][2]         0.0000000000 
_pdbx_struct_oper_list.matrix[1][3]         0.0000000000 
_pdbx_struct_oper_list.vector[1]            0.0000000000 
_pdbx_struct_oper_list.matrix[2][1]         0.0000000000 
_pdbx_struct_oper_list.matrix[2][2]         1.0000000000 
_pdbx_struct_oper_list.matrix[2][3]         0.0000000000 
_pdbx_struct_oper_list.vector[2]            0.0000000000 
_pdbx_struct_oper_list.matrix[3][1]         0.0000000000 
_pdbx_struct_oper_list.matrix[3][2]         0.0000000000 
_pdbx_struct_oper_list.matrix[3][3]         1.0000000000 
_pdbx_struct_oper_list.vector[3]            0.0000000000 
# 
loop_
_struct_conf.conf_type_id 
_struct_conf.id 
_struct_conf.pdbx_PDB_helix_id 
_struct_conf.beg_label_comp_id 
_struct_conf.beg_label_asym_id 
_struct_conf.beg_label_seq_id 
_struct_conf.pdbx_beg_PDB_ins_code 
_struct_conf.end_label_comp_id 
_struct_conf.end_label_asym_id 
_struct_conf.end_label_seq_id 
_struct_conf.pdbx_end_PDB_ins_code 
_struct_conf.beg_auth_comp_id 
_struct_conf.beg_auth_asym_id 
_struct_conf.beg_auth_seq_id 
_struct_conf.end_auth_comp_id 
_struct_conf.end_auth_asym_id 
_struct_conf.end_auth_seq_id 
_struct_conf.pdbx_PDB_helix_class 
_struct_conf.details 
_struct_conf.pdbx_PDB_helix_length 
HELX_P HELX_P1 AA1 LYS A 34  ? HIS A 49  ? LYS A 1868 HIS A 1883 1 ? 16 
HELX_P HELX_P2 AA2 GLU A 50  ? LEU A 56  ? GLU A 1884 LEU A 1890 5 ? 7  
HELX_P HELX_P3 AA3 GLY A 66  ? ILE A 71  ? GLY A 1900 ILE A 1905 1 ? 6  
HELX_P HELX_P4 AA4 ASP A 76  ? SER A 86  ? ASP A 1910 SER A 1920 1 ? 11 
HELX_P HELX_P5 AA5 ASN A 91  ? ASN A 110 ? ASN A 1925 ASN A 1944 1 ? 20 
HELX_P HELX_P6 AA6 SER A 114 ? LYS A 136 ? SER A 1948 LYS A 1970 1 ? 23 
# 
_struct_conf_type.id          HELX_P 
_struct_conf_type.criteria    ? 
_struct_conf_type.reference   ? 
# 
loop_
_struct_site.id 
_struct_site.pdbx_evidence_code 
_struct_site.pdbx_auth_asym_id 
_struct_site.pdbx_auth_comp_id 
_struct_site.pdbx_auth_seq_id 
_struct_site.pdbx_auth_ins_code 
_struct_site.pdbx_num_residues 
_struct_site.details 
AC1 Software A EDO 2001 ? 4  'binding site for residue EDO A 2001' 
AC2 Software A MES 2002 ? 17 'binding site for residue MES A 2002' 
AC3 Software A 53B 2003 ? 8  'binding site for residue 53B A 2003' 
# 
loop_
_struct_site_gen.id 
_struct_site_gen.site_id 
_struct_site_gen.pdbx_num_res 
_struct_site_gen.label_comp_id 
_struct_site_gen.label_asym_id 
_struct_site_gen.label_seq_id 
_struct_site_gen.pdbx_auth_ins_code 
_struct_site_gen.auth_comp_id 
_struct_site_gen.auth_asym_id 
_struct_site_gen.auth_seq_id 
_struct_site_gen.label_atom_id 
_struct_site_gen.label_alt_id 
_struct_site_gen.symmetry 
_struct_site_gen.details 
1  AC1 4  PHE A 109 ? PHE A 1943 . ? 1_555 ? 
2  AC1 4  ASN A 110 ? ASN A 1944 . ? 1_555 ? 
3  AC1 4  53B D .   ? 53B A 2003 . ? 1_555 ? 
4  AC1 4  HOH E .   ? HOH A 2101 . ? 1_555 ? 
5  AC2 17 LEU A 61  ? LEU A 1895 . ? 4_566 ? 
6  AC2 17 LYS A 62  ? LYS A 1896 . ? 4_566 ? 
7  AC2 17 LEU A 63  ? LEU A 1897 . ? 4_566 ? 
8  AC2 17 VAL A 64  ? VAL A 1898 . ? 4_566 ? 
9  AC2 17 PRO A 65  ? PRO A 1899 . ? 4_566 ? 
10 AC2 17 SER A 114 ? SER A 1948 . ? 1_555 ? 
11 AC2 17 ASP A 115 ? ASP A 1949 . ? 1_555 ? 
12 AC2 17 ILE A 116 ? ILE A 1950 . ? 1_555 ? 
13 AC2 17 53B D .   ? 53B A 2003 . ? 1_555 ? 
14 AC2 17 HOH E .   ? HOH A 2107 . ? 1_555 ? 
15 AC2 17 HOH E .   ? HOH A 2110 . ? 1_555 ? 
16 AC2 17 HOH E .   ? HOH A 2119 . ? 8_456 ? 
17 AC2 17 HOH E .   ? HOH A 2196 . ? 1_555 ? 
18 AC2 17 HOH E .   ? HOH A 2207 . ? 1_555 ? 
19 AC2 17 HOH E .   ? HOH A 2231 . ? 1_555 ? 
20 AC2 17 HOH E .   ? HOH A 2283 . ? 8_456 ? 
21 AC2 17 HOH E .   ? HOH A 2296 . ? 1_555 ? 
22 AC3 8  ASN A 110 ? ASN A 1944 . ? 1_555 ? 
23 AC3 8  ILE A 116 ? ILE A 1950 . ? 1_555 ? 
24 AC3 8  EDO B .   ? EDO A 2001 . ? 1_555 ? 
25 AC3 8  MES C .   ? MES A 2002 . ? 1_555 ? 
26 AC3 8  HOH E .   ? HOH A 2101 . ? 1_555 ? 
27 AC3 8  HOH E .   ? HOH A 2140 . ? 1_555 ? 
28 AC3 8  HOH E .   ? HOH A 2231 . ? 1_555 ? 
29 AC3 8  HOH E .   ? HOH A 2296 . ? 1_555 ? 
# 
loop_
_pdbx_validate_close_contact.id 
_pdbx_validate_close_contact.PDB_model_num 
_pdbx_validate_close_contact.auth_atom_id_1 
_pdbx_validate_close_contact.auth_asym_id_1 
_pdbx_validate_close_contact.auth_comp_id_1 
_pdbx_validate_close_contact.auth_seq_id_1 
_pdbx_validate_close_contact.PDB_ins_code_1 
_pdbx_validate_close_contact.label_alt_id_1 
_pdbx_validate_close_contact.auth_atom_id_2 
_pdbx_validate_close_contact.auth_asym_id_2 
_pdbx_validate_close_contact.auth_comp_id_2 
_pdbx_validate_close_contact.auth_seq_id_2 
_pdbx_validate_close_contact.PDB_ins_code_2 
_pdbx_validate_close_contact.label_alt_id_2 
_pdbx_validate_close_contact.dist 
1 1 O05 A 53B 2003 ? D O A HOH 2101 ? ? 2.04 
2 1 OE1 A GLU 1945 ? A O A HOH 2102 ? ? 2.08 
3 1 O   A HOH 2228 ? ? O A HOH 2245 ? ? 2.13 
4 1 O   A HOH 2261 ? ? O A HOH 2285 ? ? 2.15 
5 1 O   A HOH 2278 ? ? O A HOH 2282 ? ? 2.18 
6 1 O   A HOH 2291 ? ? O A HOH 2300 ? ? 2.18 
7 1 O   A HOH 2118 ? ? O A HOH 2272 ? ? 2.18 
# 
_pdbx_validate_symm_contact.id                1 
_pdbx_validate_symm_contact.PDB_model_num     1 
_pdbx_validate_symm_contact.auth_atom_id_1    O 
_pdbx_validate_symm_contact.auth_asym_id_1    A 
_pdbx_validate_symm_contact.auth_comp_id_1    HOH 
_pdbx_validate_symm_contact.auth_seq_id_1     2106 
_pdbx_validate_symm_contact.PDB_ins_code_1    ? 
_pdbx_validate_symm_contact.label_alt_id_1    ? 
_pdbx_validate_symm_contact.site_symmetry_1   1_555 
_pdbx_validate_symm_contact.auth_atom_id_2    O 
_pdbx_validate_symm_contact.auth_asym_id_2    A 
_pdbx_validate_symm_contact.auth_comp_id_2    HOH 
_pdbx_validate_symm_contact.auth_seq_id_2     2189 
_pdbx_validate_symm_contact.PDB_ins_code_2    ? 
_pdbx_validate_symm_contact.label_alt_id_2    ? 
_pdbx_validate_symm_contact.site_symmetry_2   4_566 
_pdbx_validate_symm_contact.dist              2.10 
# 
_pdbx_struct_special_symmetry.id              1 
_pdbx_struct_special_symmetry.PDB_model_num   1 
_pdbx_struct_special_symmetry.auth_asym_id    A 
_pdbx_struct_special_symmetry.auth_comp_id    HOH 
_pdbx_struct_special_symmetry.auth_seq_id     2103 
_pdbx_struct_special_symmetry.PDB_ins_code    ? 
_pdbx_struct_special_symmetry.label_asym_id   E 
_pdbx_struct_special_symmetry.label_comp_id   HOH 
_pdbx_struct_special_symmetry.label_seq_id    . 
# 
_phasing.method   MR 
# 
_pdbx_entry_details.nonpolymer_details       
;<BAZ2BA-x509>
<used_for_statistical_map>yes</used_for_statistical_map>
<smiles_of_compound_added>c1cc(C(O)=O)nc(c1)O</smiles_of_compound_added>
<site1>
<label>None</label>
<coordinate>11.29 41.1 41.1</coordinate>
<smiles>c1cc(C(O)=O)nc(c1)O</smiles>
<confidence>4 - High Confidence</confidence>
<comment>None</comment>
<occupancy>0.76</occupancy>
<B_average>38.317</B_average>
<B_ratio>1.176537915846092</B_ratio>
<RSCC>0.96999999999999997</RSCC>
<RSR>0.092999999999999999</RSR>
<RSZD>1.7</RSZD>
<RMSD>0.4364855094960202</RMSD>
</site1>
</BAZ2BA-x509>
;
_pdbx_entry_details.entry_id                 5PBA 
_pdbx_entry_details.compound_details         ? 
_pdbx_entry_details.source_details           ? 
_pdbx_entry_details.sequence_details         ? 
_pdbx_entry_details.has_ligand_of_interest   ? 
# 
loop_
_pdbx_distant_solvent_atoms.id 
_pdbx_distant_solvent_atoms.PDB_model_num 
_pdbx_distant_solvent_atoms.auth_atom_id 
_pdbx_distant_solvent_atoms.label_alt_id 
_pdbx_distant_solvent_atoms.auth_asym_id 
_pdbx_distant_solvent_atoms.auth_comp_id 
_pdbx_distant_solvent_atoms.auth_seq_id 
_pdbx_distant_solvent_atoms.PDB_ins_code 
_pdbx_distant_solvent_atoms.neighbor_macromolecule_distance 
_pdbx_distant_solvent_atoms.neighbor_ligand_distance 
1 1 O ? A HOH 2303 ? 5.81 . 
2 1 O ? A HOH 2304 ? 5.95 . 
3 1 O ? A HOH 2305 ? 6.15 . 
4 1 O ? A HOH 2306 ? 6.62 . 
5 1 O ? A HOH 2307 ? 7.09 . 
6 1 O ? A HOH 2308 ? 7.44 . 
# 
loop_
_pdbx_unobs_or_zero_occ_residues.id 
_pdbx_unobs_or_zero_occ_residues.PDB_model_num 
_pdbx_unobs_or_zero_occ_residues.polymer_flag 
_pdbx_unobs_or_zero_occ_residues.occupancy_flag 
_pdbx_unobs_or_zero_occ_residues.auth_asym_id 
_pdbx_unobs_or_zero_occ_residues.auth_comp_id 
_pdbx_unobs_or_zero_occ_residues.auth_seq_id 
_pdbx_unobs_or_zero_occ_residues.PDB_ins_code 
_pdbx_unobs_or_zero_occ_residues.label_asym_id 
_pdbx_unobs_or_zero_occ_residues.label_comp_id 
_pdbx_unobs_or_zero_occ_residues.label_seq_id 
1  1 Y 1 A MET 1835 ? A MET 1   
2  1 Y 1 A HIS 1836 ? A HIS 2   
3  1 Y 1 A HIS 1837 ? A HIS 3   
4  1 Y 1 A HIS 1838 ? A HIS 4   
5  1 Y 1 A HIS 1839 ? A HIS 5   
6  1 Y 1 A HIS 1840 ? A HIS 6   
7  1 Y 1 A HIS 1841 ? A HIS 7   
8  1 Y 1 A SER 1842 ? A SER 8   
9  1 Y 1 A SER 1843 ? A SER 9   
10 1 Y 1 A GLY 1844 ? A GLY 10  
11 1 Y 1 A VAL 1845 ? A VAL 11  
12 1 Y 1 A ASP 1846 ? A ASP 12  
13 1 Y 1 A LEU 1847 ? A LEU 13  
14 1 Y 1 A GLY 1848 ? A GLY 14  
15 1 Y 1 A THR 1849 ? A THR 15  
16 1 Y 1 A GLU 1850 ? A GLU 16  
17 1 Y 1 A ASN 1851 ? A ASN 17  
18 1 Y 1 A LEU 1852 ? A LEU 18  
19 1 Y 1 A TYR 1853 ? A TYR 19  
20 1 Y 1 A PHE 1854 ? A PHE 20  
21 1 Y 1 A GLN 1855 ? A GLN 21  
22 1 Y 1 A VAL 1971 ? A VAL 137 
23 1 Y 1 A SER 1972 ? A SER 138 
# 
loop_
_chem_comp_atom.comp_id 
_chem_comp_atom.atom_id 
_chem_comp_atom.type_symbol 
_chem_comp_atom.pdbx_aromatic_flag 
_chem_comp_atom.pdbx_stereo_config 
_chem_comp_atom.pdbx_ordinal 
53B C01  C Y N 1   
53B C02  C Y N 2   
53B C03  C Y N 3   
53B C04  C N N 4   
53B O05  O N N 5   
53B O06  O N N 6   
53B N07  N Y N 7   
53B C08  C Y N 8   
53B C09  C Y N 9   
53B O10  O N N 10  
53B H011 H N N 11  
53B H021 H N N 12  
53B H1   H N N 13  
53B H091 H N N 14  
53B H101 H N N 15  
ALA N    N N N 16  
ALA CA   C N S 17  
ALA C    C N N 18  
ALA O    O N N 19  
ALA CB   C N N 20  
ALA OXT  O N N 21  
ALA H    H N N 22  
ALA H2   H N N 23  
ALA HA   H N N 24  
ALA HB1  H N N 25  
ALA HB2  H N N 26  
ALA HB3  H N N 27  
ALA HXT  H N N 28  
ARG N    N N N 29  
ARG CA   C N S 30  
ARG C    C N N 31  
ARG O    O N N 32  
ARG CB   C N N 33  
ARG CG   C N N 34  
ARG CD   C N N 35  
ARG NE   N N N 36  
ARG CZ   C N N 37  
ARG NH1  N N N 38  
ARG NH2  N N N 39  
ARG OXT  O N N 40  
ARG H    H N N 41  
ARG H2   H N N 42  
ARG HA   H N N 43  
ARG HB2  H N N 44  
ARG HB3  H N N 45  
ARG HG2  H N N 46  
ARG HG3  H N N 47  
ARG HD2  H N N 48  
ARG HD3  H N N 49  
ARG HE   H N N 50  
ARG HH11 H N N 51  
ARG HH12 H N N 52  
ARG HH21 H N N 53  
ARG HH22 H N N 54  
ARG HXT  H N N 55  
ASN N    N N N 56  
ASN CA   C N S 57  
ASN C    C N N 58  
ASN O    O N N 59  
ASN CB   C N N 60  
ASN CG   C N N 61  
ASN OD1  O N N 62  
ASN ND2  N N N 63  
ASN OXT  O N N 64  
ASN H    H N N 65  
ASN H2   H N N 66  
ASN HA   H N N 67  
ASN HB2  H N N 68  
ASN HB3  H N N 69  
ASN HD21 H N N 70  
ASN HD22 H N N 71  
ASN HXT  H N N 72  
ASP N    N N N 73  
ASP CA   C N S 74  
ASP C    C N N 75  
ASP O    O N N 76  
ASP CB   C N N 77  
ASP CG   C N N 78  
ASP OD1  O N N 79  
ASP OD2  O N N 80  
ASP OXT  O N N 81  
ASP H    H N N 82  
ASP H2   H N N 83  
ASP HA   H N N 84  
ASP HB2  H N N 85  
ASP HB3  H N N 86  
ASP HD2  H N N 87  
ASP HXT  H N N 88  
CYS N    N N N 89  
CYS CA   C N R 90  
CYS C    C N N 91  
CYS O    O N N 92  
CYS CB   C N N 93  
CYS SG   S N N 94  
CYS OXT  O N N 95  
CYS H    H N N 96  
CYS H2   H N N 97  
CYS HA   H N N 98  
CYS HB2  H N N 99  
CYS HB3  H N N 100 
CYS HG   H N N 101 
CYS HXT  H N N 102 
EDO C1   C N N 103 
EDO O1   O N N 104 
EDO C2   C N N 105 
EDO O2   O N N 106 
EDO H11  H N N 107 
EDO H12  H N N 108 
EDO HO1  H N N 109 
EDO H21  H N N 110 
EDO H22  H N N 111 
EDO HO2  H N N 112 
GLN N    N N N 113 
GLN CA   C N S 114 
GLN C    C N N 115 
GLN O    O N N 116 
GLN CB   C N N 117 
GLN CG   C N N 118 
GLN CD   C N N 119 
GLN OE1  O N N 120 
GLN NE2  N N N 121 
GLN OXT  O N N 122 
GLN H    H N N 123 
GLN H2   H N N 124 
GLN HA   H N N 125 
GLN HB2  H N N 126 
GLN HB3  H N N 127 
GLN HG2  H N N 128 
GLN HG3  H N N 129 
GLN HE21 H N N 130 
GLN HE22 H N N 131 
GLN HXT  H N N 132 
GLU N    N N N 133 
GLU CA   C N S 134 
GLU C    C N N 135 
GLU O    O N N 136 
GLU CB   C N N 137 
GLU CG   C N N 138 
GLU CD   C N N 139 
GLU OE1  O N N 140 
GLU OE2  O N N 141 
GLU OXT  O N N 142 
GLU H    H N N 143 
GLU H2   H N N 144 
GLU HA   H N N 145 
GLU HB2  H N N 146 
GLU HB3  H N N 147 
GLU HG2  H N N 148 
GLU HG3  H N N 149 
GLU HE2  H N N 150 
GLU HXT  H N N 151 
GLY N    N N N 152 
GLY CA   C N N 153 
GLY C    C N N 154 
GLY O    O N N 155 
GLY OXT  O N N 156 
GLY H    H N N 157 
GLY H2   H N N 158 
GLY HA2  H N N 159 
GLY HA3  H N N 160 
GLY HXT  H N N 161 
HIS N    N N N 162 
HIS CA   C N S 163 
HIS C    C N N 164 
HIS O    O N N 165 
HIS CB   C N N 166 
HIS CG   C Y N 167 
HIS ND1  N Y N 168 
HIS CD2  C Y N 169 
HIS CE1  C Y N 170 
HIS NE2  N Y N 171 
HIS OXT  O N N 172 
HIS H    H N N 173 
HIS H2   H N N 174 
HIS HA   H N N 175 
HIS HB2  H N N 176 
HIS HB3  H N N 177 
HIS HD1  H N N 178 
HIS HD2  H N N 179 
HIS HE1  H N N 180 
HIS HE2  H N N 181 
HIS HXT  H N N 182 
HOH O    O N N 183 
HOH H1   H N N 184 
HOH H2   H N N 185 
ILE N    N N N 186 
ILE CA   C N S 187 
ILE C    C N N 188 
ILE O    O N N 189 
ILE CB   C N S 190 
ILE CG1  C N N 191 
ILE CG2  C N N 192 
ILE CD1  C N N 193 
ILE OXT  O N N 194 
ILE H    H N N 195 
ILE H2   H N N 196 
ILE HA   H N N 197 
ILE HB   H N N 198 
ILE HG12 H N N 199 
ILE HG13 H N N 200 
ILE HG21 H N N 201 
ILE HG22 H N N 202 
ILE HG23 H N N 203 
ILE HD11 H N N 204 
ILE HD12 H N N 205 
ILE HD13 H N N 206 
ILE HXT  H N N 207 
LEU N    N N N 208 
LEU CA   C N S 209 
LEU C    C N N 210 
LEU O    O N N 211 
LEU CB   C N N 212 
LEU CG   C N N 213 
LEU CD1  C N N 214 
LEU CD2  C N N 215 
LEU OXT  O N N 216 
LEU H    H N N 217 
LEU H2   H N N 218 
LEU HA   H N N 219 
LEU HB2  H N N 220 
LEU HB3  H N N 221 
LEU HG   H N N 222 
LEU HD11 H N N 223 
LEU HD12 H N N 224 
LEU HD13 H N N 225 
LEU HD21 H N N 226 
LEU HD22 H N N 227 
LEU HD23 H N N 228 
LEU HXT  H N N 229 
LYS N    N N N 230 
LYS CA   C N S 231 
LYS C    C N N 232 
LYS O    O N N 233 
LYS CB   C N N 234 
LYS CG   C N N 235 
LYS CD   C N N 236 
LYS CE   C N N 237 
LYS NZ   N N N 238 
LYS OXT  O N N 239 
LYS H    H N N 240 
LYS H2   H N N 241 
LYS HA   H N N 242 
LYS HB2  H N N 243 
LYS HB3  H N N 244 
LYS HG2  H N N 245 
LYS HG3  H N N 246 
LYS HD2  H N N 247 
LYS HD3  H N N 248 
LYS HE2  H N N 249 
LYS HE3  H N N 250 
LYS HZ1  H N N 251 
LYS HZ2  H N N 252 
LYS HZ3  H N N 253 
LYS HXT  H N N 254 
MES O1   O N N 255 
MES C2   C N N 256 
MES C3   C N N 257 
MES N4   N N N 258 
MES C5   C N N 259 
MES C6   C N N 260 
MES C7   C N N 261 
MES C8   C N N 262 
MES S    S N N 263 
MES O1S  O N N 264 
MES O2S  O N N 265 
MES O3S  O N N 266 
MES H21  H N N 267 
MES H22  H N N 268 
MES H31  H N N 269 
MES H32  H N N 270 
MES HN4  H N N 271 
MES H51  H N N 272 
MES H52  H N N 273 
MES H61  H N N 274 
MES H62  H N N 275 
MES H71  H N N 276 
MES H72  H N N 277 
MES H81  H N N 278 
MES H82  H N N 279 
MET N    N N N 280 
MET CA   C N S 281 
MET C    C N N 282 
MET O    O N N 283 
MET CB   C N N 284 
MET CG   C N N 285 
MET SD   S N N 286 
MET CE   C N N 287 
MET OXT  O N N 288 
MET H    H N N 289 
MET H2   H N N 290 
MET HA   H N N 291 
MET HB2  H N N 292 
MET HB3  H N N 293 
MET HG2  H N N 294 
MET HG3  H N N 295 
MET HE1  H N N 296 
MET HE2  H N N 297 
MET HE3  H N N 298 
MET HXT  H N N 299 
PHE N    N N N 300 
PHE CA   C N S 301 
PHE C    C N N 302 
PHE O    O N N 303 
PHE CB   C N N 304 
PHE CG   C Y N 305 
PHE CD1  C Y N 306 
PHE CD2  C Y N 307 
PHE CE1  C Y N 308 
PHE CE2  C Y N 309 
PHE CZ   C Y N 310 
PHE OXT  O N N 311 
PHE H    H N N 312 
PHE H2   H N N 313 
PHE HA   H N N 314 
PHE HB2  H N N 315 
PHE HB3  H N N 316 
PHE HD1  H N N 317 
PHE HD2  H N N 318 
PHE HE1  H N N 319 
PHE HE2  H N N 320 
PHE HZ   H N N 321 
PHE HXT  H N N 322 
PRO N    N N N 323 
PRO CA   C N S 324 
PRO C    C N N 325 
PRO O    O N N 326 
PRO CB   C N N 327 
PRO CG   C N N 328 
PRO CD   C N N 329 
PRO OXT  O N N 330 
PRO H    H N N 331 
PRO HA   H N N 332 
PRO HB2  H N N 333 
PRO HB3  H N N 334 
PRO HG2  H N N 335 
PRO HG3  H N N 336 
PRO HD2  H N N 337 
PRO HD3  H N N 338 
PRO HXT  H N N 339 
SER N    N N N 340 
SER CA   C N S 341 
SER C    C N N 342 
SER O    O N N 343 
SER CB   C N N 344 
SER OG   O N N 345 
SER OXT  O N N 346 
SER H    H N N 347 
SER H2   H N N 348 
SER HA   H N N 349 
SER HB2  H N N 350 
SER HB3  H N N 351 
SER HG   H N N 352 
SER HXT  H N N 353 
THR N    N N N 354 
THR CA   C N S 355 
THR C    C N N 356 
THR O    O N N 357 
THR CB   C N R 358 
THR OG1  O N N 359 
THR CG2  C N N 360 
THR OXT  O N N 361 
THR H    H N N 362 
THR H2   H N N 363 
THR HA   H N N 364 
THR HB   H N N 365 
THR HG1  H N N 366 
THR HG21 H N N 367 
THR HG22 H N N 368 
THR HG23 H N N 369 
THR HXT  H N N 370 
TRP N    N N N 371 
TRP CA   C N S 372 
TRP C    C N N 373 
TRP O    O N N 374 
TRP CB   C N N 375 
TRP CG   C Y N 376 
TRP CD1  C Y N 377 
TRP CD2  C Y N 378 
TRP NE1  N Y N 379 
TRP CE2  C Y N 380 
TRP CE3  C Y N 381 
TRP CZ2  C Y N 382 
TRP CZ3  C Y N 383 
TRP CH2  C Y N 384 
TRP OXT  O N N 385 
TRP H    H N N 386 
TRP H2   H N N 387 
TRP HA   H N N 388 
TRP HB2  H N N 389 
TRP HB3  H N N 390 
TRP HD1  H N N 391 
TRP HE1  H N N 392 
TRP HE3  H N N 393 
TRP HZ2  H N N 394 
TRP HZ3  H N N 395 
TRP HH2  H N N 396 
TRP HXT  H N N 397 
TYR N    N N N 398 
TYR CA   C N S 399 
TYR C    C N N 400 
TYR O    O N N 401 
TYR CB   C N N 402 
TYR CG   C Y N 403 
TYR CD1  C Y N 404 
TYR CD2  C Y N 405 
TYR CE1  C Y N 406 
TYR CE2  C Y N 407 
TYR CZ   C Y N 408 
TYR OH   O N N 409 
TYR OXT  O N N 410 
TYR H    H N N 411 
TYR H2   H N N 412 
TYR HA   H N N 413 
TYR HB2  H N N 414 
TYR HB3  H N N 415 
TYR HD1  H N N 416 
TYR HD2  H N N 417 
TYR HE1  H N N 418 
TYR HE2  H N N 419 
TYR HH   H N N 420 
TYR HXT  H N N 421 
VAL N    N N N 422 
VAL CA   C N S 423 
VAL C    C N N 424 
VAL O    O N N 425 
VAL CB   C N N 426 
VAL CG1  C N N 427 
VAL CG2  C N N 428 
VAL OXT  O N N 429 
VAL H    H N N 430 
VAL H2   H N N 431 
VAL HA   H N N 432 
VAL HB   H N N 433 
VAL HG11 H N N 434 
VAL HG12 H N N 435 
VAL HG13 H N N 436 
VAL HG21 H N N 437 
VAL HG22 H N N 438 
VAL HG23 H N N 439 
VAL HXT  H N N 440 
# 
loop_
_chem_comp_bond.comp_id 
_chem_comp_bond.atom_id_1 
_chem_comp_bond.atom_id_2 
_chem_comp_bond.value_order 
_chem_comp_bond.pdbx_aromatic_flag 
_chem_comp_bond.pdbx_stereo_config 
_chem_comp_bond.pdbx_ordinal 
53B C01 C09  doub Y N 1   
53B C01 C02  sing Y N 2   
53B C09 C08  sing Y N 3   
53B C02 C03  doub Y N 4   
53B C08 O10  sing N N 5   
53B C08 N07  doub Y N 6   
53B C03 N07  sing Y N 7   
53B C03 C04  sing N N 8   
53B C04 O05  doub N N 9   
53B C04 O06  sing N N 10  
53B C01 H011 sing N N 11  
53B C02 H021 sing N N 12  
53B O06 H1   sing N N 13  
53B C09 H091 sing N N 14  
53B O10 H101 sing N N 15  
ALA N   CA   sing N N 16  
ALA N   H    sing N N 17  
ALA N   H2   sing N N 18  
ALA CA  C    sing N N 19  
ALA CA  CB   sing N N 20  
ALA CA  HA   sing N N 21  
ALA C   O    doub N N 22  
ALA C   OXT  sing N N 23  
ALA CB  HB1  sing N N 24  
ALA CB  HB2  sing N N 25  
ALA CB  HB3  sing N N 26  
ALA OXT HXT  sing N N 27  
ARG N   CA   sing N N 28  
ARG N   H    sing N N 29  
ARG N   H2   sing N N 30  
ARG CA  C    sing N N 31  
ARG CA  CB   sing N N 32  
ARG CA  HA   sing N N 33  
ARG C   O    doub N N 34  
ARG C   OXT  sing N N 35  
ARG CB  CG   sing N N 36  
ARG CB  HB2  sing N N 37  
ARG CB  HB3  sing N N 38  
ARG CG  CD   sing N N 39  
ARG CG  HG2  sing N N 40  
ARG CG  HG3  sing N N 41  
ARG CD  NE   sing N N 42  
ARG CD  HD2  sing N N 43  
ARG CD  HD3  sing N N 44  
ARG NE  CZ   sing N N 45  
ARG NE  HE   sing N N 46  
ARG CZ  NH1  sing N N 47  
ARG CZ  NH2  doub N N 48  
ARG NH1 HH11 sing N N 49  
ARG NH1 HH12 sing N N 50  
ARG NH2 HH21 sing N N 51  
ARG NH2 HH22 sing N N 52  
ARG OXT HXT  sing N N 53  
ASN N   CA   sing N N 54  
ASN N   H    sing N N 55  
ASN N   H2   sing N N 56  
ASN CA  C    sing N N 57  
ASN CA  CB   sing N N 58  
ASN CA  HA   sing N N 59  
ASN C   O    doub N N 60  
ASN C   OXT  sing N N 61  
ASN CB  CG   sing N N 62  
ASN CB  HB2  sing N N 63  
ASN CB  HB3  sing N N 64  
ASN CG  OD1  doub N N 65  
ASN CG  ND2  sing N N 66  
ASN ND2 HD21 sing N N 67  
ASN ND2 HD22 sing N N 68  
ASN OXT HXT  sing N N 69  
ASP N   CA   sing N N 70  
ASP N   H    sing N N 71  
ASP N   H2   sing N N 72  
ASP CA  C    sing N N 73  
ASP CA  CB   sing N N 74  
ASP CA  HA   sing N N 75  
ASP C   O    doub N N 76  
ASP C   OXT  sing N N 77  
ASP CB  CG   sing N N 78  
ASP CB  HB2  sing N N 79  
ASP CB  HB3  sing N N 80  
ASP CG  OD1  doub N N 81  
ASP CG  OD2  sing N N 82  
ASP OD2 HD2  sing N N 83  
ASP OXT HXT  sing N N 84  
CYS N   CA   sing N N 85  
CYS N   H    sing N N 86  
CYS N   H2   sing N N 87  
CYS CA  C    sing N N 88  
CYS CA  CB   sing N N 89  
CYS CA  HA   sing N N 90  
CYS C   O    doub N N 91  
CYS C   OXT  sing N N 92  
CYS CB  SG   sing N N 93  
CYS CB  HB2  sing N N 94  
CYS CB  HB3  sing N N 95  
CYS SG  HG   sing N N 96  
CYS OXT HXT  sing N N 97  
EDO C1  O1   sing N N 98  
EDO C1  C2   sing N N 99  
EDO C1  H11  sing N N 100 
EDO C1  H12  sing N N 101 
EDO O1  HO1  sing N N 102 
EDO C2  O2   sing N N 103 
EDO C2  H21  sing N N 104 
EDO C2  H22  sing N N 105 
EDO O2  HO2  sing N N 106 
GLN N   CA   sing N N 107 
GLN N   H    sing N N 108 
GLN N   H2   sing N N 109 
GLN CA  C    sing N N 110 
GLN CA  CB   sing N N 111 
GLN CA  HA   sing N N 112 
GLN C   O    doub N N 113 
GLN C   OXT  sing N N 114 
GLN CB  CG   sing N N 115 
GLN CB  HB2  sing N N 116 
GLN CB  HB3  sing N N 117 
GLN CG  CD   sing N N 118 
GLN CG  HG2  sing N N 119 
GLN CG  HG3  sing N N 120 
GLN CD  OE1  doub N N 121 
GLN CD  NE2  sing N N 122 
GLN NE2 HE21 sing N N 123 
GLN NE2 HE22 sing N N 124 
GLN OXT HXT  sing N N 125 
GLU N   CA   sing N N 126 
GLU N   H    sing N N 127 
GLU N   H2   sing N N 128 
GLU CA  C    sing N N 129 
GLU CA  CB   sing N N 130 
GLU CA  HA   sing N N 131 
GLU C   O    doub N N 132 
GLU C   OXT  sing N N 133 
GLU CB  CG   sing N N 134 
GLU CB  HB2  sing N N 135 
GLU CB  HB3  sing N N 136 
GLU CG  CD   sing N N 137 
GLU CG  HG2  sing N N 138 
GLU CG  HG3  sing N N 139 
GLU CD  OE1  doub N N 140 
GLU CD  OE2  sing N N 141 
GLU OE2 HE2  sing N N 142 
GLU OXT HXT  sing N N 143 
GLY N   CA   sing N N 144 
GLY N   H    sing N N 145 
GLY N   H2   sing N N 146 
GLY CA  C    sing N N 147 
GLY CA  HA2  sing N N 148 
GLY CA  HA3  sing N N 149 
GLY C   O    doub N N 150 
GLY C   OXT  sing N N 151 
GLY OXT HXT  sing N N 152 
HIS N   CA   sing N N 153 
HIS N   H    sing N N 154 
HIS N   H2   sing N N 155 
HIS CA  C    sing N N 156 
HIS CA  CB   sing N N 157 
HIS CA  HA   sing N N 158 
HIS C   O    doub N N 159 
HIS C   OXT  sing N N 160 
HIS CB  CG   sing N N 161 
HIS CB  HB2  sing N N 162 
HIS CB  HB3  sing N N 163 
HIS CG  ND1  sing Y N 164 
HIS CG  CD2  doub Y N 165 
HIS ND1 CE1  doub Y N 166 
HIS ND1 HD1  sing N N 167 
HIS CD2 NE2  sing Y N 168 
HIS CD2 HD2  sing N N 169 
HIS CE1 NE2  sing Y N 170 
HIS CE1 HE1  sing N N 171 
HIS NE2 HE2  sing N N 172 
HIS OXT HXT  sing N N 173 
HOH O   H1   sing N N 174 
HOH O   H2   sing N N 175 
ILE N   CA   sing N N 176 
ILE N   H    sing N N 177 
ILE N   H2   sing N N 178 
ILE CA  C    sing N N 179 
ILE CA  CB   sing N N 180 
ILE CA  HA   sing N N 181 
ILE C   O    doub N N 182 
ILE C   OXT  sing N N 183 
ILE CB  CG1  sing N N 184 
ILE CB  CG2  sing N N 185 
ILE CB  HB   sing N N 186 
ILE CG1 CD1  sing N N 187 
ILE CG1 HG12 sing N N 188 
ILE CG1 HG13 sing N N 189 
ILE CG2 HG21 sing N N 190 
ILE CG2 HG22 sing N N 191 
ILE CG2 HG23 sing N N 192 
ILE CD1 HD11 sing N N 193 
ILE CD1 HD12 sing N N 194 
ILE CD1 HD13 sing N N 195 
ILE OXT HXT  sing N N 196 
LEU N   CA   sing N N 197 
LEU N   H    sing N N 198 
LEU N   H2   sing N N 199 
LEU CA  C    sing N N 200 
LEU CA  CB   sing N N 201 
LEU CA  HA   sing N N 202 
LEU C   O    doub N N 203 
LEU C   OXT  sing N N 204 
LEU CB  CG   sing N N 205 
LEU CB  HB2  sing N N 206 
LEU CB  HB3  sing N N 207 
LEU CG  CD1  sing N N 208 
LEU CG  CD2  sing N N 209 
LEU CG  HG   sing N N 210 
LEU CD1 HD11 sing N N 211 
LEU CD1 HD12 sing N N 212 
LEU CD1 HD13 sing N N 213 
LEU CD2 HD21 sing N N 214 
LEU CD2 HD22 sing N N 215 
LEU CD2 HD23 sing N N 216 
LEU OXT HXT  sing N N 217 
LYS N   CA   sing N N 218 
LYS N   H    sing N N 219 
LYS N   H2   sing N N 220 
LYS CA  C    sing N N 221 
LYS CA  CB   sing N N 222 
LYS CA  HA   sing N N 223 
LYS C   O    doub N N 224 
LYS C   OXT  sing N N 225 
LYS CB  CG   sing N N 226 
LYS CB  HB2  sing N N 227 
LYS CB  HB3  sing N N 228 
LYS CG  CD   sing N N 229 
LYS CG  HG2  sing N N 230 
LYS CG  HG3  sing N N 231 
LYS CD  CE   sing N N 232 
LYS CD  HD2  sing N N 233 
LYS CD  HD3  sing N N 234 
LYS CE  NZ   sing N N 235 
LYS CE  HE2  sing N N 236 
LYS CE  HE3  sing N N 237 
LYS NZ  HZ1  sing N N 238 
LYS NZ  HZ2  sing N N 239 
LYS NZ  HZ3  sing N N 240 
LYS OXT HXT  sing N N 241 
MES O1  C2   sing N N 242 
MES O1  C6   sing N N 243 
MES C2  C3   sing N N 244 
MES C2  H21  sing N N 245 
MES C2  H22  sing N N 246 
MES C3  N4   sing N N 247 
MES C3  H31  sing N N 248 
MES C3  H32  sing N N 249 
MES N4  C5   sing N N 250 
MES N4  C7   sing N N 251 
MES N4  HN4  sing N N 252 
MES C5  C6   sing N N 253 
MES C5  H51  sing N N 254 
MES C5  H52  sing N N 255 
MES C6  H61  sing N N 256 
MES C6  H62  sing N N 257 
MES C7  C8   sing N N 258 
MES C7  H71  sing N N 259 
MES C7  H72  sing N N 260 
MES C8  S    sing N N 261 
MES C8  H81  sing N N 262 
MES C8  H82  sing N N 263 
MES S   O1S  doub N N 264 
MES S   O2S  doub N N 265 
MES S   O3S  sing N N 266 
MET N   CA   sing N N 267 
MET N   H    sing N N 268 
MET N   H2   sing N N 269 
MET CA  C    sing N N 270 
MET CA  CB   sing N N 271 
MET CA  HA   sing N N 272 
MET C   O    doub N N 273 
MET C   OXT  sing N N 274 
MET CB  CG   sing N N 275 
MET CB  HB2  sing N N 276 
MET CB  HB3  sing N N 277 
MET CG  SD   sing N N 278 
MET CG  HG2  sing N N 279 
MET CG  HG3  sing N N 280 
MET SD  CE   sing N N 281 
MET CE  HE1  sing N N 282 
MET CE  HE2  sing N N 283 
MET CE  HE3  sing N N 284 
MET OXT HXT  sing N N 285 
PHE N   CA   sing N N 286 
PHE N   H    sing N N 287 
PHE N   H2   sing N N 288 
PHE CA  C    sing N N 289 
PHE CA  CB   sing N N 290 
PHE CA  HA   sing N N 291 
PHE C   O    doub N N 292 
PHE C   OXT  sing N N 293 
PHE CB  CG   sing N N 294 
PHE CB  HB2  sing N N 295 
PHE CB  HB3  sing N N 296 
PHE CG  CD1  doub Y N 297 
PHE CG  CD2  sing Y N 298 
PHE CD1 CE1  sing Y N 299 
PHE CD1 HD1  sing N N 300 
PHE CD2 CE2  doub Y N 301 
PHE CD2 HD2  sing N N 302 
PHE CE1 CZ   doub Y N 303 
PHE CE1 HE1  sing N N 304 
PHE CE2 CZ   sing Y N 305 
PHE CE2 HE2  sing N N 306 
PHE CZ  HZ   sing N N 307 
PHE OXT HXT  sing N N 308 
PRO N   CA   sing N N 309 
PRO N   CD   sing N N 310 
PRO N   H    sing N N 311 
PRO CA  C    sing N N 312 
PRO CA  CB   sing N N 313 
PRO CA  HA   sing N N 314 
PRO C   O    doub N N 315 
PRO C   OXT  sing N N 316 
PRO CB  CG   sing N N 317 
PRO CB  HB2  sing N N 318 
PRO CB  HB3  sing N N 319 
PRO CG  CD   sing N N 320 
PRO CG  HG2  sing N N 321 
PRO CG  HG3  sing N N 322 
PRO CD  HD2  sing N N 323 
PRO CD  HD3  sing N N 324 
PRO OXT HXT  sing N N 325 
SER N   CA   sing N N 326 
SER N   H    sing N N 327 
SER N   H2   sing N N 328 
SER CA  C    sing N N 329 
SER CA  CB   sing N N 330 
SER CA  HA   sing N N 331 
SER C   O    doub N N 332 
SER C   OXT  sing N N 333 
SER CB  OG   sing N N 334 
SER CB  HB2  sing N N 335 
SER CB  HB3  sing N N 336 
SER OG  HG   sing N N 337 
SER OXT HXT  sing N N 338 
THR N   CA   sing N N 339 
THR N   H    sing N N 340 
THR N   H2   sing N N 341 
THR CA  C    sing N N 342 
THR CA  CB   sing N N 343 
THR CA  HA   sing N N 344 
THR C   O    doub N N 345 
THR C   OXT  sing N N 346 
THR CB  OG1  sing N N 347 
THR CB  CG2  sing N N 348 
THR CB  HB   sing N N 349 
THR OG1 HG1  sing N N 350 
THR CG2 HG21 sing N N 351 
THR CG2 HG22 sing N N 352 
THR CG2 HG23 sing N N 353 
THR OXT HXT  sing N N 354 
TRP N   CA   sing N N 355 
TRP N   H    sing N N 356 
TRP N   H2   sing N N 357 
TRP CA  C    sing N N 358 
TRP CA  CB   sing N N 359 
TRP CA  HA   sing N N 360 
TRP C   O    doub N N 361 
TRP C   OXT  sing N N 362 
TRP CB  CG   sing N N 363 
TRP CB  HB2  sing N N 364 
TRP CB  HB3  sing N N 365 
TRP CG  CD1  doub Y N 366 
TRP CG  CD2  sing Y N 367 
TRP CD1 NE1  sing Y N 368 
TRP CD1 HD1  sing N N 369 
TRP CD2 CE2  doub Y N 370 
TRP CD2 CE3  sing Y N 371 
TRP NE1 CE2  sing Y N 372 
TRP NE1 HE1  sing N N 373 
TRP CE2 CZ2  sing Y N 374 
TRP CE3 CZ3  doub Y N 375 
TRP CE3 HE3  sing N N 376 
TRP CZ2 CH2  doub Y N 377 
TRP CZ2 HZ2  sing N N 378 
TRP CZ3 CH2  sing Y N 379 
TRP CZ3 HZ3  sing N N 380 
TRP CH2 HH2  sing N N 381 
TRP OXT HXT  sing N N 382 
TYR N   CA   sing N N 383 
TYR N   H    sing N N 384 
TYR N   H2   sing N N 385 
TYR CA  C    sing N N 386 
TYR CA  CB   sing N N 387 
TYR CA  HA   sing N N 388 
TYR C   O    doub N N 389 
TYR C   OXT  sing N N 390 
TYR CB  CG   sing N N 391 
TYR CB  HB2  sing N N 392 
TYR CB  HB3  sing N N 393 
TYR CG  CD1  doub Y N 394 
TYR CG  CD2  sing Y N 395 
TYR CD1 CE1  sing Y N 396 
TYR CD1 HD1  sing N N 397 
TYR CD2 CE2  doub Y N 398 
TYR CD2 HD2  sing N N 399 
TYR CE1 CZ   doub Y N 400 
TYR CE1 HE1  sing N N 401 
TYR CE2 CZ   sing Y N 402 
TYR CE2 HE2  sing N N 403 
TYR CZ  OH   sing N N 404 
TYR OH  HH   sing N N 405 
TYR OXT HXT  sing N N 406 
VAL N   CA   sing N N 407 
VAL N   H    sing N N 408 
VAL N   H2   sing N N 409 
VAL CA  C    sing N N 410 
VAL CA  CB   sing N N 411 
VAL CA  HA   sing N N 412 
VAL C   O    doub N N 413 
VAL C   OXT  sing N N 414 
VAL CB  CG1  sing N N 415 
VAL CB  CG2  sing N N 416 
VAL CB  HB   sing N N 417 
VAL CG1 HG11 sing N N 418 
VAL CG1 HG12 sing N N 419 
VAL CG1 HG13 sing N N 420 
VAL CG2 HG21 sing N N 421 
VAL CG2 HG22 sing N N 422 
VAL CG2 HG23 sing N N 423 
VAL OXT HXT  sing N N 424 
# 
_pdbx_deposit_group.group_id            G_1002018 
_pdbx_deposit_group.group_description   
;bromodomain of human BAZ2B screened against the ZENOBIA Fragment Library by X-ray Crystallography at the XChem
facility of Diamond Light Source beamline I04-1. Check out the PanDDA event maps at
https://zenodo.org/record/290199/files/0_index.html
;
_pdbx_deposit_group.group_title         'PanDDA analysis group deposition of models with modelled events (e.g. bound ligands)' 
_pdbx_deposit_group.group_type          'changed state' 
# 
_atom_sites.entry_id                    5PBA 
_atom_sites.fract_transf_matrix[1][1]   -0.00390756 
_atom_sites.fract_transf_matrix[1][2]   0.01155660 
_atom_sites.fract_transf_matrix[1][3]   0.00233606 
_atom_sites.fract_transf_matrix[2][1]   -0.00368004 
_atom_sites.fract_transf_matrix[2][2]   -0.00308744 
_atom_sites.fract_transf_matrix[2][3]   0.00911804 
_atom_sites.fract_transf_matrix[3][1]   0.01511075 
_atom_sites.fract_transf_matrix[3][2]   0.00362817 
_atom_sites.fract_transf_matrix[3][3]   0.00732723 
_atom_sites.fract_transf_vector[1]      0.293112 
_atom_sites.fract_transf_vector[2]      0.288444 
_atom_sites.fract_transf_vector[3]      0.461060 
# 
loop_
_atom_type.symbol 
C 
H 
N 
O 
S 
# 
loop_
_atom_site.group_PDB 
_atom_site.id 
_atom_site.type_symbol 
_atom_site.label_atom_id 
_atom_site.label_alt_id 
_atom_site.label_comp_id 
_atom_site.label_asym_id 
_atom_site.label_entity_id 
_atom_site.label_seq_id 
_atom_site.pdbx_PDB_ins_code 
_atom_site.Cartn_x 
_atom_site.Cartn_y 
_atom_site.Cartn_z 
_atom_site.occupancy 
_atom_site.B_iso_or_equiv 
_atom_site.pdbx_formal_charge 
_atom_site.auth_seq_id 
_atom_site.auth_comp_id 
_atom_site.auth_asym_id 
_atom_site.auth_atom_id 
_atom_site.pdbx_PDB_model_num 
ATOM   1    N N    . SER A 1 22  ? -14.032 25.824  -7.066  1.00 41.71  ? 1856 SER A N    1 
ATOM   2    C CA   . SER A 1 22  ? -15.483 25.824  -6.937  1.00 45.29  ? 1856 SER A CA   1 
ATOM   3    C C    . SER A 1 22  ? -16.102 25.970  -8.335  1.00 46.14  ? 1856 SER A C    1 
ATOM   4    O O    . SER A 1 22  ? -15.380 25.956  -9.332  1.00 44.32  ? 1856 SER A O    1 
ATOM   5    C CB   . SER A 1 22  ? -15.940 26.947  -6.002  1.00 33.82  ? 1856 SER A CB   1 
ATOM   6    O OG   . SER A 1 22  ? -15.897 28.187  -6.677  1.00 35.36  ? 1856 SER A OG   1 
ATOM   7    N N    . MET A 1 23  ? -17.427 26.113  -8.409  1.00 40.40  ? 1857 MET A N    1 
ATOM   8    C CA   . MET A 1 23  ? -18.137 26.105  -9.686  1.00 39.66  ? 1857 MET A CA   1 
ATOM   9    C C    . MET A 1 23  ? -17.534 27.082  -10.693 1.00 42.92  ? 1857 MET A C    1 
ATOM   10   O O    . MET A 1 23  ? -17.486 28.290  -10.453 1.00 41.90  ? 1857 MET A O    1 
ATOM   11   C CB   . MET A 1 23  ? -19.620 26.421  -9.475  1.00 44.27  ? 1857 MET A CB   1 
ATOM   12   C CG   . MET A 1 23  ? -20.561 25.587  -10.312 1.00 37.43  ? 1857 MET A CG   1 
ATOM   13   S SD   . MET A 1 23  ? -22.292 26.105  -10.196 1.00 33.44  ? 1857 MET A SD   1 
ATOM   14   C CE   . MET A 1 23  ? -22.509 26.416  -8.449  1.00 34.61  ? 1857 MET A CE   1 
ATOM   15   N N    . SER A 1 24  ? -17.056 26.538  -11.814 1.00 51.57  ? 1858 SER A N    1 
ATOM   16   C CA   . SER A 1 24  ? -16.441 27.330  -12.885 1.00 44.00  ? 1858 SER A CA   1 
ATOM   17   C C    . SER A 1 24  ? -15.152 28.046  -12.437 1.00 44.50  ? 1858 SER A C    1 
ATOM   18   O O    . SER A 1 24  ? -14.757 29.087  -12.977 1.00 44.00  ? 1858 SER A O    1 
ATOM   19   C CB   . SER A 1 24  ? -17.452 28.332  -13.432 1.00 48.79  ? 1858 SER A CB   1 
ATOM   20   O OG   . SER A 1 24  ? -18.627 27.646  -13.841 1.00 46.88  ? 1858 SER A OG   1 
ATOM   21   N N    . VAL A 1 25  ? -14.503 27.466  -11.438 1.00 43.97  ? 1859 VAL A N    1 
ATOM   22   C CA   . VAL A 1 25  ? -13.224 27.956  -10.957 1.00 45.94  ? 1859 VAL A CA   1 
ATOM   23   C C    . VAL A 1 25  ? -12.363 26.744  -10.693 1.00 42.84  ? 1859 VAL A C    1 
ATOM   24   O O    . VAL A 1 25  ? -12.464 26.114  -9.635  1.00 41.24  ? 1859 VAL A O    1 
ATOM   25   C CB   . VAL A 1 25  ? -13.354 28.813  -9.675  1.00 44.17  ? 1859 VAL A CB   1 
ATOM   26   C CG1  . VAL A 1 25  ? -11.960 29.203  -9.152  1.00 37.85  ? 1859 VAL A CG1  1 
ATOM   27   C CG2  . VAL A 1 25  ? -14.202 30.041  -9.948  1.00 34.85  ? 1859 VAL A CG2  1 
ATOM   28   N N    . LYS A 1 26  ? -11.529 26.408  -11.675 1.00 49.34  ? 1860 LYS A N    1 
ATOM   29   C CA   . LYS A 1 26  ? -10.743 25.185  -11.623 1.00 46.04  ? 1860 LYS A CA   1 
ATOM   30   C C    . LYS A 1 26  ? -9.242  25.420  -11.478 1.00 47.47  ? 1860 LYS A C    1 
ATOM   31   O O    . LYS A 1 26  ? -8.654  26.210  -12.216 1.00 41.44  ? 1860 LYS A O    1 
ATOM   32   C CB   . LYS A 1 26  ? -11.019 24.345  -12.874 1.00 52.05  ? 1860 LYS A CB   1 
ATOM   33   C CG   . LYS A 1 26  ? -12.334 23.581  -12.784 1.00 64.82  ? 1860 LYS A CG   1 
ATOM   34   C CD   . LYS A 1 26  ? -12.364 22.737  -11.498 1.00 72.53  ? 1860 LYS A CD   1 
ATOM   35   C CE   . LYS A 1 26  ? -13.774 22.274  -11.121 1.00 66.12  ? 1860 LYS A CE   1 
ATOM   36   N NZ   . LYS A 1 26  ? -14.664 23.408  -10.742 1.00 56.62  ? 1860 LYS A NZ   1 
ATOM   37   N N    . LYS A 1 27  ? -8.650  24.728  -10.506 1.00 47.21  ? 1861 LYS A N    1 
ATOM   38   C CA   . LYS A 1 27  ? -7.201  24.595  -10.359 1.00 51.16  ? 1861 LYS A CA   1 
ATOM   39   C C    . LYS A 1 27  ? -6.575  23.929  -11.576 1.00 54.42  ? 1861 LYS A C    1 
ATOM   40   O O    . LYS A 1 27  ? -7.188  23.050  -12.177 1.00 56.57  ? 1861 LYS A O    1 
ATOM   41   C CB   . LYS A 1 27  ? -6.873  23.738  -9.134  1.00 57.84  ? 1861 LYS A CB   1 
ATOM   42   C CG   . LYS A 1 27  ? -6.315  24.463  -7.934  1.00 58.07  ? 1861 LYS A CG   1 
ATOM   43   C CD   . LYS A 1 27  ? -5.224  23.617  -7.260  1.00 59.71  ? 1861 LYS A CD   1 
ATOM   44   C CE   . LYS A 1 27  ? -5.368  23.597  -5.736  1.00 58.79  ? 1861 LYS A CE   1 
ATOM   45   N NZ   . LYS A 1 27  ? -6.636  22.933  -5.306  1.00 58.43  ? 1861 LYS A NZ   1 
ATOM   46   N N    A PRO A 1 28  ? -5.357  24.350  -11.934 0.49 59.30  ? 1862 PRO A N    1 
ATOM   47   N N    B PRO A 1 28  ? -5.352  24.335  -11.956 0.51 59.31  ? 1862 PRO A N    1 
ATOM   48   C CA   A PRO A 1 28  ? -4.544  23.431  -12.730 0.49 62.27  ? 1862 PRO A CA   1 
ATOM   49   C CA   B PRO A 1 28  ? -4.693  23.743  -13.135 0.51 61.52  ? 1862 PRO A CA   1 
ATOM   50   C C    A PRO A 1 28  ? -4.245  22.195  -11.878 0.49 61.30  ? 1862 PRO A C    1 
ATOM   51   C C    B PRO A 1 28  ? -4.571  22.214  -13.045 0.51 62.21  ? 1862 PRO A C    1 
ATOM   52   O O    A PRO A 1 28  ? -3.814  22.329  -10.731 0.49 58.10  ? 1862 PRO A O    1 
ATOM   53   O O    B PRO A 1 28  ? -4.208  21.696  -11.984 0.51 60.77  ? 1862 PRO A O    1 
ATOM   54   C CB   A PRO A 1 28  ? -3.281  24.244  -13.035 0.49 60.41  ? 1862 PRO A CB   1 
ATOM   55   C CB   B PRO A 1 28  ? -3.310  24.405  -13.133 0.51 60.38  ? 1862 PRO A CB   1 
ATOM   56   C CG   A PRO A 1 28  ? -3.727  25.675  -12.936 0.49 58.49  ? 1862 PRO A CG   1 
ATOM   57   C CG   B PRO A 1 28  ? -3.512  25.695  -12.401 0.51 58.69  ? 1862 PRO A CG   1 
ATOM   58   C CD   A PRO A 1 28  ? -4.744  25.685  -11.825 0.49 57.31  ? 1862 PRO A CD   1 
ATOM   59   C CD   B PRO A 1 28  ? -4.539  25.398  -11.340 0.51 57.00  ? 1862 PRO A CD   1 
ATOM   60   N N    A LYS A 1 29  ? -4.515  21.011  -12.419 0.49 62.17  ? 1863 LYS A N    1 
ATOM   61   N N    B LYS A 1 29  ? -4.864  21.513  -14.140 0.51 58.01  ? 1863 LYS A N    1 
ATOM   62   C CA   A LYS A 1 29  ? -4.303  19.768  -11.687 0.49 63.18  ? 1863 LYS A CA   1 
ATOM   63   C CA   B LYS A 1 29  ? -4.961  20.051  -14.113 0.51 65.07  ? 1863 LYS A CA   1 
ATOM   64   C C    A LYS A 1 29  ? -3.189  18.947  -12.325 0.49 59.64  ? 1863 LYS A C    1 
ATOM   65   C C    B LYS A 1 29  ? -3.608  19.332  -14.126 0.51 62.11  ? 1863 LYS A C    1 
ATOM   66   O O    A LYS A 1 29  ? -2.728  19.258  -13.423 0.49 58.92  ? 1863 LYS A O    1 
ATOM   67   O O    B LYS A 1 29  ? -2.917  19.315  -15.145 0.51 60.35  ? 1863 LYS A O    1 
ATOM   68   C CB   A LYS A 1 29  ? -5.596  18.945  -11.628 0.49 58.83  ? 1863 LYS A CB   1 
ATOM   69   C CB   B LYS A 1 29  ? -5.801  19.562  -15.295 0.51 60.50  ? 1863 LYS A CB   1 
ATOM   70   N N    A ARG A 1 30  ? -2.766  17.899  -11.627 0.49 58.29  ? 1864 ARG A N    1 
ATOM   71   N N    B ARG A 1 30  ? -3.244  18.735  -12.990 0.51 59.96  ? 1864 ARG A N    1 
ATOM   72   C CA   A ARG A 1 30  ? -1.751  16.984  -12.139 0.49 56.13  ? 1864 ARG A CA   1 
ATOM   73   C CA   B ARG A 1 30  ? -2.073  17.858  -12.913 0.51 59.34  ? 1864 ARG A CA   1 
ATOM   74   C C    A ARG A 1 30  ? -2.148  16.320  -13.453 0.49 55.48  ? 1864 ARG A C    1 
ATOM   75   C C    B ARG A 1 30  ? -2.255  16.664  -13.848 0.51 56.98  ? 1864 ARG A C    1 
ATOM   76   O O    A ARG A 1 30  ? -3.327  16.053  -13.701 0.49 55.84  ? 1864 ARG A O    1 
ATOM   77   O O    B ARG A 1 30  ? -3.386  16.276  -14.158 0.51 56.59  ? 1864 ARG A O    1 
ATOM   78   C CB   A ARG A 1 30  ? -1.456  15.879  -11.120 0.49 53.42  ? 1864 ARG A CB   1 
ATOM   79   C CB   B ARG A 1 30  ? -1.839  17.371  -11.480 0.51 56.71  ? 1864 ARG A CB   1 
ATOM   80   C CG   A ARG A 1 30  ? -0.626  16.287  -9.924  0.49 50.26  ? 1864 ARG A CG   1 
ATOM   81   C CG   B ARG A 1 30  ? -0.715  16.348  -11.359 0.51 51.38  ? 1864 ARG A CG   1 
ATOM   82   C CD   A ARG A 1 30  ? -0.276  15.065  -9.072  0.49 50.39  ? 1864 ARG A CD   1 
ATOM   83   C CD   B ARG A 1 30  ? -0.856  15.471  -10.123 0.51 50.27  ? 1864 ARG A CD   1 
ATOM   84   N NE   A ARG A 1 30  ? 0.506   14.077  -9.817  0.49 50.98  ? 1864 ARG A NE   1 
ATOM   85   N NE   B ARG A 1 30  ? 0.101   14.364  -10.147 0.51 52.58  ? 1864 ARG A NE   1 
ATOM   86   C CZ   A ARG A 1 30  ? 0.008   12.971  -10.368 0.49 48.07  ? 1864 ARG A CZ   1 
ATOM   87   C CZ   B ARG A 1 30  ? -0.206  13.103  -10.446 0.51 48.36  ? 1864 ARG A CZ   1 
ATOM   88   N NH1  A ARG A 1 30  ? -1.287  12.683  -10.258 0.49 43.51  ? 1864 ARG A NH1  1 
ATOM   89   N NH1  B ARG A 1 30  ? -1.459  12.761  -10.733 0.51 43.91  ? 1864 ARG A NH1  1 
ATOM   90   N NH2  A ARG A 1 30  ? 0.809   12.144  -11.029 0.49 44.21  ? 1864 ARG A NH2  1 
ATOM   91   N NH2  B ARG A 1 30  ? 0.744   12.177  -10.449 0.51 45.34  ? 1864 ARG A NH2  1 
ATOM   92   N N    . ASP A 1 31  ? -1.153  16.070  -14.295 1.00 53.26  ? 1865 ASP A N    1 
ATOM   93   C CA   . ASP A 1 31  ? -1.251  15.031  -15.312 1.00 54.88  ? 1865 ASP A CA   1 
ATOM   94   C C    . ASP A 1 31  ? -1.290  13.664  -14.609 1.00 50.96  ? 1865 ASP A C    1 
ATOM   95   O O    . ASP A 1 31  ? -0.306  13.253  -13.990 1.00 48.40  ? 1865 ASP A O    1 
ATOM   96   C CB   . ASP A 1 31  ? -0.076  15.107  -16.290 1.00 51.81  ? 1865 ASP A CB   1 
ATOM   97   C CG   . ASP A 1 31  ? -0.249  14.185  -17.484 1.00 50.04  ? 1865 ASP A CG   1 
ATOM   98   O OD1  . ASP A 1 31  ? -1.220  13.392  -17.503 1.00 44.89  ? 1865 ASP A OD1  1 
ATOM   99   O OD2  . ASP A 1 31  ? 0.590   14.257  -18.407 1.00 59.19  ? 1865 ASP A OD2  1 
ATOM   100  N N    . ASP A 1 32  ? -2.423  12.970  -14.686 1.00 46.97  ? 1866 ASP A N    1 
ATOM   101  C CA   . ASP A 1 32  ? -2.580  11.712  -13.957 1.00 48.02  ? 1866 ASP A CA   1 
ATOM   102  C C    . ASP A 1 32  ? -2.665  10.496  -14.884 1.00 45.02  ? 1866 ASP A C    1 
ATOM   103  O O    . ASP A 1 32  ? -3.033  9.402   -14.447 1.00 38.01  ? 1866 ASP A O    1 
ATOM   104  C CB   . ASP A 1 32  ? -3.829  11.774  -13.067 1.00 44.91  ? 1866 ASP A CB   1 
ATOM   105  C CG   . ASP A 1 32  ? -5.131  11.839  -13.872 1.00 48.90  ? 1866 ASP A CG   1 
ATOM   106  O OD1  . ASP A 1 32  ? -5.075  12.003  -15.110 1.00 47.93  ? 1866 ASP A OD1  1 
ATOM   107  O OD2  . ASP A 1 32  ? -6.216  11.742  -13.260 1.00 50.54  ? 1866 ASP A OD2  1 
ATOM   108  N N    . SER A 1 33  ? -2.328  10.690  -16.155 1.00 43.55  ? 1867 SER A N    1 
ATOM   109  C CA   . SER A 1 33  ? -2.583  9.674   -17.178 1.00 50.45  ? 1867 SER A CA   1 
ATOM   110  C C    . SER A 1 33  ? -1.686  8.439   -17.023 1.00 41.36  ? 1867 SER A C    1 
ATOM   111  O O    . SER A 1 33  ? -2.058  7.339   -17.437 1.00 45.89  ? 1867 SER A O    1 
ATOM   112  C CB   . SER A 1 33  ? -2.403  10.272  -18.581 1.00 50.59  ? 1867 SER A CB   1 
ATOM   113  O OG   . SER A 1 33  ? -1.128  10.885  -18.723 1.00 46.30  ? 1867 SER A OG   1 
ATOM   114  N N    . LYS A 1 34  ? -0.518  8.634   -16.424 1.00 40.29  ? 1868 LYS A N    1 
ATOM   115  C CA   . LYS A 1 34  ? 0.440   7.550   -16.242 1.00 39.82  ? 1868 LYS A CA   1 
ATOM   116  C C    . LYS A 1 34  ? 0.385   6.923   -14.839 1.00 43.80  ? 1868 LYS A C    1 
ATOM   117  O O    . LYS A 1 34  ? 1.197   6.047   -14.505 1.00 32.89  ? 1868 LYS A O    1 
ATOM   118  C CB   . LYS A 1 34  ? 1.845   8.067   -16.537 1.00 42.11  ? 1868 LYS A CB   1 
ATOM   119  C CG   . LYS A 1 34  ? 2.029   8.536   -17.989 1.00 44.61  ? 1868 LYS A CG   1 
ATOM   120  C CD   . LYS A 1 34  ? 3.453   9.019   -18.245 1.00 55.03  ? 1868 LYS A CD   1 
ATOM   121  N N    . ASP A 1 35  ? -0.576  7.354   -14.025 1.00 34.31  ? 1869 ASP A N    1 
ATOM   122  C CA   . ASP A 1 35  ? -0.601  6.933   -12.622 1.00 37.42  ? 1869 ASP A CA   1 
ATOM   123  C C    . ASP A 1 35  ? -0.786  5.421   -12.437 1.00 31.91  ? 1869 ASP A C    1 
ATOM   124  O O    . ASP A 1 35  ? -0.110  4.821   -11.589 1.00 35.79  ? 1869 ASP A O    1 
ATOM   125  C CB   . ASP A 1 35  ? -1.691  7.689   -11.850 1.00 34.10  ? 1869 ASP A CB   1 
ATOM   126  C CG   . ASP A 1 35  ? -1.300  9.133   -11.556 1.00 38.41  ? 1869 ASP A CG   1 
ATOM   127  O OD1  . ASP A 1 35  ? -0.170  9.521   -11.915 1.00 34.24  ? 1869 ASP A OD1  1 
ATOM   128  O OD2  . ASP A 1 35  ? -2.107  9.866   -10.942 1.00 34.18  ? 1869 ASP A OD2  1 
ATOM   129  N N    . LEU A 1 36  ? -1.689  4.809   -13.209 1.00 34.58  ? 1870 LEU A N    1 
ATOM   130  C CA   . LEU A 1 36  ? -1.919  3.362   -13.089 1.00 39.15  ? 1870 LEU A CA   1 
ATOM   131  C C    . LEU A 1 36  ? -0.624  2.569   -13.306 1.00 40.00  ? 1870 LEU A C    1 
ATOM   132  O O    . LEU A 1 36  ? -0.277  1.703   -12.505 1.00 38.91  ? 1870 LEU A O    1 
ATOM   133  C CB   . LEU A 1 36  ? -2.993  2.892   -14.069 1.00 38.68  ? 1870 LEU A CB   1 
ATOM   134  C CG   . LEU A 1 36  ? -3.326  1.399   -14.040 1.00 41.06  ? 1870 LEU A CG   1 
ATOM   135  C CD1  . LEU A 1 36  ? -4.070  1.002   -12.749 1.00 35.22  ? 1870 LEU A CD1  1 
ATOM   136  C CD2  . LEU A 1 36  ? -4.129  1.009   -15.278 1.00 47.16  ? 1870 LEU A CD2  1 
ATOM   137  N N    . ALA A 1 37  ? 0.104   2.885   -14.371 1.00 35.31  ? 1871 ALA A N    1 
ATOM   138  C CA   . ALA A 1 37  ? 1.344   2.177   -14.682 1.00 37.27  ? 1871 ALA A CA   1 
ATOM   139  C C    . ALA A 1 37  ? 2.412   2.393   -13.613 1.00 37.46  ? 1871 ALA A C    1 
ATOM   140  O O    . ALA A 1 37  ? 3.127   1.464   -13.232 1.00 37.95  ? 1871 ALA A O    1 
ATOM   141  C CB   . ALA A 1 37  ? 1.873   2.613   -16.048 1.00 39.39  ? 1871 ALA A CB   1 
ATOM   142  N N    . LEU A 1 38  ? 2.529   3.628   -13.137 1.00 31.89  ? 1872 LEU A N    1 
ATOM   143  C CA   . LEU A 1 38  ? 3.503   3.976   -12.105 1.00 33.82  ? 1872 LEU A CA   1 
ATOM   144  C C    . LEU A 1 38  ? 3.228   3.293   -10.759 1.00 34.61  ? 1872 LEU A C    1 
ATOM   145  O O    . LEU A 1 38  ? 4.162   2.865   -10.067 1.00 33.63  ? 1872 LEU A O    1 
ATOM   146  C CB   . LEU A 1 38  ? 3.531   5.487   -11.910 1.00 30.77  ? 1872 LEU A CB   1 
ATOM   147  C CG   . LEU A 1 38  ? 4.061   6.230   -13.132 1.00 42.26  ? 1872 LEU A CG   1 
ATOM   148  C CD1  . LEU A 1 38  ? 3.869   7.729   -12.969 1.00 40.31  ? 1872 LEU A CD1  1 
ATOM   149  C CD2  . LEU A 1 38  ? 5.532   5.885   -13.325 1.00 36.87  ? 1872 LEU A CD2  1 
ATOM   150  N N    . CYS A 1 39  ? 1.955   3.218   -10.375 1.00 34.10  ? 1873 CYS A N    1 
ATOM   151  C CA   . CYS A 1 39  ? 1.591   2.508   -9.144  1.00 33.20  ? 1873 CYS A CA   1 
ATOM   152  C C    . CYS A 1 39  ? 1.883   1.007   -9.284  1.00 34.85  ? 1873 CYS A C    1 
ATOM   153  O O    . CYS A 1 39  ? 2.407   0.374   -8.370  1.00 30.34  ? 1873 CYS A O    1 
ATOM   154  C CB   . CYS A 1 39  ? 0.122   2.729   -8.808  1.00 29.02  ? 1873 CYS A CB   1 
ATOM   155  S SG   . CYS A 1 39  ? -0.234  4.390   -8.134  1.00 29.70  ? 1873 CYS A SG   1 
ATOM   156  N N    . SER A 1 40  ? 1.521   0.453   -10.438 1.00 35.06  ? 1874 SER A N    1 
ATOM   157  C CA   . SER A 1 40  ? 1.799   -0.943  -10.756 1.00 35.77  ? 1874 SER A CA   1 
ATOM   158  C C    . SER A 1 40  ? 3.298   -1.244  -10.634 1.00 35.82  ? 1874 SER A C    1 
ATOM   159  O O    . SER A 1 40  ? 3.700   -2.277  -10.084 1.00 36.41  ? 1874 SER A O    1 
ATOM   160  C CB   . SER A 1 40  ? 1.294   -1.270  -12.162 1.00 37.27  ? 1874 SER A CB   1 
ATOM   161  O OG   . SER A 1 40  ? 1.440   -2.650  -12.446 1.00 43.09  ? 1874 SER A OG   1 
ATOM   162  N N    . MET A 1 41  ? 4.129   -0.334  -11.132 1.00 35.49  ? 1875 MET A N    1 
ATOM   163  C CA   . MET A 1 41  ? 5.571   -0.508  -11.032 1.00 35.40  ? 1875 MET A CA   1 
ATOM   164  C C    . MET A 1 41  ? 6.054   -0.493  -9.581  1.00 38.57  ? 1875 MET A C    1 
ATOM   165  O O    . MET A 1 41  ? 6.876   -1.322  -9.177  1.00 33.27  ? 1875 MET A O    1 
ATOM   166  C CB   . MET A 1 41  ? 6.294   0.574   -11.827 1.00 41.62  ? 1875 MET A CB   1 
ATOM   167  C CG   . MET A 1 41  ? 7.788   0.564   -11.654 1.00 49.31  ? 1875 MET A CG   1 
ATOM   168  S SD   . MET A 1 41  ? 8.527   2.149   -12.101 1.00 83.88  ? 1875 MET A SD   1 
ATOM   169  C CE   . MET A 1 41  ? 7.926   3.221   -10.787 1.00 56.43  ? 1875 MET A CE   1 
ATOM   170  N N    . ILE A 1 42  ? 5.562   0.466   -8.803  1.00 33.11  ? 1876 ILE A N    1 
ATOM   171  C CA   . ILE A 1 42  ? 5.931   0.545   -7.395  1.00 31.74  ? 1876 ILE A CA   1 
ATOM   172  C C    . ILE A 1 42  ? 5.496   -0.721  -6.645  1.00 27.43  ? 1876 ILE A C    1 
ATOM   173  O O    . ILE A 1 42  ? 6.222   -1.223  -5.779  1.00 30.78  ? 1876 ILE A O    1 
ATOM   174  C CB   . ILE A 1 42  ? 5.319   1.789   -6.726  1.00 28.85  ? 1876 ILE A CB   1 
ATOM   175  C CG1  . ILE A 1 42  ? 5.867   3.064   -7.376  1.00 31.56  ? 1876 ILE A CG1  1 
ATOM   176  C CG2  . ILE A 1 42  ? 5.622   1.788   -5.225  1.00 26.75  ? 1876 ILE A CG2  1 
ATOM   177  C CD1  . ILE A 1 42  ? 5.247   4.336   -6.824  1.00 34.02  ? 1876 ILE A CD1  1 
ATOM   178  N N    . LEU A 1 43  ? 4.320   -1.237  -6.991  1.00 28.94  ? 1877 LEU A N    1 
ATOM   179  C CA   . LEU A 1 43  ? 3.810   -2.452  -6.351  1.00 25.45  ? 1877 LEU A CA   1 
ATOM   180  C C    . LEU A 1 43  ? 4.695   -3.661  -6.697  1.00 32.12  ? 1877 LEU A C    1 
ATOM   181  O O    . LEU A 1 43  ? 5.015   -4.462  -5.821  1.00 26.83  ? 1877 LEU A O    1 
ATOM   182  C CB   . LEU A 1 43  ? 2.376   -2.723  -6.770  1.00 25.90  ? 1877 LEU A CB   1 
ATOM   183  C CG   . LEU A 1 43  ? 1.677   -3.839  -5.995  1.00 26.10  ? 1877 LEU A CG   1 
ATOM   184  C CD1  . LEU A 1 43  ? 1.753   -3.564  -4.485  1.00 25.01  ? 1877 LEU A CD1  1 
ATOM   185  C CD2  . LEU A 1 43  ? 0.230   -3.990  -6.461  1.00 26.99  ? 1877 LEU A CD2  1 
ATOM   186  N N    . THR A 1 44  ? 5.090   -3.781  -7.972  1.00 30.95  ? 1878 THR A N    1 
ATOM   187  C CA   . THR A 1 44  ? 5.977   -4.877  -8.397  1.00 30.62  ? 1878 THR A CA   1 
ATOM   188  C C    . THR A 1 44  ? 7.259   -4.850  -7.585  1.00 30.40  ? 1878 THR A C    1 
ATOM   189  O O    . THR A 1 44  ? 7.755   -5.886  -7.146  1.00 33.09  ? 1878 THR A O    1 
ATOM   190  C CB   . THR A 1 44  ? 6.330   -4.795  -9.905  1.00 32.86  ? 1878 THR A CB   1 
ATOM   191  O OG1  . THR A 1 44  ? 5.134   -4.887  -10.672 1.00 33.39  ? 1878 THR A OG1  1 
ATOM   192  C CG2  . THR A 1 44  ? 7.270   -5.938  -10.315 1.00 36.96  ? 1878 THR A CG2  1 
ATOM   193  N N    . GLU A 1 45  ? 7.796   -3.656  -7.374  1.00 31.37  ? 1879 GLU A N    1 
ATOM   194  C CA   . GLU A 1 45  ? 9.018   -3.512  -6.596  1.00 31.82  ? 1879 GLU A CA   1 
ATOM   195  C C    . GLU A 1 45  ? 8.809   -3.907  -5.136  1.00 38.29  ? 1879 GLU A C    1 
ATOM   196  O O    . GLU A 1 45  ? 9.697   -4.502  -4.511  1.00 34.05  ? 1879 GLU A O    1 
ATOM   197  C CB   . GLU A 1 45  ? 9.541   -2.081  -6.701  1.00 34.63  ? 1879 GLU A CB   1 
ATOM   198  C CG   . GLU A 1 45  ? 9.782   -1.674  -8.156  1.00 41.81  ? 1879 GLU A CG   1 
ATOM   199  C CD   . GLU A 1 45  ? 10.282  -0.255  -8.304  1.00 49.08  ? 1879 GLU A CD   1 
ATOM   200  O OE1  . GLU A 1 45  ? 10.970  0.235   -7.387  1.00 56.94  ? 1879 GLU A OE1  1 
ATOM   201  O OE2  . GLU A 1 45  ? 9.995   0.369   -9.348  1.00 62.47  ? 1879 GLU A OE2  1 
ATOM   202  N N    . MET A 1 46  ? 7.653   -3.566  -4.574  1.00 27.33  ? 1880 MET A N    1 
ATOM   203  C CA   A MET A 1 46  ? 7.400   -3.998  -3.208  0.55 27.89  ? 1880 MET A CA   1 
ATOM   204  C CA   B MET A 1 46  ? 7.286   -4.002  -3.227  0.45 28.08  ? 1880 MET A CA   1 
ATOM   205  C C    . MET A 1 46  ? 7.238   -5.524  -3.147  1.00 28.73  ? 1880 MET A C    1 
ATOM   206  O O    . MET A 1 46  ? 7.760   -6.143  -2.218  1.00 28.85  ? 1880 MET A O    1 
ATOM   207  C CB   A MET A 1 46  ? 6.178   -3.292  -2.633  0.55 29.03  ? 1880 MET A CB   1 
ATOM   208  C CB   B MET A 1 46  ? 5.921   -3.428  -2.837  0.45 28.53  ? 1880 MET A CB   1 
ATOM   209  C CG   A MET A 1 46  ? 6.455   -1.822  -2.303  0.55 27.64  ? 1880 MET A CG   1 
ATOM   210  C CG   B MET A 1 46  ? 5.840   -1.914  -2.909  0.45 28.06  ? 1880 MET A CG   1 
ATOM   211  S SD   A MET A 1 46  ? 5.158   -1.129  -1.283  0.55 29.70  ? 1880 MET A SD   1 
ATOM   212  S SD   B MET A 1 46  ? 6.893   -1.155  -1.671  0.45 29.70  ? 1880 MET A SD   1 
ATOM   213  C CE   A MET A 1 46  ? 3.752   -1.342  -2.362  0.55 26.02  ? 1880 MET A CE   1 
ATOM   214  C CE   B MET A 1 46  ? 6.156   -1.795  -0.175  0.45 27.34  ? 1880 MET A CE   1 
ATOM   215  N N    . GLU A 1 47  ? 6.553   -6.114  -4.134  1.00 27.20  ? 1881 GLU A N    1 
ATOM   216  C CA   . GLU A 1 47  ? 6.332   -7.572  -4.197  1.00 30.39  ? 1881 GLU A CA   1 
ATOM   217  C C    . GLU A 1 47  ? 7.638   -8.372  -4.253  1.00 37.51  ? 1881 GLU A C    1 
ATOM   218  O O    . GLU A 1 47  ? 7.702   -9.501  -3.762  1.00 31.26  ? 1881 GLU A O    1 
ATOM   219  C CB   . GLU A 1 47  ? 5.445   -7.934  -5.405  1.00 31.33  ? 1881 GLU A CB   1 
ATOM   220  C CG   . GLU A 1 47  ? 3.970   -7.483  -5.255  1.00 32.06  ? 1881 GLU A CG   1 
ATOM   221  C CD   . GLU A 1 47  ? 3.192   -7.471  -6.572  1.00 36.40  ? 1881 GLU A CD   1 
ATOM   222  O OE1  . GLU A 1 47  ? 3.803   -7.297  -7.643  1.00 37.38  ? 1881 GLU A OE1  1 
ATOM   223  O OE2  . GLU A 1 47  ? 1.954   -7.623  -6.543  1.00 32.36  ? 1881 GLU A OE2  1 
ATOM   224  N N    . THR A 1 48  ? 8.688   -7.798  -4.830  1.00 32.39  ? 1882 THR A N    1 
ATOM   225  C CA   . THR A 1 48  ? 9.928   -8.555  -5.014  1.00 38.20  ? 1882 THR A CA   1 
ATOM   226  C C    . THR A 1 48  ? 11.013  -8.258  -3.976  1.00 37.38  ? 1882 THR A C    1 
ATOM   227  O O    . THR A 1 48  ? 12.088  -8.853  -4.020  1.00 39.16  ? 1882 THR A O    1 
ATOM   228  C CB   . THR A 1 48  ? 10.515  -8.311  -6.425  1.00 39.08  ? 1882 THR A CB   1 
ATOM   229  O OG1  . THR A 1 48  ? 10.897  -6.937  -6.552  1.00 40.78  ? 1882 THR A OG1  1 
ATOM   230  C CG2  . THR A 1 48  ? 9.482   -8.634  -7.483  1.00 36.65  ? 1882 THR A CG2  1 
ATOM   231  N N    . HIS A 1 49  ? 10.732  -7.347  -3.048  1.00 31.14  ? 1883 HIS A N    1 
ATOM   232  C CA   . HIS A 1 49  ? 11.643  -7.021  -1.947  1.00 31.99  ? 1883 HIS A CA   1 
ATOM   233  C C    . HIS A 1 49  ? 11.741  -8.236  -1.025  1.00 38.38  ? 1883 HIS A C    1 
ATOM   234  O O    . HIS A 1 49  ? 10.731  -8.896  -0.785  1.00 32.19  ? 1883 HIS A O    1 
ATOM   235  C CB   . HIS A 1 49  ? 11.118  -5.791  -1.196  1.00 29.60  ? 1883 HIS A CB   1 
ATOM   236  C CG   . HIS A 1 49  ? 12.052  -5.238  -0.155  1.00 36.03  ? 1883 HIS A CG   1 
ATOM   237  N ND1  . HIS A 1 49  ? 12.568  -6.000  0.866   1.00 35.81  ? 1883 HIS A ND1  1 
ATOM   238  C CD2  . HIS A 1 49  ? 12.509  -3.976  0.043   1.00 33.66  ? 1883 HIS A CD2  1 
ATOM   239  C CE1  . HIS A 1 49  ? 13.333  -5.241  1.636   1.00 35.91  ? 1883 HIS A CE1  1 
ATOM   240  N NE2  . HIS A 1 49  ? 13.309  -4.011  1.163   1.00 40.23  ? 1883 HIS A NE2  1 
ATOM   241  N N    . GLU A 1 50  ? 12.928  -8.556  -0.516  1.00 39.41  ? 1884 GLU A N    1 
ATOM   242  C CA   . GLU A 1 50  ? 13.066  -9.810  0.229   1.00 38.96  ? 1884 GLU A CA   1 
ATOM   243  C C    . GLU A 1 50  ? 12.302  -9.754  1.558   1.00 33.34  ? 1884 GLU A C    1 
ATOM   244  O O    . GLU A 1 50  ? 11.924  -10.788 2.108   1.00 36.88  ? 1884 GLU A O    1 
ATOM   245  C CB   . GLU A 1 50  ? 14.549  -10.181 0.459   1.00 35.83  ? 1884 GLU A CB   1 
ATOM   246  C CG   . GLU A 1 50  ? 15.306  -9.351  1.489   1.00 44.77  ? 1884 GLU A CG   1 
ATOM   247  C CD   . GLU A 1 50  ? 16.702  -9.920  1.833   1.00 55.24  ? 1884 GLU A CD   1 
ATOM   248  O OE1  . GLU A 1 50  ? 16.783  -10.850 2.668   1.00 50.61  ? 1884 GLU A OE1  1 
ATOM   249  O OE2  . GLU A 1 50  ? 17.722  -9.427  1.287   1.00 49.76  ? 1884 GLU A OE2  1 
ATOM   250  N N    . ASP A 1 51  ? 12.039  -8.556  2.070   1.00 31.64  ? 1885 ASP A N    1 
ATOM   251  C CA   . ASP A 1 51  ? 11.295  -8.457  3.326   1.00 29.57  ? 1885 ASP A CA   1 
ATOM   252  C C    . ASP A 1 51  ? 9.770   -8.373  3.113   1.00 28.77  ? 1885 ASP A C    1 
ATOM   253  O O    . ASP A 1 51  ? 9.037   -8.064  4.050   1.00 28.96  ? 1885 ASP A O    1 
ATOM   254  C CB   . ASP A 1 51  ? 11.762  -7.246  4.142   1.00 28.87  ? 1885 ASP A CB   1 
ATOM   255  C CG   . ASP A 1 51  ? 13.226  -7.352  4.590   1.00 34.78  ? 1885 ASP A CG   1 
ATOM   256  O OD1  . ASP A 1 51  ? 13.813  -8.462  4.536   1.00 34.69  ? 1885 ASP A OD1  1 
ATOM   257  O OD2  . ASP A 1 51  ? 13.778  -6.316  5.016   1.00 36.21  ? 1885 ASP A OD2  1 
ATOM   258  N N    . ALA A 1 52  ? 9.300   -8.651  1.898   1.00 27.90  ? 1886 ALA A N    1 
ATOM   259  C CA   . ALA A 1 52  ? 7.864   -8.623  1.583   1.00 27.58  ? 1886 ALA A CA   1 
ATOM   260  C C    . ALA A 1 52  ? 7.075   -9.830  2.130   1.00 28.27  ? 1886 ALA A C    1 
ATOM   261  O O    . ALA A 1 52  ? 5.831   -9.831  2.120   1.00 27.39  ? 1886 ALA A O    1 
ATOM   262  C CB   . ALA A 1 52  ? 7.668   -8.537  0.069   1.00 27.25  ? 1886 ALA A CB   1 
ATOM   263  N N    . TRP A 1 53  ? 7.779   -10.858 2.604   1.00 28.41  ? 1887 TRP A N    1 
ATOM   264  C CA   . TRP A 1 53  ? 7.124   -12.151 2.818   1.00 30.37  ? 1887 TRP A CA   1 
ATOM   265  C C    . TRP A 1 53  ? 5.948   -12.091 3.797   1.00 27.42  ? 1887 TRP A C    1 
ATOM   266  O O    . TRP A 1 53  ? 4.966   -12.807 3.611   1.00 27.51  ? 1887 TRP A O    1 
ATOM   267  C CB   . TRP A 1 53  ? 8.143   -13.219 3.263   1.00 30.70  ? 1887 TRP A CB   1 
ATOM   268  C CG   . TRP A 1 53  ? 8.944   -12.863 4.458   1.00 31.41  ? 1887 TRP A CG   1 
ATOM   269  C CD1  . TRP A 1 53  ? 10.148  -12.229 4.475   1.00 31.93  ? 1887 TRP A CD1  1 
ATOM   270  C CD2  . TRP A 1 53  ? 8.611   -13.137 5.822   1.00 32.87  ? 1887 TRP A CD2  1 
ATOM   271  N NE1  . TRP A 1 53  ? 10.582  -12.071 5.772   1.00 33.32  ? 1887 TRP A NE1  1 
ATOM   272  C CE2  . TRP A 1 53  ? 9.657   -12.620 6.618   1.00 33.68  ? 1887 TRP A CE2  1 
ATOM   273  C CE3  . TRP A 1 53  ? 7.522   -13.762 6.451   1.00 32.08  ? 1887 TRP A CE3  1 
ATOM   274  C CZ2  . TRP A 1 53  ? 9.650   -12.709 8.012   1.00 37.36  ? 1887 TRP A CZ2  1 
ATOM   275  C CZ3  . TRP A 1 53  ? 7.516   -13.854 7.836   1.00 30.08  ? 1887 TRP A CZ3  1 
ATOM   276  C CH2  . TRP A 1 53  ? 8.574   -13.325 8.602   1.00 36.58  ? 1887 TRP A CH2  1 
ATOM   277  N N    . PRO A 1 54  ? 6.013   -11.227 4.827   1.00 25.54  ? 1888 PRO A N    1 
ATOM   278  C CA   . PRO A 1 54  ? 4.821   -11.206 5.692   1.00 26.20  ? 1888 PRO A CA   1 
ATOM   279  C C    . PRO A 1 54  ? 3.580   -10.580 5.050   1.00 29.98  ? 1888 PRO A C    1 
ATOM   280  O O    . PRO A 1 54  ? 2.501   -10.684 5.633   1.00 25.84  ? 1888 PRO A O    1 
ATOM   281  C CB   . PRO A 1 54  ? 5.256   -10.346 6.890   1.00 21.44  ? 1888 PRO A CB   1 
ATOM   282  C CG   . PRO A 1 54  ? 6.791   -10.220 6.767   1.00 27.68  ? 1888 PRO A CG   1 
ATOM   283  C CD   . PRO A 1 54  ? 7.066   -10.317 5.303   1.00 24.62  ? 1888 PRO A CD   1 
ATOM   284  N N    . PHE A 1 55  ? 3.728   -9.964  3.879   1.00 27.70  ? 1889 PHE A N    1 
ATOM   285  C CA   . PHE A 1 55  ? 2.693   -9.068  3.344   1.00 23.44  ? 1889 PHE A CA   1 
ATOM   286  C C    . PHE A 1 55  ? 2.147   -9.519  1.988   1.00 29.32  ? 1889 PHE A C    1 
ATOM   287  O O    . PHE A 1 55  ? 1.318   -8.832  1.390   1.00 27.39  ? 1889 PHE A O    1 
ATOM   288  C CB   . PHE A 1 55  ? 3.268   -7.640  3.228   1.00 25.57  ? 1889 PHE A CB   1 
ATOM   289  C CG   . PHE A 1 55  ? 3.972   -7.176  4.479   1.00 28.26  ? 1889 PHE A CG   1 
ATOM   290  C CD1  . PHE A 1 55  ? 3.269   -7.040  5.675   1.00 25.16  ? 1889 PHE A CD1  1 
ATOM   291  C CD2  . PHE A 1 55  ? 5.351   -6.909  4.470   1.00 23.11  ? 1889 PHE A CD2  1 
ATOM   292  C CE1  . PHE A 1 55  ? 3.927   -6.640  6.850   1.00 24.31  ? 1889 PHE A CE1  1 
ATOM   293  C CE2  . PHE A 1 55  ? 6.006   -6.502  5.630   1.00 23.03  ? 1889 PHE A CE2  1 
ATOM   294  C CZ   . PHE A 1 55  ? 5.298   -6.372  6.821   1.00 23.65  ? 1889 PHE A CZ   1 
ATOM   295  N N    . LEU A 1 56  ? 2.600   -10.681 1.511   1.00 24.77  ? 1890 LEU A N    1 
ATOM   296  C CA   . LEU A 1 56  ? 2.285   -11.117 0.154   1.00 26.59  ? 1890 LEU A CA   1 
ATOM   297  C C    . LEU A 1 56  ? 0.861   -11.637 0.005   1.00 30.91  ? 1890 LEU A C    1 
ATOM   298  O O    . LEU A 1 56  ? 0.261   -11.484 -1.052  1.00 28.08  ? 1890 LEU A O    1 
ATOM   299  C CB   . LEU A 1 56  ? 3.260   -12.202 -0.301  1.00 27.05  ? 1890 LEU A CB   1 
ATOM   300  C CG   . LEU A 1 56  ? 4.695   -11.731 -0.475  1.00 31.05  ? 1890 LEU A CG   1 
ATOM   301  C CD1  . LEU A 1 56  ? 5.582   -12.893 -0.905  1.00 33.10  ? 1890 LEU A CD1  1 
ATOM   302  C CD2  . LEU A 1 56  ? 4.747   -10.588 -1.494  1.00 27.28  ? 1890 LEU A CD2  1 
ATOM   303  N N    . LEU A 1 57  ? 0.327   -12.237 1.064   1.00 25.51  ? 1891 LEU A N    1 
ATOM   304  C CA   . LEU A 1 57  ? -0.982  -12.876 1.012   1.00 27.23  ? 1891 LEU A CA   1 
ATOM   305  C C    . LEU A 1 57  ? -1.816  -12.479 2.225   1.00 26.91  ? 1891 LEU A C    1 
ATOM   306  O O    . LEU A 1 57  ? -1.264  -12.114 3.257   1.00 26.86  ? 1891 LEU A O    1 
ATOM   307  C CB   . LEU A 1 57  ? -0.828  -14.404 0.954   1.00 30.91  ? 1891 LEU A CB   1 
ATOM   308  C CG   . LEU A 1 57  ? -0.146  -15.034 -0.266  1.00 35.33  ? 1891 LEU A CG   1 
ATOM   309  C CD1  . LEU A 1 57  ? -0.025  -16.556 -0.101  1.00 35.49  ? 1891 LEU A CD1  1 
ATOM   310  C CD2  . LEU A 1 57  ? -0.871  -14.698 -1.554  1.00 30.94  ? 1891 LEU A CD2  1 
ATOM   311  N N    . PRO A 1 58  ? -3.148  -12.557 2.114   1.00 28.01  ? 1892 PRO A N    1 
ATOM   312  C CA   . PRO A 1 58  ? -3.992  -12.216 3.271   1.00 31.87  ? 1892 PRO A CA   1 
ATOM   313  C C    . PRO A 1 58  ? -3.638  -13.075 4.487   1.00 31.92  ? 1892 PRO A C    1 
ATOM   314  O O    . PRO A 1 58  ? -3.379  -14.262 4.310   1.00 27.62  ? 1892 PRO A O    1 
ATOM   315  C CB   . PRO A 1 58  ? -5.420  -12.540 2.793   1.00 29.82  ? 1892 PRO A CB   1 
ATOM   316  C CG   . PRO A 1 58  ? -5.316  -12.722 1.304   1.00 33.38  ? 1892 PRO A CG   1 
ATOM   317  C CD   . PRO A 1 58  ? -3.919  -13.165 1.016   1.00 29.60  ? 1892 PRO A CD   1 
ATOM   318  N N    . VAL A 1 59  ? -3.607  -12.491 5.681   1.00 26.45  ? 1893 VAL A N    1 
ATOM   319  C CA   . VAL A 1 59  ? -3.449  -13.282 6.902   1.00 31.89  ? 1893 VAL A CA   1 
ATOM   320  C C    . VAL A 1 59  ? -4.650  -14.221 7.049   1.00 33.06  ? 1893 VAL A C    1 
ATOM   321  O O    . VAL A 1 59  ? -5.781  -13.818 6.799   1.00 30.12  ? 1893 VAL A O    1 
ATOM   322  C CB   . VAL A 1 59  ? -3.322  -12.379 8.154   1.00 28.86  ? 1893 VAL A CB   1 
ATOM   323  C CG1  . VAL A 1 59  ? -3.361  -13.216 9.455   1.00 35.53  ? 1893 VAL A CG1  1 
ATOM   324  C CG2  . VAL A 1 59  ? -2.063  -11.522 8.070   1.00 29.21  ? 1893 VAL A CG2  1 
ATOM   325  N N    . ASN A 1 60  ? -4.405  -15.472 7.435   1.00 32.23  ? 1894 ASN A N    1 
ATOM   326  C CA   . ASN A 1 60  ? -5.480  -16.461 7.564   1.00 32.41  ? 1894 ASN A CA   1 
ATOM   327  C C    . ASN A 1 60  ? -6.295  -16.235 8.839   1.00 32.05  ? 1894 ASN A C    1 
ATOM   328  O O    . ASN A 1 60  ? -5.829  -16.518 9.945   1.00 33.79  ? 1894 ASN A O    1 
ATOM   329  C CB   . ASN A 1 60  ? -4.891  -17.882 7.540   1.00 38.40  ? 1894 ASN A CB   1 
ATOM   330  C CG   . ASN A 1 60  ? -5.959  -18.976 7.560   1.00 43.90  ? 1894 ASN A CG   1 
ATOM   331  O OD1  . ASN A 1 60  ? -7.008  -18.844 8.198   1.00 41.74  ? 1894 ASN A OD1  1 
ATOM   332  N ND2  . ASN A 1 60  ? -5.690  -20.066 6.850   1.00 43.93  ? 1894 ASN A ND2  1 
ATOM   333  N N    . LEU A 1 61  ? -7.513  -15.726 8.697   1.00 30.74  ? 1895 LEU A N    1 
ATOM   334  C CA   . LEU A 1 61  ? -8.250  -15.285 9.883   1.00 36.58  ? 1895 LEU A CA   1 
ATOM   335  C C    . LEU A 1 61  ? -8.759  -16.470 10.708  1.00 41.34  ? 1895 LEU A C    1 
ATOM   336  O O    . LEU A 1 61  ? -9.055  -16.318 11.893  1.00 40.35  ? 1895 LEU A O    1 
ATOM   337  C CB   . LEU A 1 61  ? -9.413  -14.368 9.493   1.00 31.24  ? 1895 LEU A CB   1 
ATOM   338  C CG   . LEU A 1 61  ? -9.005  -13.060 8.797   1.00 39.07  ? 1895 LEU A CG   1 
ATOM   339  C CD1  . LEU A 1 61  ? -10.222 -12.276 8.350   1.00 31.61  ? 1895 LEU A CD1  1 
ATOM   340  C CD2  . LEU A 1 61  ? -8.119  -12.201 9.714   1.00 38.21  ? 1895 LEU A CD2  1 
ATOM   341  N N    . LYS A 1 62  ? -8.850  -17.641 10.081  1.00 42.60  ? 1896 LYS A N    1 
ATOM   342  C CA   . LYS A 1 62  ? -9.283  -18.855 10.775  1.00 43.67  ? 1896 LYS A CA   1 
ATOM   343  C C    . LYS A 1 62  ? -8.192  -19.432 11.673  1.00 48.88  ? 1896 LYS A C    1 
ATOM   344  O O    . LYS A 1 62  ? -8.493  -20.091 12.671  1.00 47.16  ? 1896 LYS A O    1 
ATOM   345  C CB   . LYS A 1 62  ? -9.711  -19.930 9.773   1.00 48.35  ? 1896 LYS A CB   1 
ATOM   346  C CG   . LYS A 1 62  ? -10.896 -19.578 8.898   1.00 54.13  ? 1896 LYS A CG   1 
ATOM   347  C CD   . LYS A 1 62  ? -10.980 -20.585 7.750   1.00 79.91  ? 1896 LYS A CD   1 
ATOM   348  C CE   . LYS A 1 62  ? -12.143 -20.315 6.805   1.00 91.00  ? 1896 LYS A CE   1 
ATOM   349  N NZ   . LYS A 1 62  ? -13.441 -20.788 7.356   1.00 93.58  ? 1896 LYS A NZ   1 
ATOM   350  N N    . LEU A 1 63  ? -6.931  -19.192 11.309  1.00 45.70  ? 1897 LEU A N    1 
ATOM   351  C CA   . LEU A 1 63  ? -5.803  -19.833 11.977  1.00 40.32  ? 1897 LEU A CA   1 
ATOM   352  C C    . LEU A 1 63  ? -4.962  -18.927 12.874  1.00 43.51  ? 1897 LEU A C    1 
ATOM   353  O O    . LEU A 1 63  ? -4.321  -19.409 13.803  1.00 44.72  ? 1897 LEU A O    1 
ATOM   354  C CB   . LEU A 1 63  ? -4.884  -20.478 10.938  1.00 41.40  ? 1897 LEU A CB   1 
ATOM   355  C CG   . LEU A 1 63  ? -5.483  -21.577 10.053  1.00 48.92  ? 1897 LEU A CG   1 
ATOM   356  C CD1  . LEU A 1 63  ? -4.380  -22.255 9.244   1.00 49.56  ? 1897 LEU A CD1  1 
ATOM   357  C CD2  . LEU A 1 63  ? -6.273  -22.605 10.862  1.00 46.37  ? 1897 LEU A CD2  1 
ATOM   358  N N    . VAL A 1 64  ? -4.937  -17.626 12.603  1.00 36.62  ? 1898 VAL A N    1 
ATOM   359  C CA   . VAL A 1 64  ? -4.085  -16.721 13.376  1.00 39.13  ? 1898 VAL A CA   1 
ATOM   360  C C    . VAL A 1 64  ? -4.857  -16.062 14.521  1.00 41.31  ? 1898 VAL A C    1 
ATOM   361  O O    . VAL A 1 64  ? -5.765  -15.264 14.289  1.00 38.59  ? 1898 VAL A O    1 
ATOM   362  C CB   . VAL A 1 64  ? -3.467  -15.627 12.474  1.00 34.41  ? 1898 VAL A CB   1 
ATOM   363  C CG1  . VAL A 1 64  ? -2.652  -14.642 13.297  1.00 33.84  ? 1898 VAL A CG1  1 
ATOM   364  C CG2  . VAL A 1 64  ? -2.601  -16.273 11.386  1.00 33.37  ? 1898 VAL A CG2  1 
ATOM   365  N N    . PRO A 1 65  ? -4.500  -16.404 15.767  1.00 41.44  ? 1899 PRO A N    1 
ATOM   366  C CA   . PRO A 1 65  ? -5.169  -15.846 16.951  1.00 39.94  ? 1899 PRO A CA   1 
ATOM   367  C C    . PRO A 1 65  ? -5.224  -14.313 16.959  1.00 41.44  ? 1899 PRO A C    1 
ATOM   368  O O    . PRO A 1 65  ? -4.231  -13.656 16.646  1.00 40.20  ? 1899 PRO A O    1 
ATOM   369  C CB   . PRO A 1 65  ? -4.308  -16.362 18.115  1.00 44.08  ? 1899 PRO A CB   1 
ATOM   370  C CG   . PRO A 1 65  ? -3.686  -17.623 17.600  1.00 40.38  ? 1899 PRO A CG   1 
ATOM   371  C CD   . PRO A 1 65  ? -3.481  -17.412 16.120  1.00 43.51  ? 1899 PRO A CD   1 
ATOM   372  N N    . GLY A 1 66  ? -6.385  -13.758 17.299  1.00 35.61  ? 1900 GLY A N    1 
ATOM   373  C CA   . GLY A 1 66  ? -6.524  -12.326 17.497  1.00 34.45  ? 1900 GLY A CA   1 
ATOM   374  C C    . GLY A 1 66  ? -6.782  -11.496 16.247  1.00 32.77  ? 1900 GLY A C    1 
ATOM   375  O O    . GLY A 1 66  ? -7.475  -10.489 16.313  1.00 31.66  ? 1900 GLY A O    1 
ATOM   376  N N    . TYR A 1 67  ? -6.247  -11.920 15.105  1.00 35.99  ? 1901 TYR A N    1 
ATOM   377  C CA   . TYR A 1 67  ? -6.209  -11.037 13.928  1.00 33.65  ? 1901 TYR A CA   1 
ATOM   378  C C    . TYR A 1 67  ? -7.575  -10.530 13.446  1.00 34.14  ? 1901 TYR A C    1 
ATOM   379  O O    . TYR A 1 67  ? -7.740  -9.331  13.184  1.00 34.23  ? 1901 TYR A O    1 
ATOM   380  C CB   . TYR A 1 67  ? -5.489  -11.731 12.771  1.00 32.49  ? 1901 TYR A CB   1 
ATOM   381  C CG   . TYR A 1 67  ? -4.746  -10.745 11.899  1.00 33.44  ? 1901 TYR A CG   1 
ATOM   382  C CD1  . TYR A 1 67  ? -3.469  -10.311 12.246  1.00 34.15  ? 1901 TYR A CD1  1 
ATOM   383  C CD2  . TYR A 1 67  ? -5.335  -10.211 10.756  1.00 34.13  ? 1901 TYR A CD2  1 
ATOM   384  C CE1  . TYR A 1 67  ? -2.777  -9.383  11.455  1.00 34.40  ? 1901 TYR A CE1  1 
ATOM   385  C CE2  . TYR A 1 67  ? -4.658  -9.286  9.960   1.00 32.80  ? 1901 TYR A CE2  1 
ATOM   386  C CZ   . TYR A 1 67  ? -3.378  -8.874  10.317  1.00 33.04  ? 1901 TYR A CZ   1 
ATOM   387  O OH   . TYR A 1 67  ? -2.693  -7.954  9.534   1.00 30.04  ? 1901 TYR A OH   1 
ATOM   388  N N    . LYS A 1 68  ? -8.550  -11.422 13.336  1.00 34.01  ? 1902 LYS A N    1 
ATOM   389  C CA   . LYS A 1 68  ? -9.864  -11.044 12.813  1.00 34.88  ? 1902 LYS A CA   1 
ATOM   390  C C    . LYS A 1 68  ? -10.557 -10.019 13.701  1.00 34.84  ? 1902 LYS A C    1 
ATOM   391  O O    . LYS A 1 68  ? -11.211 -9.100  13.208  1.00 36.41  ? 1902 LYS A O    1 
ATOM   392  C CB   . LYS A 1 68  ? -10.747 -12.280 12.653  1.00 35.35  ? 1902 LYS A CB   1 
ATOM   393  C CG   . LYS A 1 68  ? -12.121 -12.031 12.030  1.00 39.88  ? 1902 LYS A CG   1 
ATOM   394  C CD   . LYS A 1 68  ? -12.827 -13.369 11.802  1.00 43.47  ? 1902 LYS A CD   1 
ATOM   395  C CE   . LYS A 1 68  ? -13.983 -13.259 10.817  1.00 51.24  ? 1902 LYS A CE   1 
ATOM   396  N NZ   . LYS A 1 68  ? -15.140 -12.539 11.397  1.00 55.48  ? 1902 LYS A NZ   1 
ATOM   397  N N    . LYS A 1 69  ? -10.399 -10.175 15.012  1.00 37.40  ? 1903 LYS A N    1 
ATOM   398  C CA   . LYS A 1 69  ? -11.059 -9.294  15.967  1.00 38.17  ? 1903 LYS A CA   1 
ATOM   399  C C    . LYS A 1 69  ? -10.302 -7.989  16.116  1.00 35.95  ? 1903 LYS A C    1 
ATOM   400  O O    . LYS A 1 69  ? -10.903 -6.919  16.231  1.00 41.60  ? 1903 LYS A O    1 
ATOM   401  C CB   . LYS A 1 69  ? -11.200 -9.979  17.340  1.00 41.63  ? 1903 LYS A CB   1 
ATOM   402  C CG   . LYS A 1 69  ? -11.771 -9.067  18.439  1.00 36.30  ? 1903 LYS A CG   1 
ATOM   403  C CD   . LYS A 1 69  ? -13.227 -8.730  18.162  1.00 38.12  ? 1903 LYS A CD   1 
ATOM   404  C CE   . LYS A 1 69  ? -13.835 -7.853  19.244  1.00 40.62  ? 1903 LYS A CE   1 
ATOM   405  N NZ   . LYS A 1 69  ? -14.519 -8.666  20.295  1.00 38.68  ? 1903 LYS A NZ   1 
ATOM   406  N N    . VAL A 1 70  ? -8.977  -8.070  16.111  1.00 33.96  ? 1904 VAL A N    1 
ATOM   407  C CA   . VAL A 1 70  ? -8.162  -6.875  16.325  1.00 33.86  ? 1904 VAL A CA   1 
ATOM   408  C C    . VAL A 1 70  ? -7.989  -6.004  15.071  1.00 36.69  ? 1904 VAL A C    1 
ATOM   409  O O    . VAL A 1 70  ? -8.112  -4.785  15.139  1.00 30.44  ? 1904 VAL A O    1 
ATOM   410  C CB   . VAL A 1 70  ? -6.778  -7.261  16.854  1.00 33.12  ? 1904 VAL A CB   1 
ATOM   411  C CG1  . VAL A 1 70  ? -5.839  -6.062  16.851  1.00 35.56  ? 1904 VAL A CG1  1 
ATOM   412  C CG2  . VAL A 1 70  ? -6.913  -7.846  18.249  1.00 36.87  ? 1904 VAL A CG2  1 
ATOM   413  N N    . ILE A 1 71  ? -7.697  -6.618  13.930  1.00 33.81  ? 1905 ILE A N    1 
ATOM   414  C CA   . ILE A 1 71  ? -7.403  -5.823  12.734  1.00 32.58  ? 1905 ILE A CA   1 
ATOM   415  C C    . ILE A 1 71  ? -8.691  -5.605  11.937  1.00 29.33  ? 1905 ILE A C    1 
ATOM   416  O O    . ILE A 1 71  ? -9.171  -6.509  11.251  1.00 36.19  ? 1905 ILE A O    1 
ATOM   417  C CB   . ILE A 1 71  ? -6.320  -6.502  11.864  1.00 32.95  ? 1905 ILE A CB   1 
ATOM   418  C CG1  . ILE A 1 71  ? -5.049  -6.757  12.691  1.00 30.69  ? 1905 ILE A CG1  1 
ATOM   419  C CG2  . ILE A 1 71  ? -6.026  -5.680  10.586  1.00 27.52  ? 1905 ILE A CG2  1 
ATOM   420  C CD1  . ILE A 1 71  ? -4.376  -5.489  13.238  1.00 30.48  ? 1905 ILE A CD1  1 
ATOM   421  N N    . LYS A 1 72  ? -9.247  -4.396  12.029  1.00 33.90  ? 1906 LYS A N    1 
ATOM   422  C CA   . LYS A 1 72  ? -10.574 -4.109  11.466  1.00 35.83  ? 1906 LYS A CA   1 
ATOM   423  C C    . LYS A 1 72  ? -10.593 -4.115  9.935   1.00 35.33  ? 1906 LYS A C    1 
ATOM   424  O O    . LYS A 1 72  ? -11.591 -4.505  9.330   1.00 30.27  ? 1906 LYS A O    1 
ATOM   425  C CB   . LYS A 1 72  ? -11.098 -2.758  11.983  1.00 40.87  ? 1906 LYS A CB   1 
ATOM   426  C CG   . LYS A 1 72  ? -11.142 -2.640  13.512  1.00 46.55  ? 1906 LYS A CG   1 
ATOM   427  C CD   . LYS A 1 72  ? -11.923 -3.777  14.187  1.00 46.85  ? 1906 LYS A CD   1 
ATOM   428  C CE   . LYS A 1 72  ? -11.868 -3.625  15.722  1.00 51.27  ? 1906 LYS A CE   1 
ATOM   429  N NZ   . LYS A 1 72  ? -12.626 -4.676  16.475  1.00 57.20  ? 1906 LYS A NZ   1 
ATOM   430  N N    . LYS A 1 73  ? -9.485  -3.708  9.316   1.00 31.23  ? 1907 LYS A N    1 
ATOM   431  C CA   . LYS A 1 73  ? -9.373  -3.712  7.865   1.00 32.60  ? 1907 LYS A CA   1 
ATOM   432  C C    . LYS A 1 73  ? -8.059  -4.338  7.400   1.00 26.92  ? 1907 LYS A C    1 
ATOM   433  O O    . LYS A 1 73  ? -7.078  -3.622  7.174   1.00 27.40  ? 1907 LYS A O    1 
ATOM   434  C CB   . LYS A 1 73  ? -9.476  -2.285  7.330   1.00 30.24  ? 1907 LYS A CB   1 
ATOM   435  C CG   . LYS A 1 73  ? -10.717 -1.542  7.787   1.00 42.70  ? 1907 LYS A CG   1 
ATOM   436  C CD   . LYS A 1 73  ? -10.647 -0.072  7.387   1.00 54.79  ? 1907 LYS A CD   1 
ATOM   437  C CE   . LYS A 1 73  ? -10.414 0.085   5.882   1.00 62.99  ? 1907 LYS A CE   1 
ATOM   438  N NZ   . LYS A 1 73  ? -10.400 1.516   5.439   1.00 57.93  ? 1907 LYS A NZ   1 
ATOM   439  N N    . PRO A 1 74  ? -8.034  -5.675  7.266   1.00 26.86  ? 1908 PRO A N    1 
ATOM   440  C CA   . PRO A 1 74  ? -6.874  -6.402  6.733   1.00 27.68  ? 1908 PRO A CA   1 
ATOM   441  C C    . PRO A 1 74  ? -6.541  -5.952  5.318   1.00 31.50  ? 1908 PRO A C    1 
ATOM   442  O O    . PRO A 1 74  ? -7.448  -5.628  4.548   1.00 24.50  ? 1908 PRO A O    1 
ATOM   443  C CB   . PRO A 1 74  ? -7.340  -7.862  6.719   1.00 28.40  ? 1908 PRO A CB   1 
ATOM   444  C CG   . PRO A 1 74  ? -8.436  -7.924  7.757   1.00 31.18  ? 1908 PRO A CG   1 
ATOM   445  C CD   . PRO A 1 74  ? -9.132  -6.586  7.634   1.00 29.31  ? 1908 PRO A CD   1 
ATOM   446  N N    . MET A 1 75  ? -5.262  -5.943  4.976   1.00 25.95  ? 1909 MET A N    1 
ATOM   447  C CA   . MET A 1 75  ? -4.844  -5.586  3.622   1.00 25.18  ? 1909 MET A CA   1 
ATOM   448  C C    . MET A 1 75  ? -3.487  -6.255  3.379   1.00 27.85  ? 1909 MET A C    1 
ATOM   449  O O    . MET A 1 75  ? -2.705  -6.467  4.321   1.00 23.58  ? 1909 MET A O    1 
ATOM   450  C CB   . MET A 1 75  ? -4.780  -4.050  3.451   1.00 23.50  ? 1909 MET A CB   1 
ATOM   451  C CG   . MET A 1 75  ? -4.511  -3.565  1.997   1.00 25.51  ? 1909 MET A CG   1 
ATOM   452  S SD   . MET A 1 75  ? -5.639  -4.322  0.769   1.00 25.49  ? 1909 MET A SD   1 
ATOM   453  C CE   . MET A 1 75  ? -7.241  -3.826  1.412   1.00 25.46  ? 1909 MET A CE   1 
ATOM   454  N N    . ASP A 1 76  ? -3.221  -6.626  2.134   1.00 22.75  ? 1910 ASP A N    1 
ATOM   455  C CA   . ASP A 1 76  ? -1.977  -7.318  1.784   1.00 22.97  ? 1910 ASP A CA   1 
ATOM   456  C C    . ASP A 1 76  ? -1.672  -7.027  0.318   1.00 25.82  ? 1910 ASP A C    1 
ATOM   457  O O    . ASP A 1 76  ? -2.555  -6.575  -0.404  1.00 22.40  ? 1910 ASP A O    1 
ATOM   458  C CB   . ASP A 1 76  ? -2.099  -8.827  1.993   1.00 22.80  ? 1910 ASP A CB   1 
ATOM   459  C CG   . ASP A 1 76  ? -3.045  -9.457  0.992   1.00 27.75  ? 1910 ASP A CG   1 
ATOM   460  O OD1  . ASP A 1 76  ? -4.273  -9.461  1.254   1.00 26.70  ? 1910 ASP A OD1  1 
ATOM   461  O OD2  . ASP A 1 76  ? -2.559  -9.917  -0.062  1.00 28.76  ? 1910 ASP A OD2  1 
ATOM   462  N N    . PHE A 1 77  ? -0.456  -7.338  -0.138  1.00 23.90  ? 1911 PHE A N    1 
ATOM   463  C CA   . PHE A 1 77  ? -0.039  -6.913  -1.468  1.00 25.27  ? 1911 PHE A CA   1 
ATOM   464  C C    . PHE A 1 77  ? -0.870  -7.564  -2.558  1.00 26.94  ? 1911 PHE A C    1 
ATOM   465  O O    . PHE A 1 77  ? -1.145  -6.936  -3.583  1.00 24.79  ? 1911 PHE A O    1 
ATOM   466  C CB   . PHE A 1 77  ? 1.448   -7.214  -1.725  1.00 21.86  ? 1911 PHE A CB   1 
ATOM   467  C CG   . PHE A 1 77  ? 2.405   -6.377  -0.919  1.00 27.79  ? 1911 PHE A CG   1 
ATOM   468  C CD1  . PHE A 1 77  ? 1.979   -5.235  -0.249  1.00 27.04  ? 1911 PHE A CD1  1 
ATOM   469  C CD2  . PHE A 1 77  ? 3.745   -6.726  -0.842  1.00 29.42  ? 1911 PHE A CD2  1 
ATOM   470  C CE1  . PHE A 1 77  ? 2.875   -4.477  0.498   1.00 26.36  ? 1911 PHE A CE1  1 
ATOM   471  C CE2  . PHE A 1 77  ? 4.637   -5.966  -0.112  1.00 26.41  ? 1911 PHE A CE2  1 
ATOM   472  C CZ   . PHE A 1 77  ? 4.202   -4.838  0.557   1.00 26.55  ? 1911 PHE A CZ   1 
ATOM   473  N N    . SER A 1 78  ? -1.265  -8.820  -2.372  1.00 25.30  ? 1912 SER A N    1 
ATOM   474  C CA   . SER A 1 78  ? -1.985  -9.501  -3.454  1.00 26.23  ? 1912 SER A CA   1 
ATOM   475  C C    . SER A 1 78  ? -3.395  -8.923  -3.626  1.00 27.59  ? 1912 SER A C    1 
ATOM   476  O O    . SER A 1 78  ? -3.901  -8.831  -4.749  1.00 27.01  ? 1912 SER A O    1 
ATOM   477  C CB   . SER A 1 78  ? -2.037  -11.023 -3.213  1.00 28.60  ? 1912 SER A CB   1 
ATOM   478  O OG   . SER A 1 78  ? -2.968  -11.348 -2.203  1.00 26.69  ? 1912 SER A OG   1 
ATOM   479  N N    . THR A 1 79  ? -4.013  -8.508  -2.522  1.00 25.66  ? 1913 THR A N    1 
ATOM   480  C CA   . THR A 1 79  ? -5.313  -7.843  -2.566  1.00 25.36  ? 1913 THR A CA   1 
ATOM   481  C C    . THR A 1 79  ? -5.195  -6.476  -3.260  1.00 27.25  ? 1913 THR A C    1 
ATOM   482  O O    . THR A 1 79  ? -6.031  -6.120  -4.108  1.00 25.66  ? 1913 THR A O    1 
ATOM   483  C CB   . THR A 1 79  ? -5.906  -7.685  -1.152  1.00 25.93  ? 1913 THR A CB   1 
ATOM   484  O OG1  . THR A 1 79  ? -6.130  -8.986  -0.584  1.00 24.30  ? 1913 THR A OG1  1 
ATOM   485  C CG2  . THR A 1 79  ? -7.256  -6.930  -1.190  1.00 23.08  ? 1913 THR A CG2  1 
ATOM   486  N N    . ILE A 1 80  ? -4.140  -5.732  -2.929  1.00 26.03  ? 1914 ILE A N    1 
ATOM   487  C CA   . ILE A 1 80  ? -3.850  -4.479  -3.612  1.00 25.82  ? 1914 ILE A CA   1 
ATOM   488  C C    . ILE A 1 80  ? -3.644  -4.723  -5.128  1.00 25.95  ? 1914 ILE A C    1 
ATOM   489  O O    . ILE A 1 80  ? -4.236  -4.023  -5.949  1.00 27.80  ? 1914 ILE A O    1 
ATOM   490  C CB   . ILE A 1 80  ? -2.616  -3.778  -2.998  1.00 27.13  ? 1914 ILE A CB   1 
ATOM   491  C CG1  . ILE A 1 80  ? -2.901  -3.385  -1.535  1.00 20.75  ? 1914 ILE A CG1  1 
ATOM   492  C CG2  . ILE A 1 80  ? -2.219  -2.542  -3.819  1.00 23.70  ? 1914 ILE A CG2  1 
ATOM   493  C CD1  . ILE A 1 80  ? -1.711  -2.796  -0.796  1.00 22.69  ? 1914 ILE A CD1  1 
ATOM   494  N N    . ARG A 1 81  ? -2.841  -5.725  -5.500  1.00 27.28  ? 1915 ARG A N    1 
ATOM   495  C CA   . ARG A 1 81  ? -2.642  -6.060  -6.923  1.00 26.65  ? 1915 ARG A CA   1 
ATOM   496  C C    . ARG A 1 81  ? -3.975  -6.359  -7.629  1.00 33.39  ? 1915 ARG A C    1 
ATOM   497  O O    . ARG A 1 81  ? -4.212  -5.929  -8.771  1.00 33.61  ? 1915 ARG A O    1 
ATOM   498  C CB   . ARG A 1 81  ? -1.676  -7.256  -7.054  1.00 28.03  ? 1915 ARG A CB   1 
ATOM   499  C CG   . ARG A 1 81  ? -1.545  -7.812  -8.468  1.00 31.38  ? 1915 ARG A CG   1 
ATOM   500  C CD   . ARG A 1 81  ? -0.864  -6.830  -9.407  1.00 28.39  ? 1915 ARG A CD   1 
ATOM   501  N NE   . ARG A 1 81  ? 0.543   -6.610  -9.081  1.00 27.78  ? 1915 ARG A NE   1 
ATOM   502  C CZ   . ARG A 1 81  ? 1.294   -5.661  -9.639  1.00 34.21  ? 1915 ARG A CZ   1 
ATOM   503  N NH1  . ARG A 1 81  ? 0.772   -4.835  -10.543 1.00 34.66  ? 1915 ARG A NH1  1 
ATOM   504  N NH2  . ARG A 1 81  ? 2.560   -5.528  -9.293  1.00 33.72  ? 1915 ARG A NH2  1 
ATOM   505  N N    . GLU A 1 82  ? -4.858  -7.083  -6.953  1.00 30.14  ? 1916 GLU A N    1 
ATOM   506  C CA   . GLU A 1 82  ? -6.141  -7.427  -7.555  1.00 35.71  ? 1916 GLU A CA   1 
ATOM   507  C C    . GLU A 1 82  ? -7.002  -6.174  -7.750  1.00 37.91  ? 1916 GLU A C    1 
ATOM   508  O O    . GLU A 1 82  ? -7.582  -5.979  -8.819  1.00 32.89  ? 1916 GLU A O    1 
ATOM   509  C CB   . GLU A 1 82  ? -6.879  -8.466  -6.705  1.00 35.23  ? 1916 GLU A CB   1 
ATOM   510  C CG   . GLU A 1 82  ? -8.273  -8.855  -7.228  1.00 40.30  ? 1916 GLU A CG   1 
ATOM   511  C CD   . GLU A 1 82  ? -8.238  -9.484  -8.618  1.00 50.59  ? 1916 GLU A CD   1 
ATOM   512  O OE1  . GLU A 1 82  ? -7.270  -10.222 -8.933  1.00 49.74  ? 1916 GLU A OE1  1 
ATOM   513  O OE2  . GLU A 1 82  ? -9.181  -9.228  -9.402  1.00 50.64  ? 1916 GLU A OE2  1 
ATOM   514  N N    . LYS A 1 83  ? -7.074  -5.324  -6.725  1.00 33.18  ? 1917 LYS A N    1 
ATOM   515  C CA   . LYS A 1 83  ? -7.839  -4.083  -6.817  1.00 29.76  ? 1917 LYS A CA   1 
ATOM   516  C C    . LYS A 1 83  ? -7.296  -3.151  -7.909  1.00 31.79  ? 1917 LYS A C    1 
ATOM   517  O O    . LYS A 1 83  ? -8.070  -2.500  -8.627  1.00 34.95  ? 1917 LYS A O    1 
ATOM   518  C CB   . LYS A 1 83  ? -7.848  -3.357  -5.468  1.00 26.64  ? 1917 LYS A CB   1 
ATOM   519  C CG   . LYS A 1 83  ? -8.824  -3.951  -4.443  1.00 28.31  ? 1917 LYS A CG   1 
ATOM   520  C CD   . LYS A 1 83  ? -8.677  -3.308  -3.076  1.00 28.25  ? 1917 LYS A CD   1 
ATOM   521  C CE   . LYS A 1 83  ? -9.364  -1.947  -3.012  1.00 32.81  ? 1917 LYS A CE   1 
ATOM   522  N NZ   . LYS A 1 83  ? -9.355  -1.417  -1.606  1.00 27.58  ? 1917 LYS A NZ   1 
ATOM   523  N N    . LEU A 1 84  ? -5.973  -3.074  -8.026  1.00 32.38  ? 1918 LEU A N    1 
ATOM   524  C CA   . LEU A 1 84  ? -5.347  -2.224  -9.039  1.00 29.42  ? 1918 LEU A CA   1 
ATOM   525  C C    . LEU A 1 84  ? -5.664  -2.745  -10.459 1.00 39.17  ? 1918 LEU A C    1 
ATOM   526  O O    . LEU A 1 84  ? -6.001  -1.963  -11.351 1.00 36.46  ? 1918 LEU A O    1 
ATOM   527  C CB   . LEU A 1 84  ? -3.839  -2.144  -8.807  1.00 27.23  ? 1918 LEU A CB   1 
ATOM   528  C CG   . LEU A 1 84  ? -2.999  -1.172  -9.639  1.00 33.94  ? 1918 LEU A CG   1 
ATOM   529  C CD1  . LEU A 1 84  ? -3.386  0.267   -9.342  1.00 26.35  ? 1918 LEU A CD1  1 
ATOM   530  C CD2  . LEU A 1 84  ? -1.509  -1.395  -9.414  1.00 34.77  ? 1918 LEU A CD2  1 
ATOM   531  N N    . SER A 1 85  ? -5.586  -4.063  -10.652 1.00 33.91  ? 1919 SER A N    1 
ATOM   532  C CA   . SER A 1 85  ? -5.805  -4.689  -11.967 1.00 37.56  ? 1919 SER A CA   1 
ATOM   533  C C    . SER A 1 85  ? -7.262  -4.669  -12.433 1.00 40.05  ? 1919 SER A C    1 
ATOM   534  O O    . SER A 1 85  ? -7.554  -4.981  -13.587 1.00 38.57  ? 1919 SER A O    1 
ATOM   535  C CB   . SER A 1 85  ? -5.329  -6.144  -11.951 1.00 36.56  ? 1919 SER A CB   1 
ATOM   536  O OG   . SER A 1 85  ? -3.927  -6.214  -11.844 1.00 41.50  ? 1919 SER A OG   1 
ATOM   537  N N    . SER A 1 86  ? -8.173  -4.331  -11.527 1.00 30.57  ? 1920 SER A N    1 
ATOM   538  C CA   . SER A 1 86  ? -9.596  -4.397  -11.808 1.00 32.89  ? 1920 SER A CA   1 
ATOM   539  C C    . SER A 1 86  ? -10.262 -3.033  -11.635 1.00 30.92  ? 1920 SER A C    1 
ATOM   540  O O    . SER A 1 86  ? -11.472 -2.958  -11.429 1.00 32.70  ? 1920 SER A O    1 
ATOM   541  C CB   . SER A 1 86  ? -10.280 -5.440  -10.899 1.00 37.07  ? 1920 SER A CB   1 
ATOM   542  O OG   . SER A 1 86  ? -10.260 -5.055  -9.528  1.00 33.80  ? 1920 SER A OG   1 
ATOM   543  N N    . GLY A 1 87  ? -9.470  -1.961  -11.702 1.00 27.99  ? 1921 GLY A N    1 
ATOM   544  C CA   . GLY A 1 87  ? -10.003 -0.604  -11.640 1.00 30.57  ? 1921 GLY A CA   1 
ATOM   545  C C    . GLY A 1 87  ? -10.698 -0.195  -10.347 1.00 33.99  ? 1921 GLY A C    1 
ATOM   546  O O    . GLY A 1 87  ? -11.624 0.621   -10.363 1.00 33.82  ? 1921 GLY A O    1 
ATOM   547  N N    . GLN A 1 88  ? -10.251 -0.721  -9.210  1.00 30.77  ? 1922 GLN A N    1 
ATOM   548  C CA   . GLN A 1 88  ? -10.922 -0.404  -7.950  1.00 33.37  ? 1922 GLN A CA   1 
ATOM   549  C C    . GLN A 1 88  ? -10.268 0.740   -7.159  1.00 35.14  ? 1922 GLN A C    1 
ATOM   550  O O    . GLN A 1 88  ? -10.758 1.108   -6.089  1.00 38.24  ? 1922 GLN A O    1 
ATOM   551  C CB   . GLN A 1 88  ? -11.011 -1.662  -7.082  1.00 33.43  ? 1922 GLN A CB   1 
ATOM   552  C CG   . GLN A 1 88  ? -11.891 -2.742  -7.706  1.00 32.94  ? 1922 GLN A CG   1 
ATOM   553  C CD   . GLN A 1 88  ? -12.106 -3.921  -6.786  1.00 39.30  ? 1922 GLN A CD   1 
ATOM   554  O OE1  . GLN A 1 88  ? -12.672 -3.785  -5.698  1.00 39.51  ? 1922 GLN A OE1  1 
ATOM   555  N NE2  . GLN A 1 88  ? -11.632 -5.087  -7.209  1.00 33.57  ? 1922 GLN A NE2  1 
ATOM   556  N N    . TYR A 1 89  ? -9.178  1.300   -7.682  1.00 31.68  ? 1923 TYR A N    1 
ATOM   557  C CA   . TYR A 1 89  ? -8.610  2.534   -7.123  1.00 29.17  ? 1923 TYR A CA   1 
ATOM   558  C C    . TYR A 1 89  ? -8.992  3.751   -7.984  1.00 35.18  ? 1923 TYR A C    1 
ATOM   559  O O    . TYR A 1 89  ? -8.572  3.867   -9.139  1.00 32.71  ? 1923 TYR A O    1 
ATOM   560  C CB   . TYR A 1 89  ? -7.074  2.433   -7.000  1.00 28.35  ? 1923 TYR A CB   1 
ATOM   561  C CG   . TYR A 1 89  ? -6.643  1.408   -5.960  1.00 25.56  ? 1923 TYR A CG   1 
ATOM   562  C CD1  . TYR A 1 89  ? -7.038  1.539   -4.634  1.00 26.19  ? 1923 TYR A CD1  1 
ATOM   563  C CD2  . TYR A 1 89  ? -5.854  0.312   -6.311  1.00 29.60  ? 1923 TYR A CD2  1 
ATOM   564  C CE1  . TYR A 1 89  ? -6.665  0.588   -3.662  1.00 26.97  ? 1923 TYR A CE1  1 
ATOM   565  C CE2  . TYR A 1 89  ? -5.478  -0.641  -5.361  1.00 27.30  ? 1923 TYR A CE2  1 
ATOM   566  C CZ   . TYR A 1 89  ? -5.887  -0.498  -4.037  1.00 26.68  ? 1923 TYR A CZ   1 
ATOM   567  O OH   . TYR A 1 89  ? -5.528  -1.425  -3.081  1.00 22.98  ? 1923 TYR A OH   1 
ATOM   568  N N    . PRO A 1 90  ? -9.793  4.666   -7.421  1.00 33.36  ? 1924 PRO A N    1 
ATOM   569  C CA   . PRO A 1 90  ? -10.175 5.848   -8.205  1.00 36.09  ? 1924 PRO A CA   1 
ATOM   570  C C    . PRO A 1 90  ? -8.997  6.792   -8.509  1.00 38.50  ? 1924 PRO A C    1 
ATOM   571  O O    . PRO A 1 90  ? -9.012  7.442   -9.552  1.00 38.21  ? 1924 PRO A O    1 
ATOM   572  C CB   . PRO A 1 90  ? -11.226 6.537   -7.324  1.00 39.58  ? 1924 PRO A CB   1 
ATOM   573  C CG   . PRO A 1 90  ? -11.120 5.907   -5.980  1.00 41.32  ? 1924 PRO A CG   1 
ATOM   574  C CD   . PRO A 1 90  ? -10.568 4.533   -6.174  1.00 34.14  ? 1924 PRO A CD   1 
ATOM   575  N N    . ASN A 1 91  ? -7.980  6.832   -7.650  1.00 33.03  ? 1925 ASN A N    1 
ATOM   576  C CA   . ASN A 1 91  ? -6.835  7.731   -7.849  1.00 31.15  ? 1925 ASN A CA   1 
ATOM   577  C C    . ASN A 1 91  ? -5.605  7.240   -7.095  1.00 33.41  ? 1925 ASN A C    1 
ATOM   578  O O    . ASN A 1 91  ? -5.695  6.268   -6.335  1.00 28.65  ? 1925 ASN A O    1 
ATOM   579  C CB   . ASN A 1 91  ? -7.189  9.145   -7.393  1.00 32.50  ? 1925 ASN A CB   1 
ATOM   580  C CG   . ASN A 1 91  ? -7.650  9.181   -5.952  1.00 31.75  ? 1925 ASN A CG   1 
ATOM   581  O OD1  . ASN A 1 91  ? -6.959  8.699   -5.055  1.00 31.52  ? 1925 ASN A OD1  1 
ATOM   582  N ND2  . ASN A 1 91  ? -8.824  9.739   -5.723  1.00 35.39  ? 1925 ASN A ND2  1 
ATOM   583  N N    A LEU A 1 92  ? -4.472  7.908   -7.318  0.26 29.75  ? 1926 LEU A N    1 
ATOM   584  N N    B LEU A 1 92  ? -4.467  7.907   -7.267  0.74 29.80  ? 1926 LEU A N    1 
ATOM   585  C CA   A LEU A 1 92  ? -3.205  7.566   -6.668  0.26 32.75  ? 1926 LEU A CA   1 
ATOM   586  C CA   B LEU A 1 92  ? -3.234  7.392   -6.667  0.74 32.77  ? 1926 LEU A CA   1 
ATOM   587  C C    A LEU A 1 92  ? -3.353  7.416   -5.165  0.26 32.67  ? 1926 LEU A C    1 
ATOM   588  C C    B LEU A 1 92  ? -3.236  7.477   -5.134  0.74 31.47  ? 1926 LEU A C    1 
ATOM   589  O O    A LEU A 1 92  ? -2.871  6.455   -4.563  0.26 30.07  ? 1926 LEU A O    1 
ATOM   590  O O    B LEU A 1 92  ? -2.533  6.708   -4.470  0.74 28.60  ? 1926 LEU A O    1 
ATOM   591  C CB   A LEU A 1 92  ? -2.146  8.638   -6.948  0.26 33.97  ? 1926 LEU A CB   1 
ATOM   592  C CB   B LEU A 1 92  ? -2.003  8.116   -7.237  0.74 34.09  ? 1926 LEU A CB   1 
ATOM   593  C CG   A LEU A 1 92  ? -1.509  8.749   -8.329  0.26 35.55  ? 1926 LEU A CG   1 
ATOM   594  C CG   B LEU A 1 92  ? -1.672  9.519   -6.739  0.74 34.00  ? 1926 LEU A CG   1 
ATOM   595  C CD1  A LEU A 1 92  ? -0.581  9.954   -8.382  0.26 37.82  ? 1926 LEU A CD1  1 
ATOM   596  C CD1  B LEU A 1 92  ? -0.313  9.959   -7.279  0.74 37.90  ? 1926 LEU A CD1  1 
ATOM   597  C CD2  A LEU A 1 92  ? -0.752  7.485   -8.674  0.26 34.03  ? 1926 LEU A CD2  1 
ATOM   598  C CD2  B LEU A 1 92  ? -2.760  10.490  -7.146  0.74 35.92  ? 1926 LEU A CD2  1 
ATOM   599  N N    . GLU A 1 93  ? -4.023  8.390   -4.568  1.00 31.22  ? 1927 GLU A N    1 
ATOM   600  C CA   . GLU A 1 93  ? -4.086  8.513   -3.114  1.00 34.78  ? 1927 GLU A CA   1 
ATOM   601  C C    . GLU A 1 93  ? -4.806  7.355   -2.433  1.00 33.05  ? 1927 GLU A C    1 
ATOM   602  O O    . GLU A 1 93  ? -4.428  6.959   -1.331  1.00 30.24  ? 1927 GLU A O    1 
ATOM   603  C CB   . GLU A 1 93  ? -4.735  9.842   -2.725  1.00 35.40  ? 1927 GLU A CB   1 
ATOM   604  C CG   . GLU A 1 93  ? -3.934  11.055  -3.226  1.00 43.91  ? 1927 GLU A CG   1 
ATOM   605  C CD   . GLU A 1 93  ? -2.451  11.038  -2.788  1.00 53.78  ? 1927 GLU A CD   1 
ATOM   606  O OE1  . GLU A 1 93  ? -2.132  10.462  -1.712  1.00 49.94  ? 1927 GLU A OE1  1 
ATOM   607  O OE2  . GLU A 1 93  ? -1.604  11.608  -3.521  1.00 53.53  ? 1927 GLU A OE2  1 
ATOM   608  N N    . THR A 1 94  ? -5.831  6.810   -3.075  1.00 28.25  ? 1928 THR A N    1 
ATOM   609  C CA   . THR A 1 94  ? -6.499  5.647   -2.514  1.00 29.70  ? 1928 THR A CA   1 
ATOM   610  C C    . THR A 1 94  ? -5.580  4.421   -2.587  1.00 29.01  ? 1928 THR A C    1 
ATOM   611  O O    . THR A 1 94  ? -5.663  3.528   -1.749  1.00 27.32  ? 1928 THR A O    1 
ATOM   612  C CB   . THR A 1 94  ? -7.844  5.360   -3.227  1.00 34.06  ? 1928 THR A CB   1 
ATOM   613  O OG1  . THR A 1 94  ? -7.638  5.163   -4.635  1.00 27.88  ? 1928 THR A OG1  1 
ATOM   614  C CG2  . THR A 1 94  ? -8.789  6.529   -3.026  1.00 32.22  ? 1928 THR A CG2  1 
ATOM   615  N N    . PHE A 1 95  ? -4.714  4.378   -3.595  1.00 25.19  ? 1929 PHE A N    1 
ATOM   616  C CA   . PHE A 1 95  ? -3.699  3.322   -3.668  1.00 27.58  ? 1929 PHE A CA   1 
ATOM   617  C C    . PHE A 1 95  ? -2.711  3.457   -2.494  1.00 23.71  ? 1929 PHE A C    1 
ATOM   618  O O    . PHE A 1 95  ? -2.476  2.497   -1.756  1.00 26.40  ? 1929 PHE A O    1 
ATOM   619  C CB   . PHE A 1 95  ? -2.979  3.377   -5.017  1.00 24.79  ? 1929 PHE A CB   1 
ATOM   620  C CG   . PHE A 1 95  ? -1.790  2.456   -5.123  1.00 27.31  ? 1929 PHE A CG   1 
ATOM   621  C CD1  . PHE A 1 95  ? -1.958  1.112   -5.424  1.00 26.34  ? 1929 PHE A CD1  1 
ATOM   622  C CD2  . PHE A 1 95  ? -0.501  2.945   -4.957  1.00 25.17  ? 1929 PHE A CD2  1 
ATOM   623  C CE1  . PHE A 1 95  ? -0.856  0.280   -5.536  1.00 24.42  ? 1929 PHE A CE1  1 
ATOM   624  C CE2  . PHE A 1 95  ? 0.601   2.114   -5.064  1.00 31.48  ? 1929 PHE A CE2  1 
ATOM   625  C CZ   . PHE A 1 95  ? 0.428   0.780   -5.356  1.00 23.64  ? 1929 PHE A CZ   1 
ATOM   626  N N    . ALA A 1 96  ? -2.170  4.653   -2.280  1.00 25.48  ? 1930 ALA A N    1 
ATOM   627  C CA   . ALA A 1 96  ? -1.226  4.849   -1.180  1.00 25.71  ? 1930 ALA A CA   1 
ATOM   628  C C    . ALA A 1 96  ? -1.869  4.521   0.170   1.00 28.42  ? 1930 ALA A C    1 
ATOM   629  O O    . ALA A 1 96  ? -1.199  4.025   1.088   1.00 25.60  ? 1930 ALA A O    1 
ATOM   630  C CB   . ALA A 1 96  ? -0.684  6.276   -1.188  1.00 29.00  ? 1930 ALA A CB   1 
ATOM   631  N N    . LEU A 1 97  ? -3.166  4.787   0.300   1.00 25.52  ? 1931 LEU A N    1 
ATOM   632  C CA   . LEU A 1 97  ? -3.851  4.493   1.566   1.00 30.56  ? 1931 LEU A CA   1 
ATOM   633  C C    . LEU A 1 97  ? -3.837  3.000   1.879   1.00 29.79  ? 1931 LEU A C    1 
ATOM   634  O O    . LEU A 1 97  ? -3.584  2.597   3.019   1.00 26.42  ? 1931 LEU A O    1 
ATOM   635  C CB   . LEU A 1 97  ? -5.299  4.999   1.546   1.00 35.72  ? 1931 LEU A CB   1 
ATOM   636  C CG   . LEU A 1 97  ? -5.500  6.501   1.755   1.00 38.33  ? 1931 LEU A CG   1 
ATOM   637  C CD1  . LEU A 1 97  ? -6.978  6.845   1.680   1.00 41.57  ? 1931 LEU A CD1  1 
ATOM   638  C CD2  . LEU A 1 97  ? -4.923  6.933   3.099   1.00 37.08  ? 1931 LEU A CD2  1 
ATOM   639  N N    . ASP A 1 98  ? -4.099  2.176   0.870   1.00 25.47  ? 1932 ASP A N    1 
ATOM   640  C CA   . ASP A 1 98  ? -4.103  0.724   1.077   1.00 24.86  ? 1932 ASP A CA   1 
ATOM   641  C C    . ASP A 1 98  ? -2.707  0.193   1.404   1.00 25.63  ? 1932 ASP A C    1 
ATOM   642  O O    . ASP A 1 98  ? -2.575  -0.676  2.264   1.00 25.46  ? 1932 ASP A O    1 
ATOM   643  C CB   . ASP A 1 98  ? -4.678  0.004   -0.150  1.00 22.81  ? 1932 ASP A CB   1 
ATOM   644  C CG   . ASP A 1 98  ? -6.130  -0.392  0.037   1.00 31.53  ? 1932 ASP A CG   1 
ATOM   645  O OD1  . ASP A 1 98  ? -6.707  -0.046  1.101   1.00 27.31  ? 1932 ASP A OD1  1 
ATOM   646  O OD2  . ASP A 1 98  ? -6.696  -1.042  -0.876  1.00 27.28  ? 1932 ASP A OD2  1 
ATOM   647  N N    . VAL A 1 99  ? -1.673  0.694   0.712   1.00 20.36  ? 1933 VAL A N    1 
ATOM   648  C CA   . VAL A 1 99  ? -0.296  0.314   1.022   1.00 20.40  ? 1933 VAL A CA   1 
ATOM   649  C C    . VAL A 1 99  ? 0.065   0.667   2.472   1.00 27.02  ? 1933 VAL A C    1 
ATOM   650  O O    . VAL A 1 99  ? 0.576   -0.168  3.210   1.00 21.32  ? 1933 VAL A O    1 
ATOM   651  C CB   . VAL A 1 99  ? 0.735   0.993   0.070   1.00 20.40  ? 1933 VAL A CB   1 
ATOM   652  C CG1  . VAL A 1 99  ? 2.177   0.596   0.465   1.00 24.31  ? 1933 VAL A CG1  1 
ATOM   653  C CG2  . VAL A 1 99  ? 0.458   0.608   -1.405  1.00 21.62  ? 1933 VAL A CG2  1 
ATOM   654  N N    . ARG A 1 100 ? -0.214  1.901   2.892   1.00 25.78  ? 1934 ARG A N    1 
ATOM   655  C CA   . ARG A 1 100 ? 0.088   2.300   4.271   1.00 24.34  ? 1934 ARG A CA   1 
ATOM   656  C C    . ARG A 1 100 ? -0.689  1.447   5.276   1.00 25.24  ? 1934 ARG A C    1 
ATOM   657  O O    . ARG A 1 100 ? -0.177  1.140   6.363   1.00 26.55  ? 1934 ARG A O    1 
ATOM   658  C CB   . ARG A 1 100 ? -0.219  3.793   4.467   1.00 26.13  ? 1934 ARG A CB   1 
ATOM   659  C CG   . ARG A 1 100 ? 0.777   4.659   3.719   1.00 27.24  ? 1934 ARG A CG   1 
ATOM   660  C CD   . ARG A 1 100 ? 0.365   6.128   3.573   1.00 27.37  ? 1934 ARG A CD   1 
ATOM   661  N NE   . ARG A 1 100 ? 1.384   6.795   2.770   1.00 29.15  ? 1934 ARG A NE   1 
ATOM   662  C CZ   . ARG A 1 100 ? 1.169   7.829   1.969   1.00 36.08  ? 1934 ARG A CZ   1 
ATOM   663  N NH1  . ARG A 1 100 ? -0.048  8.350   1.864   1.00 31.27  ? 1934 ARG A NH1  1 
ATOM   664  N NH2  . ARG A 1 100 ? 2.181   8.335   1.275   1.00 31.56  ? 1934 ARG A NH2  1 
ATOM   665  N N    . LEU A 1 101 ? -1.909  1.057   4.897   1.00 25.76  ? 1935 LEU A N    1 
ATOM   666  C CA   . LEU A 1 101 ? -2.754  0.214   5.743   1.00 24.42  ? 1935 LEU A CA   1 
ATOM   667  C C    . LEU A 1 101 ? -2.051  -1.107  6.071   1.00 27.55  ? 1935 LEU A C    1 
ATOM   668  O O    . LEU A 1 101 ? -2.128  -1.607  7.201   1.00 27.31  ? 1935 LEU A O    1 
ATOM   669  C CB   . LEU A 1 101 ? -4.109  -0.042  5.065   1.00 27.82  ? 1935 LEU A CB   1 
ATOM   670  C CG   . LEU A 1 101 ? -5.168  -0.898  5.788   1.00 25.11  ? 1935 LEU A CG   1 
ATOM   671  C CD1  . LEU A 1 101 ? -5.500  -0.392  7.211   1.00 30.03  ? 1935 LEU A CD1  1 
ATOM   672  C CD2  . LEU A 1 101 ? -6.443  -1.025  4.961   1.00 26.59  ? 1935 LEU A CD2  1 
ATOM   673  N N    . VAL A 1 102 ? -1.370  -1.682  5.084   1.00 23.96  ? 1936 VAL A N    1 
ATOM   674  C CA   . VAL A 1 102 ? -0.584  -2.894  5.338   1.00 25.73  ? 1936 VAL A CA   1 
ATOM   675  C C    . VAL A 1 102 ? 0.394   -2.683  6.499   1.00 28.89  ? 1936 VAL A C    1 
ATOM   676  O O    . VAL A 1 102 ? 0.475   -3.500  7.428   1.00 24.80  ? 1936 VAL A O    1 
ATOM   677  C CB   . VAL A 1 102 ? 0.194   -3.311  4.087   1.00 24.76  ? 1936 VAL A CB   1 
ATOM   678  C CG1  . VAL A 1 102 ? 1.073   -4.548  4.377   1.00 25.70  ? 1936 VAL A CG1  1 
ATOM   679  C CG2  . VAL A 1 102 ? -0.784  -3.581  2.934   1.00 22.86  ? 1936 VAL A CG2  1 
ATOM   680  N N    . PHE A 1 103 ? 1.123   -1.570  6.463   1.00 23.22  ? 1937 PHE A N    1 
ATOM   681  C CA   . PHE A 1 103 ? 2.166   -1.358  7.465   1.00 27.89  ? 1937 PHE A CA   1 
ATOM   682  C C    . PHE A 1 103 ? 1.595   -0.871  8.795   1.00 28.25  ? 1937 PHE A C    1 
ATOM   683  O O    . PHE A 1 103 ? 2.140   -1.189  9.857   1.00 27.98  ? 1937 PHE A O    1 
ATOM   684  C CB   . PHE A 1 103 ? 3.220   -0.396  6.918   1.00 28.35  ? 1937 PHE A CB   1 
ATOM   685  C CG   . PHE A 1 103 ? 3.747   -0.810  5.576   1.00 25.34  ? 1937 PHE A CG   1 
ATOM   686  C CD1  . PHE A 1 103 ? 4.094   -2.144  5.333   1.00 27.62  ? 1937 PHE A CD1  1 
ATOM   687  C CD2  . PHE A 1 103 ? 3.851   0.108   4.534   1.00 27.66  ? 1937 PHE A CD2  1 
ATOM   688  C CE1  . PHE A 1 103 ? 4.551   -2.552  4.075   1.00 25.32  ? 1937 PHE A CE1  1 
ATOM   689  C CE2  . PHE A 1 103 ? 4.327   -0.291  3.287   1.00 26.14  ? 1937 PHE A CE2  1 
ATOM   690  C CZ   . PHE A 1 103 ? 4.663   -1.620  3.055   1.00 27.39  ? 1937 PHE A CZ   1 
ATOM   691  N N    . ASP A 1 104 ? 0.487   -0.130  8.745   1.00 28.13  ? 1938 ASP A N    1 
ATOM   692  C CA   . ASP A 1 104 ? -0.202  0.250   9.973   1.00 31.02  ? 1938 ASP A CA   1 
ATOM   693  C C    . ASP A 1 104 ? -0.766  -0.988  10.680  1.00 31.19  ? 1938 ASP A C    1 
ATOM   694  O O    . ASP A 1 104 ? -0.675  -1.112  11.902  1.00 31.80  ? 1938 ASP A O    1 
ATOM   695  C CB   . ASP A 1 104 ? -1.313  1.258   9.686   1.00 28.93  ? 1938 ASP A CB   1 
ATOM   696  C CG   . ASP A 1 104 ? -0.776  2.619   9.270   1.00 30.92  ? 1938 ASP A CG   1 
ATOM   697  O OD1  . ASP A 1 104 ? 0.444   2.872   9.420   1.00 30.82  ? 1938 ASP A OD1  1 
ATOM   698  O OD2  . ASP A 1 104 ? -1.583  3.447   8.804   1.00 37.71  ? 1938 ASP A OD2  1 
ATOM   699  N N    . ASN A 1 105 ? -1.350  -1.910  9.921   1.00 26.74  ? 1939 ASN A N    1 
ATOM   700  C CA   . ASN A 1 105 ? -1.818  -3.153  10.530  1.00 27.52  ? 1939 ASN A CA   1 
ATOM   701  C C    . ASN A 1 105 ? -0.657  -3.913  11.161  1.00 34.73  ? 1939 ASN A C    1 
ATOM   702  O O    . ASN A 1 105 ? -0.792  -4.482  12.257  1.00 29.27  ? 1939 ASN A O    1 
ATOM   703  C CB   . ASN A 1 105 ? -2.526  -4.050  9.509   1.00 23.60  ? 1939 ASN A CB   1 
ATOM   704  C CG   . ASN A 1 105 ? -3.876  -3.498  9.081   1.00 29.70  ? 1939 ASN A CG   1 
ATOM   705  O OD1  . ASN A 1 105 ? -4.431  -2.607  9.736   1.00 30.97  ? 1939 ASN A OD1  1 
ATOM   706  N ND2  . ASN A 1 105 ? -4.415  -4.025  7.982   1.00 26.96  ? 1939 ASN A ND2  1 
ATOM   707  N N    . CYS A 1 106 ? 0.483   -3.923  10.465  1.00 27.93  ? 1940 CYS A N    1 
ATOM   708  C CA   . CYS A 1 106 ? 1.664   -4.646  10.943  1.00 32.29  ? 1940 CYS A CA   1 
ATOM   709  C C    . CYS A 1 106 ? 2.138   -4.086  12.289  1.00 32.76  ? 1940 CYS A C    1 
ATOM   710  O O    . CYS A 1 106 ? 2.505   -4.846  13.184  1.00 32.13  ? 1940 CYS A O    1 
ATOM   711  C CB   . CYS A 1 106 ? 2.797   -4.584  9.908   1.00 27.08  ? 1940 CYS A CB   1 
ATOM   712  S SG   . CYS A 1 106 ? 4.338   -5.460  10.382  1.00 27.59  ? 1940 CYS A SG   1 
ATOM   713  N N    . GLU A 1 107 ? 2.117   -2.763  12.442  1.00 32.45  ? 1941 GLU A N    1 
ATOM   714  C CA   . GLU A 1 107 ? 2.535   -2.158  13.708  1.00 37.06  ? 1941 GLU A CA   1 
ATOM   715  C C    . GLU A 1 107 ? 1.582   -2.500  14.836  1.00 38.66  ? 1941 GLU A C    1 
ATOM   716  O O    . GLU A 1 107 ? 2.013   -2.792  15.950  1.00 37.67  ? 1941 GLU A O    1 
ATOM   717  C CB   . GLU A 1 107 ? 2.641   -0.641  13.587  1.00 36.02  ? 1941 GLU A CB   1 
ATOM   718  C CG   . GLU A 1 107 ? 3.821   -0.202  12.760  1.00 45.01  ? 1941 GLU A CG   1 
ATOM   719  C CD   . GLU A 1 107 ? 4.401   1.110   13.236  1.00 58.26  ? 1941 GLU A CD   1 
ATOM   720  O OE1  . GLU A 1 107 ? 4.358   1.359   14.465  1.00 58.97  ? 1941 GLU A OE1  1 
ATOM   721  O OE2  . GLU A 1 107 ? 4.889   1.889   12.378  1.00 56.90  ? 1941 GLU A OE2  1 
ATOM   722  N N    . THR A 1 108 ? 0.287   -2.452  14.542  1.00 33.09  ? 1942 THR A N    1 
ATOM   723  C CA   . THR A 1 108 ? -0.740  -2.768  15.530  1.00 36.19  ? 1942 THR A CA   1 
ATOM   724  C C    . THR A 1 108 ? -0.578  -4.179  16.089  1.00 43.79  ? 1942 THR A C    1 
ATOM   725  O O    . THR A 1 108 ? -0.833  -4.428  17.277  1.00 38.32  ? 1942 THR A O    1 
ATOM   726  C CB   . THR A 1 108 ? -2.150  -2.624  14.921  1.00 36.43  ? 1942 THR A CB   1 
ATOM   727  O OG1  . THR A 1 108 ? -2.368  -1.254  14.557  1.00 39.57  ? 1942 THR A OG1  1 
ATOM   728  C CG2  . THR A 1 108 ? -3.213  -3.068  15.908  1.00 36.38  ? 1942 THR A CG2  1 
ATOM   729  N N    . PHE A 1 109 ? -0.139  -5.101  15.242  1.00 31.85  ? 1943 PHE A N    1 
ATOM   730  C CA   . PHE A 1 109 ? -0.149  -6.512  15.617  1.00 35.52  ? 1943 PHE A CA   1 
ATOM   731  C C    . PHE A 1 109 ? 1.232   -7.101  15.967  1.00 35.48  ? 1943 PHE A C    1 
ATOM   732  O O    . PHE A 1 109 ? 1.319   -8.264  16.364  1.00 32.72  ? 1943 PHE A O    1 
ATOM   733  C CB   . PHE A 1 109 ? -0.784  -7.331  14.494  1.00 31.24  ? 1943 PHE A CB   1 
ATOM   734  C CG   . PHE A 1 109 ? -1.410  -8.625  14.959  1.00 32.16  ? 1943 PHE A CG   1 
ATOM   735  C CD1  . PHE A 1 109 ? -2.622  -8.621  15.638  1.00 33.59  ? 1943 PHE A CD1  1 
ATOM   736  C CD2  . PHE A 1 109 ? -0.789  -9.838  14.715  1.00 35.17  ? 1943 PHE A CD2  1 
ATOM   737  C CE1  . PHE A 1 109 ? -3.213  -9.811  16.064  1.00 34.99  ? 1943 PHE A CE1  1 
ATOM   738  C CE2  . PHE A 1 109 ? -1.362  -11.030 15.130  1.00 35.52  ? 1943 PHE A CE2  1 
ATOM   739  C CZ   . PHE A 1 109 ? -2.577  -11.019 15.804  1.00 32.83  ? 1943 PHE A CZ   1 
ATOM   740  N N    . ASN A 1 110 ? 2.299   -6.319  15.817  1.00 31.46  ? 1944 ASN A N    1 
ATOM   741  C CA   . ASN A 1 110 ? 3.651   -6.829  16.090  1.00 33.43  ? 1944 ASN A CA   1 
ATOM   742  C C    . ASN A 1 110 ? 4.521   -5.865  16.900  1.00 36.00  ? 1944 ASN A C    1 
ATOM   743  O O    . ASN A 1 110 ? 4.460   -4.650  16.689  1.00 35.53  ? 1944 ASN A O    1 
ATOM   744  C CB   . ASN A 1 110 ? 4.377   -7.147  14.783  1.00 28.37  ? 1944 ASN A CB   1 
ATOM   745  C CG   . ASN A 1 110 ? 3.632   -8.139  13.930  1.00 35.00  ? 1944 ASN A CG   1 
ATOM   746  O OD1  . ASN A 1 110 ? 3.879   -9.354  13.984  1.00 33.37  ? 1944 ASN A OD1  1 
ATOM   747  N ND2  . ASN A 1 110 ? 2.708   -7.627  13.125  1.00 28.64  ? 1944 ASN A ND2  1 
ATOM   748  N N    . GLU A 1 111 ? 5.334   -6.403  17.814  1.00 36.45  ? 1945 GLU A N    1 
ATOM   749  C CA   . GLU A 1 111 ? 6.357   -5.597  18.496  1.00 36.89  ? 1945 GLU A CA   1 
ATOM   750  C C    . GLU A 1 111 ? 7.377   -5.107  17.478  1.00 38.65  ? 1945 GLU A C    1 
ATOM   751  O O    . GLU A 1 111 ? 7.755   -5.868  16.581  1.00 35.17  ? 1945 GLU A O    1 
ATOM   752  C CB   A GLU A 1 111 ? 7.080   -6.393  19.588  0.24 40.04  ? 1945 GLU A CB   1 
ATOM   753  C CB   B GLU A 1 111 ? 7.058   -6.419  19.585  0.76 42.00  ? 1945 GLU A CB   1 
ATOM   754  C CG   A GLU A 1 111 ? 6.339   -7.598  20.124  0.24 40.66  ? 1945 GLU A CG   1 
ATOM   755  C CG   B GLU A 1 111 ? 6.166   -6.822  20.759  0.76 39.01  ? 1945 GLU A CG   1 
ATOM   756  C CD   A GLU A 1 111 ? 7.278   -8.755  20.405  0.24 42.16  ? 1945 GLU A CD   1 
ATOM   757  C CD   B GLU A 1 111 ? 5.877   -5.663  21.679  0.76 41.66  ? 1945 GLU A CD   1 
ATOM   758  O OE1  A GLU A 1 111 ? 8.342   -8.520  21.016  0.24 46.35  ? 1945 GLU A OE1  1 
ATOM   759  O OE1  B GLU A 1 111 ? 6.627   -4.668  21.633  0.76 48.79  ? 1945 GLU A OE1  1 
ATOM   760  O OE2  A GLU A 1 111 ? 6.969   -9.894  19.999  0.24 38.11  ? 1945 GLU A OE2  1 
ATOM   761  O OE2  B GLU A 1 111 ? 4.897   -5.734  22.445  0.76 42.33  ? 1945 GLU A OE2  1 
ATOM   762  N N    . ASP A 1 112 ? 7.843   -3.866  17.624  1.00 40.06  ? 1946 ASP A N    1 
ATOM   763  C CA   . ASP A 1 112 ? 8.924   -3.355  16.772  1.00 40.18  ? 1946 ASP A CA   1 
ATOM   764  C C    . ASP A 1 112 ? 10.122  -4.303  16.794  1.00 40.43  ? 1946 ASP A C    1 
ATOM   765  O O    . ASP A 1 112 ? 10.777  -4.511  15.780  1.00 40.78  ? 1946 ASP A O    1 
ATOM   766  C CB   . ASP A 1 112 ? 9.366   -1.961  17.207  1.00 37.68  ? 1946 ASP A CB   1 
ATOM   767  C CG   . ASP A 1 112 ? 8.251   -0.935  17.116  1.00 48.24  ? 1946 ASP A CG   1 
ATOM   768  O OD1  . ASP A 1 112 ? 7.387   -1.046  16.221  1.00 46.19  ? 1946 ASP A OD1  1 
ATOM   769  O OD2  . ASP A 1 112 ? 8.231   -0.003  17.946  1.00 54.02  ? 1946 ASP A OD2  1 
ATOM   770  N N    . ASP A 1 113 ? 10.394  -4.888  17.958  1.00 47.35  ? 1947 ASP A N    1 
ATOM   771  C CA   . ASP A 1 113 ? 11.523  -5.806  18.119  1.00 44.32  ? 1947 ASP A CA   1 
ATOM   772  C C    . ASP A 1 113 ? 11.144  -7.258  17.786  1.00 51.74  ? 1947 ASP A C    1 
ATOM   773  O O    . ASP A 1 113 ? 11.196  -8.146  18.638  1.00 51.34  ? 1947 ASP A O    1 
ATOM   774  C CB   . ASP A 1 113 ? 12.073  -5.709  19.549  1.00 50.97  ? 1947 ASP A CB   1 
ATOM   775  C CG   . ASP A 1 113 ? 13.385  -6.462  19.731  1.00 52.76  ? 1947 ASP A CG   1 
ATOM   776  O OD1  . ASP A 1 113 ? 13.988  -6.909  18.728  1.00 50.06  ? 1947 ASP A OD1  1 
ATOM   777  O OD2  . ASP A 1 113 ? 13.816  -6.603  20.895  1.00 63.60  ? 1947 ASP A OD2  1 
ATOM   778  N N    . SER A 1 114 ? 10.756  -7.482  16.537  1.00 41.82  ? 1948 SER A N    1 
ATOM   779  C CA   . SER A 1 114 ? 10.484  -8.819  16.020  1.00 41.41  ? 1948 SER A CA   1 
ATOM   780  C C    . SER A 1 114 ? 10.827  -8.763  14.554  1.00 37.93  ? 1948 SER A C    1 
ATOM   781  O O    . SER A 1 114 ? 10.903  -7.677  13.991  1.00 34.94  ? 1948 SER A O    1 
ATOM   782  C CB   . SER A 1 114 ? 9.021   -9.226  16.222  1.00 38.13  ? 1948 SER A CB   1 
ATOM   783  O OG   . SER A 1 114 ? 8.139   -8.312  15.585  1.00 36.20  ? 1948 SER A OG   1 
ATOM   784  N N    . ASP A 1 115 ? 11.029  -9.911  13.923  1.00 35.37  ? 1949 ASP A N    1 
ATOM   785  C CA   . ASP A 1 115 ? 11.357  -9.900  12.503  1.00 36.74  ? 1949 ASP A CA   1 
ATOM   786  C C    . ASP A 1 115 ? 10.239  -9.298  11.638  1.00 37.37  ? 1949 ASP A C    1 
ATOM   787  O O    . ASP A 1 115 ? 10.513  -8.501  10.736  1.00 31.71  ? 1949 ASP A O    1 
ATOM   788  C CB   . ASP A 1 115 ? 11.710  -11.308 12.041  1.00 37.56  ? 1949 ASP A CB   1 
ATOM   789  C CG   . ASP A 1 115 ? 13.106  -11.712 12.501  1.00 45.84  ? 1949 ASP A CG   1 
ATOM   790  O OD1  . ASP A 1 115 ? 13.482  -11.324 13.633  1.00 54.40  ? 1949 ASP A OD1  1 
ATOM   791  O OD2  . ASP A 1 115 ? 13.832  -12.363 11.720  1.00 44.23  ? 1949 ASP A OD2  1 
ATOM   792  N N    . ILE A 1 116 ? 8.987   -9.649  11.921  1.00 34.30  ? 1950 ILE A N    1 
ATOM   793  C CA   . ILE A 1 116 ? 7.881   -9.086  11.152  1.00 34.67  ? 1950 ILE A CA   1 
ATOM   794  C C    . ILE A 1 116 ? 7.783   -7.587  11.419  1.00 34.79  ? 1950 ILE A C    1 
ATOM   795  O O    . ILE A 1 116 ? 7.581   -6.794  10.489  1.00 30.63  ? 1950 ILE A O    1 
ATOM   796  C CB   . ILE A 1 116 ? 6.545   -9.797  11.470  1.00 33.10  ? 1950 ILE A CB   1 
ATOM   797  C CG1  . ILE A 1 116 ? 6.623   -11.255 11.002  1.00 31.01  ? 1950 ILE A CG1  1 
ATOM   798  C CG2  . ILE A 1 116 ? 5.366   -9.092  10.780  1.00 26.03  ? 1950 ILE A CG2  1 
ATOM   799  C CD1  . ILE A 1 116 ? 5.389   -12.079 11.321  1.00 33.73  ? 1950 ILE A CD1  1 
ATOM   800  N N    . GLY A 1 117 ? 7.948   -7.193  12.682  1.00 29.26  ? 1951 GLY A N    1 
ATOM   801  C CA   . GLY A 1 117 ? 7.936   -5.779  13.039  1.00 29.07  ? 1951 GLY A CA   1 
ATOM   802  C C    . GLY A 1 117 ? 8.989   -4.958  12.298  1.00 34.63  ? 1951 GLY A C    1 
ATOM   803  O O    . GLY A 1 117 ? 8.713   -3.839  11.842  1.00 30.62  ? 1951 GLY A O    1 
ATOM   804  N N    . ARG A 1 118 ? 10.194  -5.511  12.173  1.00 33.45  ? 1952 ARG A N    1 
ATOM   805  C CA   . ARG A 1 118 ? 11.264  -4.854  11.416  1.00 39.73  ? 1952 ARG A CA   1 
ATOM   806  C C    . ARG A 1 118 ? 10.980  -4.840  9.911   1.00 34.58  ? 1952 ARG A C    1 
ATOM   807  O O    . ARG A 1 118 ? 11.211  -3.823  9.245   1.00 31.73  ? 1952 ARG A O    1 
ATOM   808  C CB   . ARG A 1 118 ? 12.619  -5.525  11.688  1.00 41.71  ? 1952 ARG A CB   1 
ATOM   809  C CG   . ARG A 1 118 ? 13.286  -5.059  12.993  1.00 38.03  ? 1952 ARG A CG   1 
ATOM   810  C CD   . ARG A 1 118 ? 14.678  -5.697  13.196  1.00 50.88  ? 1952 ARG A CD   1 
ATOM   811  N NE   . ARG A 1 118 ? 14.613  -7.134  13.467  1.00 44.31  ? 1952 ARG A NE   1 
ATOM   812  C CZ   . ARG A 1 118 ? 14.388  -7.659  14.670  1.00 45.71  ? 1952 ARG A CZ   1 
ATOM   813  N NH1  . ARG A 1 118 ? 14.336  -8.980  14.827  1.00 43.96  ? 1952 ARG A NH1  1 
ATOM   814  N NH2  . ARG A 1 118 ? 14.205  -6.863  15.718  1.00 45.04  ? 1952 ARG A NH2  1 
ATOM   815  N N    . ALA A 1 119 ? 10.470  -5.949  9.376   1.00 28.62  ? 1953 ALA A N    1 
ATOM   816  C CA   . ALA A 1 119 ? 10.091  -5.989  7.954   1.00 31.05  ? 1953 ALA A CA   1 
ATOM   817  C C    . ALA A 1 119 ? 9.071   -4.878  7.615   1.00 29.17  ? 1953 ALA A C    1 
ATOM   818  O O    . ALA A 1 119 ? 9.186   -4.200  6.593   1.00 30.58  ? 1953 ALA A O    1 
ATOM   819  C CB   . ALA A 1 119 ? 9.539   -7.364  7.588   1.00 28.93  ? 1953 ALA A CB   1 
ATOM   820  N N    . GLY A 1 120 ? 8.082   -4.685  8.479   1.00 25.93  ? 1954 GLY A N    1 
ATOM   821  C CA   . GLY A 1 120 ? 7.103   -3.628  8.273   1.00 27.60  ? 1954 GLY A CA   1 
ATOM   822  C C    . GLY A 1 120 ? 7.746   -2.252  8.198   1.00 33.93  ? 1954 GLY A C    1 
ATOM   823  O O    . GLY A 1 120 ? 7.497   -1.483  7.254   1.00 30.18  ? 1954 GLY A O    1 
ATOM   824  N N    . HIS A 1 121 ? 8.574   -1.928  9.188   1.00 33.64  ? 1955 HIS A N    1 
ATOM   825  C CA   . HIS A 1 121 ? 9.266   -0.636  9.207   1.00 35.66  ? 1955 HIS A CA   1 
ATOM   826  C C    . HIS A 1 121 ? 10.144  -0.463  7.965   1.00 30.66  ? 1955 HIS A C    1 
ATOM   827  O O    . HIS A 1 121 ? 10.143  0.598   7.341   1.00 34.92  ? 1955 HIS A O    1 
ATOM   828  C CB   . HIS A 1 121 ? 10.101  -0.488  10.495  1.00 34.16  ? 1955 HIS A CB   1 
ATOM   829  C CG   . HIS A 1 121 ? 9.272   -0.230  11.715  1.00 40.64  ? 1955 HIS A CG   1 
ATOM   830  N ND1  . HIS A 1 121 ? 8.527   0.919   11.875  1.00 46.28  ? 1955 HIS A ND1  1 
ATOM   831  C CD2  . HIS A 1 121 ? 9.058   -0.975  12.827  1.00 39.60  ? 1955 HIS A CD2  1 
ATOM   832  C CE1  . HIS A 1 121 ? 7.889   0.873   13.033  1.00 45.68  ? 1955 HIS A CE1  1 
ATOM   833  N NE2  . HIS A 1 121 ? 8.192   -0.265  13.629  1.00 47.90  ? 1955 HIS A NE2  1 
ATOM   834  N N    . ASN A 1 122 ? 10.866  -1.514  7.588   1.00 30.24  ? 1956 ASN A N    1 
ATOM   835  C CA   . ASN A 1 122 ? 11.686  -1.500  6.375   1.00 27.37  ? 1956 ASN A CA   1 
ATOM   836  C C    . ASN A 1 122 ? 10.887  -1.241  5.087   1.00 37.26  ? 1956 ASN A C    1 
ATOM   837  O O    . ASN A 1 122 ? 11.307  -0.442  4.240   1.00 33.81  ? 1956 ASN A O    1 
ATOM   838  C CB   . ASN A 1 122 ? 12.436  -2.827  6.232   1.00 35.00  ? 1956 ASN A CB   1 
ATOM   839  C CG   . ASN A 1 122 ? 13.630  -2.943  7.186   1.00 38.97  ? 1956 ASN A CG   1 
ATOM   840  O OD1  . ASN A 1 122 ? 13.890  -2.049  8.005   1.00 34.55  ? 1956 ASN A OD1  1 
ATOM   841  N ND2  . ASN A 1 122 ? 14.357  -4.059  7.084   1.00 31.22  ? 1956 ASN A ND2  1 
ATOM   842  N N    . MET A 1 123 ? 9.751   -1.932  4.936   1.00 28.94  ? 1957 MET A N    1 
ATOM   843  C CA   . MET A 1 123 ? 8.928   -1.844  3.725   1.00 26.61  ? 1957 MET A CA   1 
ATOM   844  C C    . MET A 1 123 ? 8.255   -0.478  3.623   1.00 25.88  ? 1957 MET A C    1 
ATOM   845  O O    . MET A 1 123 ? 8.098   0.067   2.530   1.00 25.62  ? 1957 MET A O    1 
ATOM   846  C CB   . MET A 1 123 ? 7.859   -2.943  3.704   1.00 27.24  ? 1957 MET A CB   1 
ATOM   847  C CG   . MET A 1 123 ? 8.364   -4.381  3.473   1.00 28.80  ? 1957 MET A CG   1 
ATOM   848  S SD   . MET A 1 123 ? 9.342   -4.662  1.981   1.00 41.15  ? 1957 MET A SD   1 
ATOM   849  C CE   . MET A 1 123 ? 8.233   -4.153  0.667   1.00 34.90  ? 1957 MET A CE   1 
ATOM   850  N N    . ARG A 1 124 ? 7.853   0.060   4.769   1.00 24.64  ? 1958 ARG A N    1 
ATOM   851  C CA   . ARG A 1 124 ? 7.254   1.396   4.791   1.00 27.41  ? 1958 ARG A CA   1 
ATOM   852  C C    . ARG A 1 124 ? 8.258   2.438   4.291   1.00 33.39  ? 1958 ARG A C    1 
ATOM   853  O O    . ARG A 1 124 ? 7.940   3.272   3.434   1.00 33.21  ? 1958 ARG A O    1 
ATOM   854  C CB   . ARG A 1 124 ? 6.777   1.768   6.195   1.00 27.26  ? 1958 ARG A CB   1 
ATOM   855  C CG   . ARG A 1 124 ? 5.982   3.073   6.194   1.00 30.87  ? 1958 ARG A CG   1 
ATOM   856  C CD   . ARG A 1 124 ? 5.779   3.664   7.581   1.00 37.15  ? 1958 ARG A CD   1 
ATOM   857  N NE   . ARG A 1 124 ? 4.987   2.826   8.487   1.00 38.07  ? 1958 ARG A NE   1 
ATOM   858  C CZ   . ARG A 1 124 ? 3.659   2.856   8.579   1.00 31.77  ? 1958 ARG A CZ   1 
ATOM   859  N NH1  . ARG A 1 124 ? 2.944   3.654   7.788   1.00 30.55  ? 1958 ARG A NH1  1 
ATOM   860  N NH2  . ARG A 1 124 ? 3.039   2.071   9.452   1.00 30.03  ? 1958 ARG A NH2  1 
ATOM   861  N N    . LYS A 1 125 ? 9.470   2.385   4.838   1.00 30.87  ? 1959 LYS A N    1 
ATOM   862  C CA   . LYS A 1 125 ? 10.517  3.328   4.450   1.00 36.57  ? 1959 LYS A CA   1 
ATOM   863  C C    . LYS A 1 125 ? 10.798  3.188   2.958   1.00 31.08  ? 1959 LYS A C    1 
ATOM   864  O O    . LYS A 1 125 ? 10.907  4.173   2.226   1.00 36.72  ? 1959 LYS A O    1 
ATOM   865  C CB   . LYS A 1 125 ? 11.784  3.096   5.277   1.00 37.68  ? 1959 LYS A CB   1 
ATOM   866  C CG   . LYS A 1 125 ? 12.915  4.076   4.982   1.00 45.32  ? 1959 LYS A CG   1 
ATOM   867  C CD   . LYS A 1 125 ? 12.656  5.437   5.618   1.00 52.81  ? 1959 LYS A CD   1 
ATOM   868  C CE   . LYS A 1 125 ? 13.779  6.424   5.299   1.00 56.84  ? 1959 LYS A CE   1 
ATOM   869  N NZ   . LYS A 1 125 ? 13.464  7.807   5.772   1.00 70.57  ? 1959 LYS A NZ   1 
ATOM   870  N N    . TYR A 1 126 ? 10.893  1.944   2.506   1.00 32.17  ? 1960 TYR A N    1 
ATOM   871  C CA   . TYR A 1 126 ? 11.134  1.651   1.106   1.00 28.88  ? 1960 TYR A CA   1 
ATOM   872  C C    . TYR A 1 126 ? 10.017  2.214   0.221   1.00 36.50  ? 1960 TYR A C    1 
ATOM   873  O O    . TYR A 1 126 ? 10.281  2.782   -0.848  1.00 30.06  ? 1960 TYR A O    1 
ATOM   874  C CB   . TYR A 1 126 ? 11.265  0.134   0.920   1.00 31.42  ? 1960 TYR A CB   1 
ATOM   875  C CG   . TYR A 1 126 ? 11.658  -0.348  -0.460  1.00 32.90  ? 1960 TYR A CG   1 
ATOM   876  C CD1  . TYR A 1 126 ? 12.983  -0.272  -0.906  1.00 39.43  ? 1960 TYR A CD1  1 
ATOM   877  C CD2  . TYR A 1 126 ? 10.723  -0.940  -1.296  1.00 32.15  ? 1960 TYR A CD2  1 
ATOM   878  C CE1  . TYR A 1 126 ? 13.344  -0.750  -2.169  1.00 35.46  ? 1960 TYR A CE1  1 
ATOM   879  C CE2  . TYR A 1 126 ? 11.071  -1.416  -2.544  1.00 36.12  ? 1960 TYR A CE2  1 
ATOM   880  C CZ   . TYR A 1 126 ? 12.380  -1.324  -2.980  1.00 43.14  ? 1960 TYR A CZ   1 
ATOM   881  O OH   . TYR A 1 126 ? 12.701  -1.813  -4.230  1.00 43.01  ? 1960 TYR A OH   1 
ATOM   882  N N    . PHE A 1 127 ? 8.766   2.068   0.665   1.00 27.89  ? 1961 PHE A N    1 
ATOM   883  C CA   . PHE A 1 127 ? 7.644   2.563   -0.125  1.00 29.71  ? 1961 PHE A CA   1 
ATOM   884  C C    . PHE A 1 127 ? 7.625   4.088   -0.212  1.00 30.27  ? 1961 PHE A C    1 
ATOM   885  O O    . PHE A 1 127 ? 7.447   4.644   -1.300  1.00 31.65  ? 1961 PHE A O    1 
ATOM   886  C CB   . PHE A 1 127 ? 6.301   2.076   0.437   1.00 26.75  ? 1961 PHE A CB   1 
ATOM   887  C CG   . PHE A 1 127 ? 5.102   2.801   -0.146  1.00 29.08  ? 1961 PHE A CG   1 
ATOM   888  C CD1  . PHE A 1 127 ? 4.697   2.566   -1.462  1.00 27.18  ? 1961 PHE A CD1  1 
ATOM   889  C CD2  . PHE A 1 127 ? 4.372   3.720   0.626   1.00 30.20  ? 1961 PHE A CD2  1 
ATOM   890  C CE1  . PHE A 1 127 ? 3.580   3.235   -2.013  1.00 29.63  ? 1961 PHE A CE1  1 
ATOM   891  C CE2  . PHE A 1 127 ? 3.256   4.377   0.099   1.00 26.91  ? 1961 PHE A CE2  1 
ATOM   892  C CZ   . PHE A 1 127 ? 2.863   4.146   -1.225  1.00 28.62  ? 1961 PHE A CZ   1 
ATOM   893  N N    . GLU A 1 128 ? 7.792   4.756   0.927   1.00 29.27  ? 1962 GLU A N    1 
ATOM   894  C CA   . GLU A 1 128 ? 7.606   6.202   0.981   1.00 31.52  ? 1962 GLU A CA   1 
ATOM   895  C C    . GLU A 1 128 ? 8.663   6.921   0.150   1.00 37.62  ? 1962 GLU A C    1 
ATOM   896  O O    . GLU A 1 128 ? 8.396   7.981   -0.419  1.00 40.12  ? 1962 GLU A O    1 
ATOM   897  C CB   . GLU A 1 128 ? 7.633   6.702   2.423   1.00 30.74  ? 1962 GLU A CB   1 
ATOM   898  C CG   . GLU A 1 128 ? 6.486   6.171   3.300   1.00 33.98  ? 1962 GLU A CG   1 
ATOM   899  C CD   . GLU A 1 128 ? 5.080   6.595   2.832   1.00 37.74  ? 1962 GLU A CD   1 
ATOM   900  O OE1  . GLU A 1 128 ? 4.950   7.501   1.978   1.00 35.53  ? 1962 GLU A OE1  1 
ATOM   901  O OE2  . GLU A 1 128 ? 4.092   6.003   3.323   1.00 34.89  ? 1962 GLU A OE2  1 
ATOM   902  N N    . LYS A 1 129 ? 9.856   6.335   0.071   1.00 38.47  ? 1963 LYS A N    1 
ATOM   903  C CA   . LYS A 1 129 ? 10.910  6.867   -0.780  1.00 40.41  ? 1963 LYS A CA   1 
ATOM   904  C C    . LYS A 1 129 ? 10.556  6.717   -2.265  1.00 40.65  ? 1963 LYS A C    1 
ATOM   905  O O    . LYS A 1 129 ? 10.757  7.639   -3.061  1.00 42.03  ? 1963 LYS A O    1 
ATOM   906  C CB   . LYS A 1 129 ? 12.244  6.170   -0.460  1.00 44.95  ? 1963 LYS A CB   1 
ATOM   907  C CG   . LYS A 1 129 ? 13.390  6.427   -1.453  1.00 49.19  ? 1963 LYS A CG   1 
ATOM   908  C CD   . LYS A 1 129 ? 14.007  7.813   -1.286  1.00 53.87  ? 1963 LYS A CD   1 
ATOM   909  C CE   . LYS A 1 129 ? 15.444  7.857   -1.822  1.00 59.46  ? 1963 LYS A CE   1 
ATOM   910  N NZ   . LYS A 1 129 ? 15.623  7.123   -3.117  1.00 53.12  ? 1963 LYS A NZ   1 
ATOM   911  N N    . LYS A 1 130 ? 10.034  5.561   -2.654  1.00 36.82  ? 1964 LYS A N    1 
ATOM   912  C CA   . LYS A 1 130 ? 9.629   5.372   -4.048  1.00 37.85  ? 1964 LYS A CA   1 
ATOM   913  C C    . LYS A 1 130 ? 8.469   6.306   -4.400  1.00 37.88  ? 1964 LYS A C    1 
ATOM   914  O O    . LYS A 1 130 ? 8.374   6.809   -5.521  1.00 41.94  ? 1964 LYS A O    1 
ATOM   915  C CB   . LYS A 1 130 ? 9.220   3.928   -4.317  1.00 35.96  ? 1964 LYS A CB   1 
ATOM   916  C CG   . LYS A 1 130 ? 10.310  2.907   -4.076  1.00 45.83  ? 1964 LYS A CG   1 
ATOM   917  C CD   . LYS A 1 130 ? 10.969  2.515   -5.367  1.00 50.84  ? 1964 LYS A CD   1 
ATOM   918  C CE   . LYS A 1 130 ? 12.144  1.590   -5.137  1.00 48.41  ? 1964 LYS A CE   1 
ATOM   919  N NZ   . LYS A 1 130 ? 12.939  1.484   -6.389  1.00 58.76  ? 1964 LYS A NZ   1 
ATOM   920  N N    . TRP A 1 131 ? 7.583   6.524   -3.434  1.00 30.67  ? 1965 TRP A N    1 
ATOM   921  C CA   . TRP A 1 131 ? 6.414   7.374   -3.626  1.00 38.25  ? 1965 TRP A CA   1 
ATOM   922  C C    . TRP A 1 131 ? 6.825   8.819   -3.879  1.00 39.18  ? 1965 TRP A C    1 
ATOM   923  O O    . TRP A 1 131 ? 6.390   9.438   -4.846  1.00 41.55  ? 1965 TRP A O    1 
ATOM   924  C CB   . TRP A 1 131 ? 5.494   7.301   -2.411  1.00 33.20  ? 1965 TRP A CB   1 
ATOM   925  C CG   . TRP A 1 131 ? 4.113   7.891   -2.648  1.00 35.53  ? 1965 TRP A CG   1 
ATOM   926  C CD1  . TRP A 1 131 ? 3.620   9.059   -2.139  1.00 38.79  ? 1965 TRP A CD1  1 
ATOM   927  C CD2  . TRP A 1 131 ? 3.060   7.329   -3.440  1.00 31.37  ? 1965 TRP A CD2  1 
ATOM   928  N NE1  . TRP A 1 131 ? 2.328   9.257   -2.565  1.00 35.16  ? 1965 TRP A NE1  1 
ATOM   929  C CE2  . TRP A 1 131 ? 1.961   8.205   -3.368  1.00 35.61  ? 1965 TRP A CE2  1 
ATOM   930  C CE3  . TRP A 1 131 ? 2.935   6.160   -4.202  1.00 28.58  ? 1965 TRP A CE3  1 
ATOM   931  C CZ2  . TRP A 1 131 ? 0.760   7.962   -4.028  1.00 35.52  ? 1965 TRP A CZ2  1 
ATOM   932  C CZ3  . TRP A 1 131 ? 1.740   5.916   -4.854  1.00 31.98  ? 1965 TRP A CZ3  1 
ATOM   933  C CH2  . TRP A 1 131 ? 0.668   6.819   -4.764  1.00 32.06  ? 1965 TRP A CH2  1 
ATOM   934  N N    . THR A 1 132 ? 7.651   9.349   -2.985  1.00 38.27  ? 1966 THR A N    1 
ATOM   935  C CA   . THR A 1 132 ? 8.219   10.686  -3.141  1.00 45.13  ? 1966 THR A CA   1 
ATOM   936  C C    . THR A 1 132 ? 8.944   10.842  -4.472  1.00 47.67  ? 1966 THR A C    1 
ATOM   937  O O    . THR A 1 132 ? 8.688   11.786  -5.219  1.00 51.64  ? 1966 THR A O    1 
ATOM   938  C CB   . THR A 1 132 ? 9.205   11.012  -2.009  1.00 43.28  ? 1966 THR A CB   1 
ATOM   939  O OG1  . THR A 1 132 ? 8.531   10.924  -0.749  1.00 44.92  ? 1966 THR A OG1  1 
ATOM   940  C CG2  . THR A 1 132 ? 9.751   12.415  -2.176  1.00 51.22  ? 1966 THR A CG2  1 
ATOM   941  N N    . ASP A 1 133 ? 9.840   9.904   -4.768  1.00 43.79  ? 1967 ASP A N    1 
ATOM   942  C CA   . ASP A 1 133 ? 10.655  9.984   -5.971  1.00 44.77  ? 1967 ASP A CA   1 
ATOM   943  C C    . ASP A 1 133 ? 9.833   9.923   -7.249  1.00 51.85  ? 1967 ASP A C    1 
ATOM   944  O O    . ASP A 1 133 ? 10.207  10.513  -8.262  1.00 51.82  ? 1967 ASP A O    1 
ATOM   945  C CB   . ASP A 1 133 ? 11.699  8.866   -5.991  1.00 43.25  ? 1967 ASP A CB   1 
ATOM   946  C CG   . ASP A 1 133 ? 12.812  9.086   -4.976  1.00 52.87  ? 1967 ASP A CG   1 
ATOM   947  O OD1  . ASP A 1 133 ? 12.836  10.154  -4.315  1.00 49.65  ? 1967 ASP A OD1  1 
ATOM   948  O OD2  . ASP A 1 133 ? 13.667  8.180   -4.841  1.00 51.82  ? 1967 ASP A OD2  1 
ATOM   949  N N    . THR A 1 134 ? 8.717   9.209   -7.207  1.00 45.68  ? 1968 THR A N    1 
ATOM   950  C CA   . THR A 1 134 ? 7.946   8.965   -8.415  1.00 41.49  ? 1968 THR A CA   1 
ATOM   951  C C    . THR A 1 134 ? 6.942   10.079  -8.707  1.00 45.41  ? 1968 THR A C    1 
ATOM   952  O O    . THR A 1 134 ? 6.634   10.348  -9.862  1.00 51.09  ? 1968 THR A O    1 
ATOM   953  C CB   . THR A 1 134 ? 7.204   7.619   -8.317  1.00 42.74  ? 1968 THR A CB   1 
ATOM   954  O OG1  . THR A 1 134 ? 8.160   6.559   -8.251  1.00 45.15  ? 1968 THR A OG1  1 
ATOM   955  C CG2  . THR A 1 134 ? 6.319   7.397   -9.518  1.00 40.62  ? 1968 THR A CG2  1 
ATOM   956  N N    . PHE A 1 135 ? 6.456   10.740  -7.662  1.00 43.56  ? 1969 PHE A N    1 
ATOM   957  C CA   . PHE A 1 135 ? 5.317   11.640  -7.797  1.00 51.97  ? 1969 PHE A CA   1 
ATOM   958  C C    . PHE A 1 135 ? 5.563   13.064  -7.272  1.00 61.83  ? 1969 PHE A C    1 
ATOM   959  O O    . PHE A 1 135 ? 5.138   14.041  -7.898  1.00 67.77  ? 1969 PHE A O    1 
ATOM   960  C CB   . PHE A 1 135 ? 4.107   11.036  -7.081  1.00 47.57  ? 1969 PHE A CB   1 
ATOM   961  C CG   . PHE A 1 135 ? 3.540   9.825   -7.766  1.00 48.75  ? 1969 PHE A CG   1 
ATOM   962  C CD1  . PHE A 1 135 ? 3.018   9.920   -9.047  1.00 43.60  ? 1969 PHE A CD1  1 
ATOM   963  C CD2  . PHE A 1 135 ? 3.519   8.591   -7.127  1.00 43.23  ? 1969 PHE A CD2  1 
ATOM   964  C CE1  . PHE A 1 135 ? 2.488   8.813   -9.684  1.00 41.40  ? 1969 PHE A CE1  1 
ATOM   965  C CE2  . PHE A 1 135 ? 2.991   7.476   -7.763  1.00 36.81  ? 1969 PHE A CE2  1 
ATOM   966  C CZ   . PHE A 1 135 ? 2.470   7.592   -9.041  1.00 39.48  ? 1969 PHE A CZ   1 
ATOM   967  N N    . LYS A 1 136 ? 6.230   13.177  -6.127  1.00 64.68  ? 1970 LYS A N    1 
ATOM   968  C CA   . LYS A 1 136 ? 6.526   14.485  -5.534  1.00 73.83  ? 1970 LYS A CA   1 
ATOM   969  C C    . LYS A 1 136 ? 7.913   14.997  -5.946  1.00 71.70  ? 1970 LYS A C    1 
ATOM   970  O O    . LYS A 1 136 ? 8.226   15.099  -7.138  1.00 70.63  ? 1970 LYS A O    1 
ATOM   971  C CB   . LYS A 1 136 ? 6.421   14.413  -4.004  1.00 64.27  ? 1970 LYS A CB   1 
HETATM 972  C C1   C EDO B 2 .   ? 1.414   -12.449 12.080  0.24 40.34  ? 2001 EDO A C1   1 
HETATM 973  O O1   C EDO B 2 .   ? 1.823   -11.683 13.220  0.24 37.17  ? 2001 EDO A O1   1 
HETATM 974  C C2   C EDO B 2 .   ? 0.930   -11.502 10.989  0.24 36.80  ? 2001 EDO A C2   1 
HETATM 975  O O2   C EDO B 2 .   ? 1.907   -10.471 10.809  0.24 37.05  ? 2001 EDO A O2   1 
HETATM 976  O O1   D MES C 3 .   ? 4.017   -14.880 18.480  0.76 42.51  ? 2002 MES A O1   1 
HETATM 977  C C2   D MES C 3 .   ? 4.770   -13.762 18.951  0.76 42.39  ? 2002 MES A C2   1 
HETATM 978  C C3   D MES C 3 .   ? 5.512   -13.002 17.851  0.76 40.31  ? 2002 MES A C3   1 
HETATM 979  N N4   D MES C 3 .   ? 6.185   -13.923 16.940  0.76 47.90  ? 2002 MES A N4   1 
HETATM 980  C C5   D MES C 3 .   ? 5.259   -14.934 16.446  0.76 42.67  ? 2002 MES A C5   1 
HETATM 981  C C6   D MES C 3 .   ? 4.794   -15.733 17.648  0.76 40.11  ? 2002 MES A C6   1 
HETATM 982  C C7   D MES C 3 .   ? 7.020   -13.184 15.974  0.76 41.68  ? 2002 MES A C7   1 
HETATM 983  C C8   D MES C 3 .   ? 7.235   -13.945 14.656  0.76 44.24  ? 2002 MES A C8   1 
HETATM 984  S S    D MES C 3 .   ? 8.524   -13.310 13.792  0.76 42.83  ? 2002 MES A S    1 
HETATM 985  O O1S  D MES C 3 .   ? 8.517   -13.866 12.419  0.76 42.78  ? 2002 MES A O1S  1 
HETATM 986  O O2S  D MES C 3 .   ? 8.452   -11.836 13.722  0.76 36.46  ? 2002 MES A O2S  1 
HETATM 987  O O3S  D MES C 3 .   ? 9.783   -13.708 14.473  0.76 48.69  ? 2002 MES A O3S  1 
HETATM 988  H H21  D MES C 3 .   ? 5.497   -14.118 19.682  0.76 50.87  ? 2002 MES A H21  1 
HETATM 989  H H22  D MES C 3 .   ? 4.100   -13.072 19.468  0.76 50.87  ? 2002 MES A H22  1 
HETATM 990  H H31  D MES C 3 .   ? 4.808   -12.387 17.288  0.76 48.37  ? 2002 MES A H31  1 
HETATM 991  H H32  D MES C 3 .   ? 6.248   -12.330 18.296  0.76 48.37  ? 2002 MES A H32  1 
HETATM 992  H HN4  D MES C 3 .   ? 6.842   -14.433 17.513  0.76 57.48  ? 2002 MES A HN4  1 
HETATM 993  H H51  D MES C 3 .   ? 5.757   -15.580 15.720  0.76 51.20  ? 2002 MES A H51  1 
HETATM 994  H H52  D MES C 3 .   ? 4.410   -14.456 15.953  0.76 51.20  ? 2002 MES A H52  1 
HETATM 995  H H61  D MES C 3 .   ? 4.201   -16.589 17.320  0.76 48.13  ? 2002 MES A H61  1 
HETATM 996  H H62  D MES C 3 .   ? 5.657   -16.114 18.197  0.76 48.13  ? 2002 MES A H62  1 
HETATM 997  H H71  D MES C 3 .   ? 6.549   -12.224 15.758  0.76 50.02  ? 2002 MES A H71  1 
HETATM 998  H H72  D MES C 3 .   ? 7.992   -12.979 16.428  0.76 50.02  ? 2002 MES A H72  1 
HETATM 999  H H81  D MES C 3 .   ? 7.425   -14.998 14.872  0.76 53.09  ? 2002 MES A H81  1 
HETATM 1000 H H82  D MES C 3 .   ? 6.328   -13.885 14.051  0.76 53.09  ? 2002 MES A H82  1 
HETATM 1001 C C01  D 53B D 4 .   ? 0.271   -13.165 11.383  0.76 37.16  ? 2003 53B A C01  1 
HETATM 1002 C C02  D 53B D 4 .   ? 1.197   -13.711 12.250  0.76 40.09  ? 2003 53B A C02  1 
HETATM 1003 C C03  D 53B D 4 .   ? 2.102   -12.879 12.887  0.76 39.46  ? 2003 53B A C03  1 
HETATM 1004 C C04  D 53B D 4 .   ? 3.106   -13.498 13.820  0.76 41.43  ? 2003 53B A C04  1 
HETATM 1005 O O05  D 53B D 4 .   ? 3.796   -12.789 14.524  0.76 36.64  ? 2003 53B A O05  1 
HETATM 1006 O O06  D 53B D 4 .   ? 3.215   -14.798 13.812  0.76 45.06  ? 2003 53B A O06  1 
HETATM 1007 N N07  D 53B D 4 .   ? 2.098   -11.553 12.675  0.76 36.60  ? 2003 53B A N07  1 
HETATM 1008 C C08  D 53B D 4 .   ? 1.220   -11.025 11.836  0.76 37.78  ? 2003 53B A C08  1 
HETATM 1009 C C09  D 53B D 4 .   ? 0.285   -11.821 11.173  0.76 35.31  ? 2003 53B A C09  1 
HETATM 1010 O O10  D 53B D 4 .   ? 1.238   -9.684  11.617  0.76 33.64  ? 2003 53B A O10  1 
HETATM 1011 H H011 D 53B D 4 .   ? -0.349  -13.707 10.947  0.76 44.59  ? 2003 53B A H011 1 
HETATM 1012 H H021 D 53B D 4 .   ? 1.208   -14.641 12.414  0.76 48.11  ? 2003 53B A H021 1 
HETATM 1013 H H1   D 53B D 4 .   ? 3.786   -15.184 14.325  0.76 54.07  ? 2003 53B A H1   1 
HETATM 1014 H H091 D 53B D 4 .   ? -0.338  -11.428 10.583  0.76 42.38  ? 2003 53B A H091 1 
HETATM 1015 H H101 D 53B D 4 .   ? 1.798   -9.205  12.011  0.76 40.37  ? 2003 53B A H101 1 
HETATM 1016 O O    . HOH E 5 .   ? 2.867   -11.852 16.087  1.00 48.37  ? 2101 HOH A O    1 
HETATM 1017 O O    . HOH E 5 .   ? 9.636   -9.269  22.463  1.00 62.35  ? 2102 HOH A O    1 
HETATM 1018 O O    . HOH E 5 .   ? -2.329  -14.567 17.329  0.5  112.42 ? 2103 HOH A O    1 
HETATM 1019 O O    D HOH E 5 .   ? 2.602   -10.056 16.842  0.76 33.38  ? 2104 HOH A O    1 
HETATM 1020 O O    . HOH E 5 .   ? 13.299  6.125   -5.783  1.00 46.64  ? 2105 HOH A O    1 
HETATM 1021 O O    . HOH E 5 .   ? 6.869   -11.467 21.741  1.00 53.69  ? 2106 HOH A O    1 
HETATM 1022 O O    . HOH E 5 .   ? 10.695  -12.123 16.003  1.00 42.79  ? 2107 HOH A O    1 
HETATM 1023 O O    . HOH E 5 .   ? 9.900   2.814   8.189   1.00 45.55  ? 2108 HOH A O    1 
HETATM 1024 O O    . HOH E 5 .   ? -11.201 -8.039  -8.934  1.00 41.40  ? 2109 HOH A O    1 
HETATM 1025 O O    C HOH E 5 .   ? 8.504   -11.377 13.511  0.24 37.82  ? 2110 HOH A O    1 
HETATM 1026 O O    . HOH E 5 .   ? 0.845   -9.448  -5.426  1.00 38.11  ? 2111 HOH A O    1 
HETATM 1027 O O    . HOH E 5 .   ? -4.217  -16.295 3.292   1.00 41.05  ? 2112 HOH A O    1 
HETATM 1028 O O    . HOH E 5 .   ? -0.143  10.585  -0.316  1.00 50.08  ? 2113 HOH A O    1 
HETATM 1029 O O    . HOH E 5 .   ? 13.577  -0.919  10.183  1.00 53.22  ? 2114 HOH A O    1 
HETATM 1030 O O    . HOH E 5 .   ? 5.249   -9.454  18.272  1.00 34.63  ? 2115 HOH A O    1 
HETATM 1031 O O    . HOH E 5 .   ? 3.642   5.835   5.832   1.00 37.15  ? 2116 HOH A O    1 
HETATM 1032 O O    . HOH E 5 .   ? -7.854  24.485  -3.675  1.00 49.03  ? 2117 HOH A O    1 
HETATM 1033 O O    . HOH E 5 .   ? -8.213  -10.165 0.391   1.00 45.88  ? 2118 HOH A O    1 
HETATM 1034 O O    . HOH E 5 .   ? -6.968  26.957  -14.042 1.00 44.85  ? 2119 HOH A O    1 
HETATM 1035 O O    . HOH E 5 .   ? 18.038  -6.854  1.424   1.00 39.91  ? 2120 HOH A O    1 
HETATM 1036 O O    . HOH E 5 .   ? -3.429  -7.032  7.206   1.00 27.50  ? 2121 HOH A O    1 
HETATM 1037 O O    . HOH E 5 .   ? -5.546  -8.821  3.450   1.00 24.40  ? 2122 HOH A O    1 
HETATM 1038 O O    . HOH E 5 .   ? 8.991   -4.184  20.604  1.00 45.66  ? 2123 HOH A O    1 
HETATM 1039 O O    . HOH E 5 .   ? 9.462   -10.763 -2.122  1.00 37.50  ? 2124 HOH A O    1 
HETATM 1040 O O    . HOH E 5 .   ? -7.361  2.131   2.417   1.00 37.23  ? 2125 HOH A O    1 
HETATM 1041 O O    . HOH E 5 .   ? 14.527  -0.600  -6.078  1.00 53.98  ? 2126 HOH A O    1 
HETATM 1042 O O    . HOH E 5 .   ? -6.628  -11.338 6.495   1.00 30.82  ? 2127 HOH A O    1 
HETATM 1043 O O    . HOH E 5 .   ? 6.091   0.914   10.241  1.00 43.80  ? 2128 HOH A O    1 
HETATM 1044 O O    . HOH E 5 .   ? 4.937   -0.144  16.643  1.00 54.09  ? 2129 HOH A O    1 
HETATM 1045 O O    . HOH E 5 .   ? -4.051  3.002   7.923   1.00 35.19  ? 2130 HOH A O    1 
HETATM 1046 O O    . HOH E 5 .   ? -11.002 -8.290  10.488  1.00 38.89  ? 2131 HOH A O    1 
HETATM 1047 O O    . HOH E 5 .   ? -6.100  -5.128  -15.815 1.00 48.64  ? 2132 HOH A O    1 
HETATM 1048 O O    . HOH E 5 .   ? 12.337  -4.617  -5.004  1.00 39.02  ? 2133 HOH A O    1 
HETATM 1049 O O    . HOH E 5 .   ? -1.834  -4.528  -11.688 1.00 42.25  ? 2134 HOH A O    1 
HETATM 1050 O O    . HOH E 5 .   ? 15.115  -4.335  15.910  1.00 63.99  ? 2135 HOH A O    1 
HETATM 1051 O O    . HOH E 5 .   ? -9.863  -4.439  4.667   1.00 39.20  ? 2136 HOH A O    1 
HETATM 1052 O O    . HOH E 5 .   ? -17.952 29.485  -7.841  1.00 41.07  ? 2137 HOH A O    1 
HETATM 1053 O O    . HOH E 5 .   ? -8.444  2.272   7.136   1.00 47.23  ? 2138 HOH A O    1 
HETATM 1054 O O    . HOH E 5 .   ? -8.202  -14.268 13.657  1.00 36.09  ? 2139 HOH A O    1 
HETATM 1055 O O    . HOH E 5 .   ? -0.077  -7.650  10.164  1.00 32.59  ? 2140 HOH A O    1 
HETATM 1056 O O    . HOH E 5 .   ? -4.165  3.867   5.340   1.00 31.78  ? 2141 HOH A O    1 
HETATM 1057 O O    . HOH E 5 .   ? -13.152 -7.295  13.773  1.00 52.35  ? 2142 HOH A O    1 
HETATM 1058 O O    . HOH E 5 .   ? -3.122  8.986   0.335   1.00 48.88  ? 2143 HOH A O    1 
HETATM 1059 O O    . HOH E 5 .   ? -7.808  3.093   -0.136  1.00 32.28  ? 2144 HOH A O    1 
HETATM 1060 O O    . HOH E 5 .   ? 3.460   12.729  -11.202 1.00 57.38  ? 2145 HOH A O    1 
HETATM 1061 O O    . HOH E 5 .   ? -10.776 26.423  -7.524  1.00 38.80  ? 2146 HOH A O    1 
HETATM 1062 O O    . HOH E 5 .   ? -0.585  -7.697  5.521   1.00 27.20  ? 2147 HOH A O    1 
HETATM 1063 O O    . HOH E 5 .   ? 17.441  9.021   -3.859  1.00 74.76  ? 2148 HOH A O    1 
HETATM 1064 O O    . HOH E 5 .   ? 8.901   -6.523  22.804  1.00 62.87  ? 2149 HOH A O    1 
HETATM 1065 O O    . HOH E 5 .   ? -4.611  9.371   -9.945  1.00 35.96  ? 2150 HOH A O    1 
HETATM 1066 O O    . HOH E 5 .   ? -6.903  20.207  -5.312  1.00 69.84  ? 2151 HOH A O    1 
HETATM 1067 O O    . HOH E 5 .   ? 4.070   -0.379  -15.026 1.00 45.09  ? 2152 HOH A O    1 
HETATM 1068 O O    . HOH E 5 .   ? 1.696   -10.831 -3.302  1.00 39.11  ? 2153 HOH A O    1 
HETATM 1069 O O    . HOH E 5 .   ? -1.960  7.077   -20.171 1.00 59.79  ? 2154 HOH A O    1 
HETATM 1070 O O    . HOH E 5 .   ? 1.048   12.318  -3.377  1.00 60.13  ? 2155 HOH A O    1 
HETATM 1071 O O    . HOH E 5 .   ? 6.141   -2.883  12.090  1.00 30.69  ? 2156 HOH A O    1 
HETATM 1072 O O    . HOH E 5 .   ? 11.917  6.627   2.976   1.00 48.49  ? 2157 HOH A O    1 
HETATM 1073 O O    . HOH E 5 .   ? 6.251   9.607   0.762   1.00 41.87  ? 2158 HOH A O    1 
HETATM 1074 O O    . HOH E 5 .   ? -0.254  -10.358 5.130   1.00 23.51  ? 2159 HOH A O    1 
HETATM 1075 O O    . HOH E 5 .   ? -0.911  5.845   7.618   1.00 38.06  ? 2160 HOH A O    1 
HETATM 1076 O O    . HOH E 5 .   ? 11.410  -2.187  14.433  1.00 49.63  ? 2161 HOH A O    1 
HETATM 1077 O O    . HOH E 5 .   ? 0.815   10.593  -14.281 1.00 44.69  ? 2162 HOH A O    1 
HETATM 1078 O O    . HOH E 5 .   ? 5.047   -3.334  -12.980 1.00 46.27  ? 2163 HOH A O    1 
HETATM 1079 O O    . HOH E 5 .   ? -1.826  8.297   4.013   1.00 40.97  ? 2164 HOH A O    1 
HETATM 1080 O O    . HOH E 5 .   ? -3.395  -10.703 -6.759  1.00 34.15  ? 2165 HOH A O    1 
HETATM 1081 O O    . HOH E 5 .   ? -9.171  -7.099  2.899   1.00 40.53  ? 2166 HOH A O    1 
HETATM 1082 O O    . HOH E 5 .   ? 1.042   5.231   10.813  1.00 41.69  ? 2167 HOH A O    1 
HETATM 1083 O O    . HOH E 5 .   ? 12.855  3.349   -1.812  1.00 43.00  ? 2168 HOH A O    1 
HETATM 1084 O O    . HOH E 5 .   ? -3.139  -20.190 5.685   1.00 52.21  ? 2169 HOH A O    1 
HETATM 1085 O O    . HOH E 5 .   ? -10.219 1.825   2.653   1.00 59.69  ? 2170 HOH A O    1 
HETATM 1086 O O    . HOH E 5 .   ? -3.513  -8.982  -11.561 1.00 52.39  ? 2171 HOH A O    1 
HETATM 1087 O O    . HOH E 5 .   ? 2.209   14.424  -13.495 1.00 53.32  ? 2172 HOH A O    1 
HETATM 1088 O O    . HOH E 5 .   ? 5.896   -3.075  14.839  1.00 35.70  ? 2173 HOH A O    1 
HETATM 1089 O O    . HOH E 5 .   ? 0.444   -6.316  7.725   1.00 32.16  ? 2174 HOH A O    1 
HETATM 1090 O O    . HOH E 5 .   ? 2.251   -13.413 3.083   1.00 28.10  ? 2175 HOH A O    1 
HETATM 1091 O O    . HOH E 5 .   ? -10.698 2.291   -3.507  1.00 47.87  ? 2176 HOH A O    1 
HETATM 1092 O O    . HOH E 5 .   ? -8.684  -15.620 6.101   1.00 41.02  ? 2177 HOH A O    1 
HETATM 1093 O O    . HOH E 5 .   ? -9.483  -0.612  1.463   1.00 39.94  ? 2178 HOH A O    1 
HETATM 1094 O O    . HOH E 5 .   ? -6.500  -11.337 -2.165  1.00 49.33  ? 2179 HOH A O    1 
HETATM 1095 O O    . HOH E 5 .   ? -1.857  -2.731  19.338  1.00 42.30  ? 2180 HOH A O    1 
HETATM 1096 O O    . HOH E 5 .   ? -4.988  15.077  -11.585 1.00 55.02  ? 2181 HOH A O    1 
HETATM 1097 O O    . HOH E 5 .   ? 5.628   -9.051  -8.983  1.00 49.82  ? 2182 HOH A O    1 
HETATM 1098 O O    . HOH E 5 .   ? 4.966   -1.658  9.867   1.00 30.05  ? 2183 HOH A O    1 
HETATM 1099 O O    . HOH E 5 .   ? -4.425  -10.161 -9.316  1.00 43.76  ? 2184 HOH A O    1 
HETATM 1100 O O    . HOH E 5 .   ? -9.775  1.410   -1.286  1.00 38.26  ? 2185 HOH A O    1 
HETATM 1101 O O    . HOH E 5 .   ? -10.555 10.963  -7.668  1.00 50.71  ? 2186 HOH A O    1 
HETATM 1102 O O    . HOH E 5 .   ? -7.214  -2.086  10.295  1.00 33.02  ? 2187 HOH A O    1 
HETATM 1103 O O    . HOH E 5 .   ? -12.646 -5.044  -3.097  1.00 49.01  ? 2188 HOH A O    1 
HETATM 1104 O O    . HOH E 5 .   ? -11.110 -18.009 13.026  1.00 63.59  ? 2189 HOH A O    1 
HETATM 1105 O O    . HOH E 5 .   ? -11.321 -7.666  -5.933  1.00 42.77  ? 2190 HOH A O    1 
HETATM 1106 O O    . HOH E 5 .   ? 6.437   -2.368  19.678  1.00 43.37  ? 2191 HOH A O    1 
HETATM 1107 O O    . HOH E 5 .   ? 13.854  -9.696  17.904  1.00 49.75  ? 2192 HOH A O    1 
HETATM 1108 O O    . HOH E 5 .   ? -1.664  -16.405 7.741   1.00 32.78  ? 2193 HOH A O    1 
HETATM 1109 O O    . HOH E 5 .   ? -4.189  -0.184  11.350  1.00 37.94  ? 2194 HOH A O    1 
HETATM 1110 O O    . HOH E 5 .   ? -3.936  13.866  -9.639  1.00 48.22  ? 2195 HOH A O    1 
HETATM 1111 O O    C HOH E 5 .   ? 6.036   -10.512 15.599  0.24 37.23  ? 2196 HOH A O    1 
HETATM 1112 O O    D HOH E 5 .   ? 5.846   -9.842  15.851  0.76 37.28  ? 2196 HOH A O    1 
HETATM 1113 O O    . HOH E 5 .   ? -6.604  9.142   -11.951 1.00 51.37  ? 2197 HOH A O    1 
HETATM 1114 O O    . HOH E 5 .   ? 16.089  -0.635  9.415   1.00 43.75  ? 2198 HOH A O    1 
HETATM 1115 O O    . HOH E 5 .   ? -4.348  -9.591  5.740   1.00 27.01  ? 2199 HOH A O    1 
HETATM 1116 O O    . HOH E 5 .   ? -10.786 -3.553  -0.071  1.00 39.18  ? 2200 HOH A O    1 
HETATM 1117 O O    . HOH E 5 .   ? 18.877  -11.884 4.568   1.00 53.81  ? 2201 HOH A O    1 
HETATM 1118 O O    . HOH E 5 .   ? 5.550   -15.501 2.388   1.00 53.83  ? 2202 HOH A O    1 
HETATM 1119 O O    . HOH E 5 .   ? -7.671  -1.998  12.974  1.00 37.05  ? 2203 HOH A O    1 
HETATM 1120 O O    . HOH E 5 .   ? 8.302   3.591   10.400  1.00 56.02  ? 2204 HOH A O    1 
HETATM 1121 O O    . HOH E 5 .   ? -17.260 -13.086 9.255   1.00 62.75  ? 2205 HOH A O    1 
HETATM 1122 O O    . HOH E 5 .   ? -1.346  4.287   -16.679 1.00 41.72  ? 2206 HOH A O    1 
HETATM 1123 O O    . HOH E 5 .   ? 6.524   -15.917 11.309  1.00 52.17  ? 2207 HOH A O    1 
HETATM 1124 O O    . HOH E 5 .   ? 16.727  -12.325 12.764  1.00 51.46  ? 2208 HOH A O    1 
HETATM 1125 O O    . HOH E 5 .   ? -13.215 -1.348  -3.864  1.00 58.40  ? 2209 HOH A O    1 
HETATM 1126 O O    . HOH E 5 .   ? -14.946 -5.904  -5.306  1.00 62.50  ? 2210 HOH A O    1 
HETATM 1127 O O    . HOH E 5 .   ? -7.328  0.615   -10.139 1.00 33.00  ? 2211 HOH A O    1 
HETATM 1128 O O    . HOH E 5 .   ? 6.245   4.521   11.299  1.00 55.66  ? 2212 HOH A O    1 
HETATM 1129 O O    . HOH E 5 .   ? 15.387  -6.951  -1.697  1.00 41.90  ? 2213 HOH A O    1 
HETATM 1130 O O    . HOH E 5 .   ? 13.548  -1.540  -8.120  1.00 60.64  ? 2214 HOH A O    1 
HETATM 1131 O O    . HOH E 5 .   ? 8.892   -2.428  -11.493 1.00 55.23  ? 2215 HOH A O    1 
HETATM 1132 O O    . HOH E 5 .   ? -13.745 -6.127  11.176  1.00 58.05  ? 2216 HOH A O    1 
HETATM 1133 O O    . HOH E 5 .   ? 13.840  3.778   -4.231  1.00 54.05  ? 2217 HOH A O    1 
HETATM 1134 O O    . HOH E 5 .   ? 13.215  5.988   8.488   1.00 61.49  ? 2218 HOH A O    1 
HETATM 1135 O O    . HOH E 5 .   ? 5.956   -11.968 -5.117  1.00 44.78  ? 2219 HOH A O    1 
HETATM 1136 O O    . HOH E 5 .   ? -9.611  -13.253 15.968  1.00 35.94  ? 2220 HOH A O    1 
HETATM 1137 O O    . HOH E 5 .   ? 1.917   11.419  -0.079  1.00 57.62  ? 2221 HOH A O    1 
HETATM 1138 O O    . HOH E 5 .   ? 0.507   -14.156 5.201   1.00 39.17  ? 2222 HOH A O    1 
HETATM 1139 O O    . HOH E 5 .   ? 7.247   2.755   15.379  1.00 64.07  ? 2223 HOH A O    1 
HETATM 1140 O O    . HOH E 5 .   ? -0.778  1.751   13.655  1.00 47.32  ? 2224 HOH A O    1 
HETATM 1141 O O    . HOH E 5 .   ? 3.877   -8.061  -11.086 1.00 55.73  ? 2225 HOH A O    1 
HETATM 1142 O O    . HOH E 5 .   ? 2.533   -9.847  -9.470  1.00 53.63  ? 2226 HOH A O    1 
HETATM 1143 O O    . HOH E 5 .   ? 1.453   -13.395 7.422   1.00 40.32  ? 2227 HOH A O    1 
HETATM 1144 O O    . HOH E 5 .   ? -11.837 -20.128 13.476  1.00 63.01  ? 2228 HOH A O    1 
HETATM 1145 O O    . HOH E 5 .   ? -14.121 1.835   -6.107  1.00 58.03  ? 2229 HOH A O    1 
HETATM 1146 O O    . HOH E 5 .   ? -0.724  -16.307 5.132   1.00 43.99  ? 2230 HOH A O    1 
HETATM 1147 O O    C HOH E 5 .   ? 3.261   -14.341 14.910  0.24 42.33  ? 2231 HOH A O    1 
HETATM 1148 O O    . HOH E 5 .   ? 9.244   -12.620 -0.009  1.00 40.30  ? 2232 HOH A O    1 
HETATM 1149 O O    . HOH E 5 .   ? -2.947  4.876   11.719  1.00 55.76  ? 2233 HOH A O    1 
HETATM 1150 O O    . HOH E 5 .   ? 1.410   6.814   7.063   1.00 47.02  ? 2234 HOH A O    1 
HETATM 1151 O O    . HOH E 5 .   ? 12.506  -3.975  -7.857  1.00 60.61  ? 2235 HOH A O    1 
HETATM 1152 O O    . HOH E 5 .   ? 10.830  9.295   2.017   1.00 56.02  ? 2236 HOH A O    1 
HETATM 1153 O O    . HOH E 5 .   ? 11.101  -12.331 -3.264  1.00 53.07  ? 2237 HOH A O    1 
HETATM 1154 O O    . HOH E 5 .   ? -8.350  22.873  -2.025  1.00 58.55  ? 2238 HOH A O    1 
HETATM 1155 O O    . HOH E 5 .   ? 9.424   -12.157 18.296  1.00 50.95  ? 2239 HOH A O    1 
HETATM 1156 O O    . HOH E 5 .   ? 4.264   -15.976 5.677   1.00 60.74  ? 2240 HOH A O    1 
HETATM 1157 O O    . HOH E 5 .   ? -6.419  -22.409 15.007  1.00 63.03  ? 2241 HOH A O    1 
HETATM 1158 O O    . HOH E 5 .   ? 18.914  7.526   -1.141  1.00 50.36  ? 2242 HOH A O    1 
HETATM 1159 O O    . HOH E 5 .   ? 16.628  3.464   -3.944  1.00 54.76  ? 2243 HOH A O    1 
HETATM 1160 O O    . HOH E 5 .   ? 3.582   10.168  4.452   1.00 51.79  ? 2244 HOH A O    1 
HETATM 1161 O O    . HOH E 5 .   ? -11.508 -22.158 14.019  1.00 76.23  ? 2245 HOH A O    1 
HETATM 1162 O O    . HOH E 5 .   ? -6.990  3.401   5.207   1.00 41.71  ? 2246 HOH A O    1 
HETATM 1163 O O    . HOH E 5 .   ? 3.486   7.109   9.532   1.00 59.36  ? 2247 HOH A O    1 
HETATM 1164 O O    . HOH E 5 .   ? -9.506  -7.914  -3.967  1.00 47.78  ? 2248 HOH A O    1 
HETATM 1165 O O    . HOH E 5 .   ? 15.432  -4.403  -2.958  1.00 46.87  ? 2249 HOH A O    1 
HETATM 1166 O O    . HOH E 5 .   ? 3.074   -15.673 1.608   1.00 43.85  ? 2250 HOH A O    1 
HETATM 1167 O O    . HOH E 5 .   ? -8.192  -9.461  2.798   1.00 28.69  ? 2251 HOH A O    1 
HETATM 1168 O O    . HOH E 5 .   ? -5.431  11.634  -9.303  1.00 49.30  ? 2252 HOH A O    1 
HETATM 1169 O O    . HOH E 5 .   ? -3.622  24.633  -3.224  1.00 50.10  ? 2253 HOH A O    1 
HETATM 1170 O O    . HOH E 5 .   ? 7.484   10.494  3.141   1.00 51.92  ? 2254 HOH A O    1 
HETATM 1171 O O    . HOH E 5 .   ? 0.581   9.442   5.742   1.00 50.62  ? 2255 HOH A O    1 
HETATM 1172 O O    . HOH E 5 .   ? -10.217 -2.001  3.398   1.00 55.16  ? 2256 HOH A O    1 
HETATM 1173 O O    . HOH E 5 .   ? 4.690   11.919  0.299   1.00 55.03  ? 2257 HOH A O    1 
HETATM 1174 O O    . HOH E 5 .   ? 3.479   13.551  -3.077  1.00 78.47  ? 2258 HOH A O    1 
HETATM 1175 O O    . HOH E 5 .   ? 3.144   -11.494 -7.449  1.00 57.49  ? 2259 HOH A O    1 
HETATM 1176 O O    . HOH E 5 .   ? 6.798   9.450   5.150   1.00 61.35  ? 2260 HOH A O    1 
HETATM 1177 O O    . HOH E 5 .   ? 16.938  10.765  -1.606  1.00 77.69  ? 2261 HOH A O    1 
HETATM 1178 O O    . HOH E 5 .   ? 7.875   -3.246  -13.339 1.00 62.83  ? 2262 HOH A O    1 
HETATM 1179 O O    . HOH E 5 .   ? 11.192  -12.209 -6.337  1.00 58.11  ? 2263 HOH A O    1 
HETATM 1180 O O    . HOH E 5 .   ? -1.964  -19.176 8.544   1.00 49.67  ? 2264 HOH A O    1 
HETATM 1181 O O    . HOH E 5 .   ? -2.284  -18.183 3.279   1.00 59.83  ? 2265 HOH A O    1 
HETATM 1182 O O    . HOH E 5 .   ? -6.841  -16.653 3.868   1.00 50.95  ? 2266 HOH A O    1 
HETATM 1183 O O    . HOH E 5 .   ? 13.317  -1.723  12.270  1.00 50.22  ? 2267 HOH A O    1 
HETATM 1184 O O    . HOH E 5 .   ? -1.375  0.816   -17.779 1.00 64.63  ? 2268 HOH A O    1 
HETATM 1185 O O    . HOH E 5 .   ? -2.700  6.240   5.786   1.00 38.46  ? 2269 HOH A O    1 
HETATM 1186 O O    . HOH E 5 .   ? -2.655  -2.539  -13.970 1.00 52.40  ? 2270 HOH A O    1 
HETATM 1187 O O    . HOH E 5 .   ? 2.402   -13.023 -4.480  1.00 61.30  ? 2271 HOH A O    1 
HETATM 1188 O O    . HOH E 5 .   ? -8.962  -12.203 0.156   1.00 57.15  ? 2272 HOH A O    1 
HETATM 1189 O O    . HOH E 5 .   ? 5.916   7.303   7.057   1.00 49.38  ? 2273 HOH A O    1 
HETATM 1190 O O    . HOH E 5 .   ? -7.923  0.406   9.629   1.00 34.96  ? 2274 HOH A O    1 
HETATM 1191 O O    . HOH E 5 .   ? -11.385 -7.708  4.283   1.00 43.82  ? 2275 HOH A O    1 
HETATM 1192 O O    . HOH E 5 .   ? -0.656  -11.219 -7.017  1.00 40.54  ? 2276 HOH A O    1 
HETATM 1193 O O    . HOH E 5 .   ? -2.639  2.999   13.210  1.00 56.96  ? 2277 HOH A O    1 
HETATM 1194 O O    . HOH E 5 .   ? 4.200   -15.765 9.547   1.00 52.55  ? 2278 HOH A O    1 
HETATM 1195 O O    . HOH E 5 .   ? -9.508  -13.359 4.343   1.00 35.38  ? 2279 HOH A O    1 
HETATM 1196 O O    . HOH E 5 .   ? -5.537  1.799   10.168  1.00 44.90  ? 2280 HOH A O    1 
HETATM 1197 O O    . HOH E 5 .   ? -12.243 -8.903  8.531   1.00 36.99  ? 2281 HOH A O    1 
HETATM 1198 O O    . HOH E 5 .   ? 3.432   -14.416 8.019   1.00 50.66  ? 2282 HOH A O    1 
HETATM 1199 O O    C HOH E 5 .   ? -5.438  28.910  -13.931 0.24 42.88  ? 2283 HOH A O    1 
HETATM 1200 O O    . HOH E 5 .   ? -8.895  -10.968 5.068   1.00 29.38  ? 2284 HOH A O    1 
HETATM 1201 O O    . HOH E 5 .   ? 17.153  11.484  -3.621  1.00 70.15  ? 2285 HOH A O    1 
HETATM 1202 O O    . HOH E 5 .   ? -0.782  -13.907 -5.327  1.00 47.51  ? 2286 HOH A O    1 
HETATM 1203 O O    B HOH E 5 .   ? 7.333   -10.374 19.746  0.72 35.91  ? 2287 HOH A O    1 
HETATM 1204 O O    . HOH E 5 .   ? 16.494  11.331  6.442   1.00 69.96  ? 2288 HOH A O    1 
HETATM 1205 O O    . HOH E 5 .   ? -12.000 4.587   -2.867  1.00 55.64  ? 2289 HOH A O    1 
HETATM 1206 O O    . HOH E 5 .   ? -9.596  4.922   8.717   1.00 75.92  ? 2290 HOH A O    1 
HETATM 1207 O O    . HOH E 5 .   ? 2.739   -15.181 -2.982  1.00 56.44  ? 2291 HOH A O    1 
HETATM 1208 O O    . HOH E 5 .   ? -10.821 -6.663  -2.142  1.00 47.20  ? 2292 HOH A O    1 
HETATM 1209 O O    . HOH E 5 .   ? 0.142   -11.540 -9.460  1.00 60.10  ? 2293 HOH A O    1 
HETATM 1210 O O    . HOH E 5 .   ? -10.548 -5.849  0.680   1.00 42.61  ? 2294 HOH A O    1 
HETATM 1211 O O    . HOH E 5 .   ? -9.937  5.169   0.177   1.00 61.09  ? 2295 HOH A O    1 
HETATM 1212 O O    C HOH E 5 .   ? 6.463   -13.398 15.308  0.24 42.74  ? 2296 HOH A O    1 
HETATM 1213 O O    . HOH E 5 .   ? 0.260   -15.480 9.201   1.00 45.39  ? 2297 HOH A O    1 
HETATM 1214 O O    . HOH E 5 .   ? -11.079 -9.707  5.865   1.00 33.73  ? 2298 HOH A O    1 
HETATM 1215 O O    . HOH E 5 .   ? 9.156   -8.752  -11.333 1.00 59.14  ? 2299 HOH A O    1 
HETATM 1216 O O    . HOH E 5 .   ? 3.484   -16.109 -1.153  1.00 51.58  ? 2300 HOH A O    1 
HETATM 1217 O O    . HOH E 5 .   ? -8.881  -14.363 2.046   1.00 49.90  ? 2301 HOH A O    1 
HETATM 1218 O O    C HOH E 5 .   ? 1.504   -16.732 10.509  0.87 54.32  ? 2302 HOH A O    1 
HETATM 1219 O O    . HOH E 5 .   ? -3.649  -14.727 -8.389  1.00 75.23  ? 2303 HOH A O    1 
HETATM 1220 O O    . HOH E 5 .   ? 10.636  -5.724  -12.771 1.00 88.76  ? 2304 HOH A O    1 
HETATM 1221 O O    . HOH E 5 .   ? 1.744   -17.996 2.901   1.00 63.20  ? 2305 HOH A O    1 
HETATM 1222 O O    . HOH E 5 .   ? 0.619   -16.812 -4.965  1.00 75.19  ? 2306 HOH A O    1 
HETATM 1223 O O    . HOH E 5 .   ? -1.292  -18.063 -3.761  1.00 64.49  ? 2307 HOH A O    1 
HETATM 1224 O O    . HOH E 5 .   ? 2.027   -18.801 -2.002  1.00 63.64  ? 2308 HOH A O    1 
# 
